data_5J4F
# 
_entry.id   5J4F 
# 
_audit_conform.dict_name       mmcif_pdbx.dic 
_audit_conform.dict_version    5.380 
_audit_conform.dict_location   http://mmcif.pdb.org/dictionaries/ascii/mmcif_pdbx.dic 
# 
loop_
_database_2.database_id 
_database_2.database_code 
_database_2.pdbx_database_accession 
_database_2.pdbx_DOI 
PDB   5J4F         pdb_00005j4f 10.2210/pdb5j4f/pdb 
WWPDB D_1000219886 ?            ?                   
# 
_pdbx_database_status.status_code                     REL 
_pdbx_database_status.status_code_sf                  REL 
_pdbx_database_status.status_code_mr                  ? 
_pdbx_database_status.entry_id                        5J4F 
_pdbx_database_status.recvd_initial_deposition_date   2016-04-01 
_pdbx_database_status.SG_entry                        Y 
_pdbx_database_status.deposit_site                    RCSB 
_pdbx_database_status.process_site                    PDBJ 
_pdbx_database_status.status_code_cs                  ? 
_pdbx_database_status.methods_development_category    ? 
_pdbx_database_status.pdb_format_compatible           Y 
_pdbx_database_status.status_code_nmr_data            ? 
# 
loop_
_audit_author.name 
_audit_author.pdbx_ordinal 
'Sim, D.-W.' 1 
'Lee, W.-C.' 2 
'Kim, H.Y.'  3 
'Kim, J.-H.' 4 
'Won, H.-S.' 5 
# 
_citation.abstract                  ? 
_citation.abstract_id_CAS           ? 
_citation.book_id_ISBN              ? 
_citation.book_publisher            ? 
_citation.book_publisher_city       ? 
_citation.book_title                ? 
_citation.coordinate_linkage        ? 
_citation.country                   NE 
_citation.database_id_Medline       ? 
_citation.details                   ? 
_citation.id                        primary 
_citation.journal_abbrev            'FEBS Lett.' 
_citation.journal_id_ASTM           FEBLAL 
_citation.journal_id_CSD            0165 
_citation.journal_id_ISSN           1873-3468 
_citation.journal_full              ? 
_citation.journal_issue             ? 
_citation.journal_volume            590 
_citation.language                  ? 
_citation.page_first                2997 
_citation.page_last                 3004 
_citation.title                     
'Structural identification of the lipopolysaccharide-binding capability of a cupin-family protein from Helicobacter pylori' 
_citation.year                      2016 
_citation.database_id_CSD           ? 
_citation.pdbx_database_id_DOI      10.1002/1873-3468.12332 
_citation.pdbx_database_id_PubMed   27466800 
_citation.unpublished_flag          ? 
# 
loop_
_citation_author.citation_id 
_citation_author.name 
_citation_author.ordinal 
_citation_author.identifier_ORCID 
primary 'Sim, D.W.'  1 ? 
primary 'Kim, J.H.'  2 ? 
primary 'Kim, H.Y.'  3 ? 
primary 'Jang, J.H.' 4 ? 
primary 'Lee, W.C.'  5 ? 
primary 'Kim, E.H.'  6 ? 
primary 'Park, P.J.' 7 ? 
primary 'Lee, K.H.'  8 ? 
primary 'Won, H.S.'  9 ? 
# 
_cell.angle_alpha                  90.00 
_cell.angle_alpha_esd              ? 
_cell.angle_beta                   112.22 
_cell.angle_beta_esd               ? 
_cell.angle_gamma                  90.00 
_cell.angle_gamma_esd              ? 
_cell.entry_id                     5J4F 
_cell.details                      ? 
_cell.formula_units_Z              ? 
_cell.length_a                     33.512 
_cell.length_a_esd                 ? 
_cell.length_b                     78.643 
_cell.length_b_esd                 ? 
_cell.length_c                     41.404 
_cell.length_c_esd                 ? 
_cell.volume                       ? 
_cell.volume_esd                   ? 
_cell.Z_PDB                        4 
_cell.reciprocal_angle_alpha       ? 
_cell.reciprocal_angle_beta        ? 
_cell.reciprocal_angle_gamma       ? 
_cell.reciprocal_angle_alpha_esd   ? 
_cell.reciprocal_angle_beta_esd    ? 
_cell.reciprocal_angle_gamma_esd   ? 
_cell.reciprocal_length_a          ? 
_cell.reciprocal_length_b          ? 
_cell.reciprocal_length_c          ? 
_cell.reciprocal_length_a_esd      ? 
_cell.reciprocal_length_b_esd      ? 
_cell.reciprocal_length_c_esd      ? 
_cell.pdbx_unique_axis             ? 
# 
_symmetry.entry_id                         5J4F 
_symmetry.cell_setting                     ? 
_symmetry.Int_Tables_number                4 
_symmetry.space_group_name_Hall            ? 
_symmetry.space_group_name_H-M             'P 1 21 1' 
_symmetry.pdbx_full_space_group_name_H-M   ? 
# 
loop_
_entity.id 
_entity.type 
_entity.src_method 
_entity.pdbx_description 
_entity.formula_weight 
_entity.pdbx_number_of_molecules 
_entity.pdbx_ec 
_entity.pdbx_mutation 
_entity.pdbx_fragment 
_entity.details 
1 polymer man 'Uncharacterized protein' 13219.380 2   ? ? ? ? 
2 water   nat water                     18.015    176 ? ? ? ? 
# 
_entity_poly.entity_id                      1 
_entity_poly.type                           'polypeptide(L)' 
_entity_poly.nstd_linkage                   no 
_entity_poly.nstd_monomer                   no 
_entity_poly.pdbx_seq_one_letter_code       
;MGSSHHHHHHSSGLVPRGSHMEVVHFLEGVCFEKLHIEVLNENSSHKEIRICMPKGAVMDKHKAPGAISVQVLEGKIVFE
VGDEKIEMPKGALISLEAQVLHRLDALENSVIRLSLSKK
;
_entity_poly.pdbx_seq_one_letter_code_can   
;MGSSHHHHHHSSGLVPRGSHMEVVHFLEGVCFEKLHIEVLNENSSHKEIRICMPKGAVMDKHKAPGAISVQVLEGKIVFE
VGDEKIEMPKGALISLEAQVLHRLDALENSVIRLSLSKK
;
_entity_poly.pdbx_strand_id                 A,B 
_entity_poly.pdbx_target_identifier         ? 
# 
loop_
_entity_poly_seq.entity_id 
_entity_poly_seq.num 
_entity_poly_seq.mon_id 
_entity_poly_seq.hetero 
1 1   MET n 
1 2   GLY n 
1 3   SER n 
1 4   SER n 
1 5   HIS n 
1 6   HIS n 
1 7   HIS n 
1 8   HIS n 
1 9   HIS n 
1 10  HIS n 
1 11  SER n 
1 12  SER n 
1 13  GLY n 
1 14  LEU n 
1 15  VAL n 
1 16  PRO n 
1 17  ARG n 
1 18  GLY n 
1 19  SER n 
1 20  HIS n 
1 21  MET n 
1 22  GLU n 
1 23  VAL n 
1 24  VAL n 
1 25  HIS n 
1 26  PHE n 
1 27  LEU n 
1 28  GLU n 
1 29  GLY n 
1 30  VAL n 
1 31  CYS n 
1 32  PHE n 
1 33  GLU n 
1 34  LYS n 
1 35  LEU n 
1 36  HIS n 
1 37  ILE n 
1 38  GLU n 
1 39  VAL n 
1 40  LEU n 
1 41  ASN n 
1 42  GLU n 
1 43  ASN n 
1 44  SER n 
1 45  SER n 
1 46  HIS n 
1 47  LYS n 
1 48  GLU n 
1 49  ILE n 
1 50  ARG n 
1 51  ILE n 
1 52  CYS n 
1 53  MET n 
1 54  PRO n 
1 55  LYS n 
1 56  GLY n 
1 57  ALA n 
1 58  VAL n 
1 59  MET n 
1 60  ASP n 
1 61  LYS n 
1 62  HIS n 
1 63  LYS n 
1 64  ALA n 
1 65  PRO n 
1 66  GLY n 
1 67  ALA n 
1 68  ILE n 
1 69  SER n 
1 70  VAL n 
1 71  GLN n 
1 72  VAL n 
1 73  LEU n 
1 74  GLU n 
1 75  GLY n 
1 76  LYS n 
1 77  ILE n 
1 78  VAL n 
1 79  PHE n 
1 80  GLU n 
1 81  VAL n 
1 82  GLY n 
1 83  ASP n 
1 84  GLU n 
1 85  LYS n 
1 86  ILE n 
1 87  GLU n 
1 88  MET n 
1 89  PRO n 
1 90  LYS n 
1 91  GLY n 
1 92  ALA n 
1 93  LEU n 
1 94  ILE n 
1 95  SER n 
1 96  LEU n 
1 97  GLU n 
1 98  ALA n 
1 99  GLN n 
1 100 VAL n 
1 101 LEU n 
1 102 HIS n 
1 103 ARG n 
1 104 LEU n 
1 105 ASP n 
1 106 ALA n 
1 107 LEU n 
1 108 GLU n 
1 109 ASN n 
1 110 SER n 
1 111 VAL n 
1 112 ILE n 
1 113 ARG n 
1 114 LEU n 
1 115 SER n 
1 116 LEU n 
1 117 SER n 
1 118 LYS n 
1 119 LYS n 
# 
_entity_src_gen.entity_id                          1 
_entity_src_gen.pdbx_src_id                        1 
_entity_src_gen.pdbx_alt_source_flag               sample 
_entity_src_gen.pdbx_seq_type                      'Biological sequence' 
_entity_src_gen.pdbx_beg_seq_num                   1 
_entity_src_gen.pdbx_end_seq_num                   119 
_entity_src_gen.gene_src_common_name               ? 
_entity_src_gen.gene_src_genus                     ? 
_entity_src_gen.pdbx_gene_src_gene                 HP_0902 
_entity_src_gen.gene_src_species                   ? 
_entity_src_gen.gene_src_strain                    'ATCC 700392 / 26695' 
_entity_src_gen.gene_src_tissue                    ? 
_entity_src_gen.gene_src_tissue_fraction           ? 
_entity_src_gen.gene_src_details                   ? 
_entity_src_gen.pdbx_gene_src_fragment             ? 
_entity_src_gen.pdbx_gene_src_scientific_name      'Helicobacter pylori (strain ATCC 700392 / 26695)' 
_entity_src_gen.pdbx_gene_src_ncbi_taxonomy_id     85962 
_entity_src_gen.pdbx_gene_src_variant              ? 
_entity_src_gen.pdbx_gene_src_cell_line            ? 
_entity_src_gen.pdbx_gene_src_atcc                 ? 
_entity_src_gen.pdbx_gene_src_organ                ? 
_entity_src_gen.pdbx_gene_src_organelle            ? 
_entity_src_gen.pdbx_gene_src_cell                 ? 
_entity_src_gen.pdbx_gene_src_cellular_location    ? 
_entity_src_gen.host_org_common_name               ? 
_entity_src_gen.pdbx_host_org_scientific_name      'Escherichia coli' 
_entity_src_gen.pdbx_host_org_ncbi_taxonomy_id     562 
_entity_src_gen.host_org_genus                     ? 
_entity_src_gen.pdbx_host_org_gene                 ? 
_entity_src_gen.pdbx_host_org_organ                ? 
_entity_src_gen.host_org_species                   ? 
_entity_src_gen.pdbx_host_org_tissue               ? 
_entity_src_gen.pdbx_host_org_tissue_fraction      ? 
_entity_src_gen.pdbx_host_org_strain               ? 
_entity_src_gen.pdbx_host_org_variant              ? 
_entity_src_gen.pdbx_host_org_cell_line            ? 
_entity_src_gen.pdbx_host_org_atcc                 ? 
_entity_src_gen.pdbx_host_org_culture_collection   ? 
_entity_src_gen.pdbx_host_org_cell                 ? 
_entity_src_gen.pdbx_host_org_organelle            ? 
_entity_src_gen.pdbx_host_org_cellular_location    ? 
_entity_src_gen.pdbx_host_org_vector_type          ? 
_entity_src_gen.pdbx_host_org_vector               ? 
_entity_src_gen.host_org_details                   ? 
_entity_src_gen.expression_system_id               ? 
_entity_src_gen.plasmid_name                       ? 
_entity_src_gen.plasmid_details                    ? 
_entity_src_gen.pdbx_description                   ? 
# 
_struct_ref.id                         1 
_struct_ref.db_name                    UNP 
_struct_ref.db_code                    O25562_HELPY 
_struct_ref.pdbx_db_accession          O25562 
_struct_ref.pdbx_db_isoform            ? 
_struct_ref.entity_id                  1 
_struct_ref.pdbx_seq_one_letter_code   
;MEVVHFLEGVCFEKLHIEVLNENSSHKEIRICMPKGAVMDKHKAPGAISVQVLEGKIVFEVGDEKIEMPKGALISLEAQV
LHRLDALENSVIRLSLSKK
;
_struct_ref.pdbx_align_begin           1 
# 
loop_
_struct_ref_seq.align_id 
_struct_ref_seq.ref_id 
_struct_ref_seq.pdbx_PDB_id_code 
_struct_ref_seq.pdbx_strand_id 
_struct_ref_seq.seq_align_beg 
_struct_ref_seq.pdbx_seq_align_beg_ins_code 
_struct_ref_seq.seq_align_end 
_struct_ref_seq.pdbx_seq_align_end_ins_code 
_struct_ref_seq.pdbx_db_accession 
_struct_ref_seq.db_align_beg 
_struct_ref_seq.pdbx_db_align_beg_ins_code 
_struct_ref_seq.db_align_end 
_struct_ref_seq.pdbx_db_align_end_ins_code 
_struct_ref_seq.pdbx_auth_seq_align_beg 
_struct_ref_seq.pdbx_auth_seq_align_end 
1 1 5J4F A 21 ? 119 ? O25562 1 ? 99 ? 1 99 
2 1 5J4F B 21 ? 119 ? O25562 1 ? 99 ? 1 99 
# 
loop_
_struct_ref_seq_dif.align_id 
_struct_ref_seq_dif.pdbx_pdb_id_code 
_struct_ref_seq_dif.mon_id 
_struct_ref_seq_dif.pdbx_pdb_strand_id 
_struct_ref_seq_dif.seq_num 
_struct_ref_seq_dif.pdbx_pdb_ins_code 
_struct_ref_seq_dif.pdbx_seq_db_name 
_struct_ref_seq_dif.pdbx_seq_db_accession_code 
_struct_ref_seq_dif.db_mon_id 
_struct_ref_seq_dif.pdbx_seq_db_seq_num 
_struct_ref_seq_dif.details 
_struct_ref_seq_dif.pdbx_auth_seq_num 
_struct_ref_seq_dif.pdbx_ordinal 
1 5J4F MET A 1  ? UNP O25562 ? ? 'initiating methionine' -19 1  
1 5J4F GLY A 2  ? UNP O25562 ? ? 'expression tag'        -18 2  
1 5J4F SER A 3  ? UNP O25562 ? ? 'expression tag'        -17 3  
1 5J4F SER A 4  ? UNP O25562 ? ? 'expression tag'        -16 4  
1 5J4F HIS A 5  ? UNP O25562 ? ? 'expression tag'        -15 5  
1 5J4F HIS A 6  ? UNP O25562 ? ? 'expression tag'        -14 6  
1 5J4F HIS A 7  ? UNP O25562 ? ? 'expression tag'        -13 7  
1 5J4F HIS A 8  ? UNP O25562 ? ? 'expression tag'        -12 8  
1 5J4F HIS A 9  ? UNP O25562 ? ? 'expression tag'        -11 9  
1 5J4F HIS A 10 ? UNP O25562 ? ? 'expression tag'        -10 10 
1 5J4F SER A 11 ? UNP O25562 ? ? 'expression tag'        -9  11 
1 5J4F SER A 12 ? UNP O25562 ? ? 'expression tag'        -8  12 
1 5J4F GLY A 13 ? UNP O25562 ? ? 'expression tag'        -7  13 
1 5J4F LEU A 14 ? UNP O25562 ? ? 'expression tag'        -6  14 
1 5J4F VAL A 15 ? UNP O25562 ? ? 'expression tag'        -5  15 
1 5J4F PRO A 16 ? UNP O25562 ? ? 'expression tag'        -4  16 
1 5J4F ARG A 17 ? UNP O25562 ? ? 'expression tag'        -3  17 
1 5J4F GLY A 18 ? UNP O25562 ? ? 'expression tag'        -2  18 
1 5J4F SER A 19 ? UNP O25562 ? ? 'expression tag'        -1  19 
1 5J4F HIS A 20 ? UNP O25562 ? ? 'expression tag'        0   20 
2 5J4F MET B 1  ? UNP O25562 ? ? 'initiating methionine' -19 21 
2 5J4F GLY B 2  ? UNP O25562 ? ? 'expression tag'        -18 22 
2 5J4F SER B 3  ? UNP O25562 ? ? 'expression tag'        -17 23 
2 5J4F SER B 4  ? UNP O25562 ? ? 'expression tag'        -16 24 
2 5J4F HIS B 5  ? UNP O25562 ? ? 'expression tag'        -15 25 
2 5J4F HIS B 6  ? UNP O25562 ? ? 'expression tag'        -14 26 
2 5J4F HIS B 7  ? UNP O25562 ? ? 'expression tag'        -13 27 
2 5J4F HIS B 8  ? UNP O25562 ? ? 'expression tag'        -12 28 
2 5J4F HIS B 9  ? UNP O25562 ? ? 'expression tag'        -11 29 
2 5J4F HIS B 10 ? UNP O25562 ? ? 'expression tag'        -10 30 
2 5J4F SER B 11 ? UNP O25562 ? ? 'expression tag'        -9  31 
2 5J4F SER B 12 ? UNP O25562 ? ? 'expression tag'        -8  32 
2 5J4F GLY B 13 ? UNP O25562 ? ? 'expression tag'        -7  33 
2 5J4F LEU B 14 ? UNP O25562 ? ? 'expression tag'        -6  34 
2 5J4F VAL B 15 ? UNP O25562 ? ? 'expression tag'        -5  35 
2 5J4F PRO B 16 ? UNP O25562 ? ? 'expression tag'        -4  36 
2 5J4F ARG B 17 ? UNP O25562 ? ? 'expression tag'        -3  37 
2 5J4F GLY B 18 ? UNP O25562 ? ? 'expression tag'        -2  38 
2 5J4F SER B 19 ? UNP O25562 ? ? 'expression tag'        -1  39 
2 5J4F HIS B 20 ? UNP O25562 ? ? 'expression tag'        0   40 
# 
loop_
_chem_comp.id 
_chem_comp.type 
_chem_comp.mon_nstd_flag 
_chem_comp.name 
_chem_comp.pdbx_synonyms 
_chem_comp.formula 
_chem_comp.formula_weight 
ALA 'L-peptide linking' y ALANINE         ? 'C3 H7 N O2'     89.093  
ARG 'L-peptide linking' y ARGININE        ? 'C6 H15 N4 O2 1' 175.209 
ASN 'L-peptide linking' y ASPARAGINE      ? 'C4 H8 N2 O3'    132.118 
ASP 'L-peptide linking' y 'ASPARTIC ACID' ? 'C4 H7 N O4'     133.103 
CYS 'L-peptide linking' y CYSTEINE        ? 'C3 H7 N O2 S'   121.158 
GLN 'L-peptide linking' y GLUTAMINE       ? 'C5 H10 N2 O3'   146.144 
GLU 'L-peptide linking' y 'GLUTAMIC ACID' ? 'C5 H9 N O4'     147.129 
GLY 'peptide linking'   y GLYCINE         ? 'C2 H5 N O2'     75.067  
HIS 'L-peptide linking' y HISTIDINE       ? 'C6 H10 N3 O2 1' 156.162 
HOH non-polymer         . WATER           ? 'H2 O'           18.015  
ILE 'L-peptide linking' y ISOLEUCINE      ? 'C6 H13 N O2'    131.173 
LEU 'L-peptide linking' y LEUCINE         ? 'C6 H13 N O2'    131.173 
LYS 'L-peptide linking' y LYSINE          ? 'C6 H15 N2 O2 1' 147.195 
MET 'L-peptide linking' y METHIONINE      ? 'C5 H11 N O2 S'  149.211 
PHE 'L-peptide linking' y PHENYLALANINE   ? 'C9 H11 N O2'    165.189 
PRO 'L-peptide linking' y PROLINE         ? 'C5 H9 N O2'     115.130 
SER 'L-peptide linking' y SERINE          ? 'C3 H7 N O3'     105.093 
VAL 'L-peptide linking' y VALINE          ? 'C5 H11 N O2'    117.146 
# 
_exptl.absorpt_coefficient_mu     ? 
_exptl.absorpt_correction_T_max   ? 
_exptl.absorpt_correction_T_min   ? 
_exptl.absorpt_correction_type    ? 
_exptl.absorpt_process_details    ? 
_exptl.entry_id                   5J4F 
_exptl.crystals_number            1 
_exptl.details                    ? 
_exptl.method                     'X-RAY DIFFRACTION' 
_exptl.method_details             ? 
# 
_exptl_crystal.colour                      ? 
_exptl_crystal.density_diffrn              ? 
_exptl_crystal.density_Matthews            1.91 
_exptl_crystal.density_method              ? 
_exptl_crystal.density_percent_sol         35.61 
_exptl_crystal.description                 'short needle' 
_exptl_crystal.F_000                       ? 
_exptl_crystal.id                          1 
_exptl_crystal.preparation                 ? 
_exptl_crystal.size_max                    ? 
_exptl_crystal.size_mid                    ? 
_exptl_crystal.size_min                    ? 
_exptl_crystal.size_rad                    ? 
_exptl_crystal.colour_lustre               ? 
_exptl_crystal.colour_modifier             ? 
_exptl_crystal.colour_primary              ? 
_exptl_crystal.density_meas                ? 
_exptl_crystal.density_meas_esd            ? 
_exptl_crystal.density_meas_gt             ? 
_exptl_crystal.density_meas_lt             ? 
_exptl_crystal.density_meas_temp           ? 
_exptl_crystal.density_meas_temp_esd       ? 
_exptl_crystal.density_meas_temp_gt        ? 
_exptl_crystal.density_meas_temp_lt        ? 
_exptl_crystal.pdbx_crystal_image_url      ? 
_exptl_crystal.pdbx_crystal_image_format   ? 
_exptl_crystal.pdbx_mosaicity              ? 
_exptl_crystal.pdbx_mosaicity_esd          ? 
# 
_exptl_crystal_grow.apparatus       ? 
_exptl_crystal_grow.atmosphere      ? 
_exptl_crystal_grow.crystal_id      1 
_exptl_crystal_grow.details         ? 
_exptl_crystal_grow.method          'VAPOR DIFFUSION, SITTING DROP' 
_exptl_crystal_grow.method_ref      ? 
_exptl_crystal_grow.pH              8.0 
_exptl_crystal_grow.pressure        ? 
_exptl_crystal_grow.pressure_esd    ? 
_exptl_crystal_grow.seeding         ? 
_exptl_crystal_grow.seeding_ref     ? 
_exptl_crystal_grow.temp            293 
_exptl_crystal_grow.temp_details    ? 
_exptl_crystal_grow.temp_esd        ? 
_exptl_crystal_grow.time            ? 
_exptl_crystal_grow.pdbx_details    'PEG 3350, sodium chloride, Tris-HCl' 
_exptl_crystal_grow.pdbx_pH_range   ? 
# 
_diffrn.ambient_environment    ? 
_diffrn.ambient_temp           100 
_diffrn.ambient_temp_details   ? 
_diffrn.ambient_temp_esd       ? 
_diffrn.crystal_id             1 
_diffrn.crystal_support        ? 
_diffrn.crystal_treatment      ? 
_diffrn.details                ? 
_diffrn.id                     1 
_diffrn.ambient_pressure       ? 
_diffrn.ambient_pressure_esd   ? 
_diffrn.ambient_pressure_gt    ? 
_diffrn.ambient_pressure_lt    ? 
_diffrn.ambient_temp_gt        ? 
_diffrn.ambient_temp_lt        ? 
# 
_diffrn_detector.details                      ? 
_diffrn_detector.detector                     CCD 
_diffrn_detector.diffrn_id                    1 
_diffrn_detector.type                         'ADSC QUANTUM 270' 
_diffrn_detector.area_resol_mean              ? 
_diffrn_detector.dtime                        ? 
_diffrn_detector.pdbx_frames_total            ? 
_diffrn_detector.pdbx_collection_time_total   ? 
_diffrn_detector.pdbx_collection_date         2010-12-12 
# 
_diffrn_radiation.collimation                      ? 
_diffrn_radiation.diffrn_id                        1 
_diffrn_radiation.filter_edge                      ? 
_diffrn_radiation.inhomogeneity                    ? 
_diffrn_radiation.monochromator                    'Numerical link type Si(111) double crystal monochromator' 
_diffrn_radiation.polarisn_norm                    ? 
_diffrn_radiation.polarisn_ratio                   ? 
_diffrn_radiation.probe                            ? 
_diffrn_radiation.type                             ? 
_diffrn_radiation.xray_symbol                      ? 
_diffrn_radiation.wavelength_id                    1 
_diffrn_radiation.pdbx_monochromatic_or_laue_m_l   M 
_diffrn_radiation.pdbx_wavelength_list             ? 
_diffrn_radiation.pdbx_wavelength                  ? 
_diffrn_radiation.pdbx_diffrn_protocol             'SINGLE WAVELENGTH' 
_diffrn_radiation.pdbx_analyzer                    ? 
_diffrn_radiation.pdbx_scattering_type             x-ray 
# 
_diffrn_radiation_wavelength.id           1 
_diffrn_radiation_wavelength.wavelength   0.98 
_diffrn_radiation_wavelength.wt           1.0 
# 
_diffrn_source.current                     ? 
_diffrn_source.details                     ? 
_diffrn_source.diffrn_id                   1 
_diffrn_source.power                       ? 
_diffrn_source.size                        ? 
_diffrn_source.source                      SYNCHROTRON 
_diffrn_source.target                      ? 
_diffrn_source.type                        'PHOTON FACTORY BEAMLINE BL-17A' 
_diffrn_source.voltage                     ? 
_diffrn_source.take-off_angle              ? 
_diffrn_source.pdbx_wavelength_list        0.98 
_diffrn_source.pdbx_wavelength             ? 
_diffrn_source.pdbx_synchrotron_beamline   BL-17A 
_diffrn_source.pdbx_synchrotron_site       'Photon Factory' 
# 
_reflns.B_iso_Wilson_estimate            ? 
_reflns.entry_id                         5J4F 
_reflns.data_reduction_details           ? 
_reflns.data_reduction_method            ? 
_reflns.d_resolution_high                1.4 
_reflns.d_resolution_low                 71 
_reflns.details                          ? 
_reflns.limit_h_max                      ? 
_reflns.limit_h_min                      ? 
_reflns.limit_k_max                      ? 
_reflns.limit_k_min                      ? 
_reflns.limit_l_max                      ? 
_reflns.limit_l_min                      ? 
_reflns.number_all                       ? 
_reflns.number_obs                       38998 
_reflns.observed_criterion               ? 
_reflns.observed_criterion_F_max         ? 
_reflns.observed_criterion_F_min         ? 
_reflns.observed_criterion_I_max         ? 
_reflns.observed_criterion_I_min         ? 
_reflns.observed_criterion_sigma_F       ? 
_reflns.observed_criterion_sigma_I       ? 
_reflns.percent_possible_obs             99.8 
_reflns.R_free_details                   ? 
_reflns.Rmerge_F_all                     ? 
_reflns.Rmerge_F_obs                     ? 
_reflns.Friedel_coverage                 ? 
_reflns.number_gt                        ? 
_reflns.threshold_expression             ? 
_reflns.pdbx_redundancy                  6.4 
_reflns.pdbx_Rmerge_I_obs                0.054 
_reflns.pdbx_Rmerge_I_all                ? 
_reflns.pdbx_Rsym_value                  ? 
_reflns.pdbx_netI_over_av_sigmaI         ? 
_reflns.pdbx_netI_over_sigmaI            15.8 
_reflns.pdbx_res_netI_over_av_sigmaI_2   ? 
_reflns.pdbx_res_netI_over_sigmaI_2      ? 
_reflns.pdbx_chi_squared                 ? 
_reflns.pdbx_scaling_rejects             ? 
_reflns.pdbx_d_res_high_opt              ? 
_reflns.pdbx_d_res_low_opt               ? 
_reflns.pdbx_d_res_opt_method            ? 
_reflns.phase_calculation_details        ? 
_reflns.pdbx_Rrim_I_all                  ? 
_reflns.pdbx_Rpim_I_all                  ? 
_reflns.pdbx_d_opt                       ? 
_reflns.pdbx_number_measured_all         ? 
_reflns.pdbx_diffrn_id                   1 
_reflns.pdbx_ordinal                     1 
_reflns.pdbx_CC_half                     ? 
_reflns.pdbx_R_split                     ? 
# 
_reflns_shell.d_res_high                  . 
_reflns_shell.d_res_low                   ? 
_reflns_shell.meanI_over_sigI_all         ? 
_reflns_shell.meanI_over_sigI_obs         ? 
_reflns_shell.number_measured_all         ? 
_reflns_shell.number_measured_obs         ? 
_reflns_shell.number_possible             ? 
_reflns_shell.number_unique_all           ? 
_reflns_shell.number_unique_obs           ? 
_reflns_shell.percent_possible_all        ? 
_reflns_shell.percent_possible_obs        ? 
_reflns_shell.Rmerge_F_all                ? 
_reflns_shell.Rmerge_F_obs                ? 
_reflns_shell.Rmerge_I_all                ? 
_reflns_shell.Rmerge_I_obs                ? 
_reflns_shell.meanI_over_sigI_gt          ? 
_reflns_shell.meanI_over_uI_all           ? 
_reflns_shell.meanI_over_uI_gt            ? 
_reflns_shell.number_measured_gt          ? 
_reflns_shell.number_unique_gt            ? 
_reflns_shell.percent_possible_gt         ? 
_reflns_shell.Rmerge_F_gt                 ? 
_reflns_shell.Rmerge_I_gt                 ? 
_reflns_shell.pdbx_redundancy             ? 
_reflns_shell.pdbx_Rsym_value             ? 
_reflns_shell.pdbx_chi_squared            ? 
_reflns_shell.pdbx_netI_over_sigmaI_all   ? 
_reflns_shell.pdbx_netI_over_sigmaI_obs   ? 
_reflns_shell.pdbx_Rrim_I_all             ? 
_reflns_shell.pdbx_Rpim_I_all             ? 
_reflns_shell.pdbx_rejects                ? 
_reflns_shell.pdbx_ordinal                1 
_reflns_shell.pdbx_diffrn_id              1 
_reflns_shell.pdbx_CC_half                ? 
_reflns_shell.pdbx_R_split                ? 
# 
_refine.aniso_B[1][1]                            -0.03 
_refine.aniso_B[1][2]                            0.00 
_refine.aniso_B[1][3]                            0.07 
_refine.aniso_B[2][2]                            -0.08 
_refine.aniso_B[2][3]                            0.00 
_refine.aniso_B[3][3]                            0.16 
_refine.B_iso_max                                ? 
_refine.B_iso_mean                               19.028 
_refine.B_iso_min                                ? 
_refine.correlation_coeff_Fo_to_Fc               0.969 
_refine.correlation_coeff_Fo_to_Fc_free          0.962 
_refine.details                                  'HYDROGENS HAVE BEEN ADDED IN THE RIDING POSITIONS' 
_refine.diff_density_max                         ? 
_refine.diff_density_max_esd                     ? 
_refine.diff_density_min                         ? 
_refine.diff_density_min_esd                     ? 
_refine.diff_density_rms                         ? 
_refine.diff_density_rms_esd                     ? 
_refine.entry_id                                 5J4F 
_refine.pdbx_refine_id                           'X-RAY DIFFRACTION' 
_refine.ls_abs_structure_details                 ? 
_refine.ls_abs_structure_Flack                   ? 
_refine.ls_abs_structure_Flack_esd               ? 
_refine.ls_abs_structure_Rogers                  ? 
_refine.ls_abs_structure_Rogers_esd              ? 
_refine.ls_d_res_high                            1.40 
_refine.ls_d_res_low                             19.85 
_refine.ls_extinction_coef                       ? 
_refine.ls_extinction_coef_esd                   ? 
_refine.ls_extinction_expression                 ? 
_refine.ls_extinction_method                     ? 
_refine.ls_goodness_of_fit_all                   ? 
_refine.ls_goodness_of_fit_all_esd               ? 
_refine.ls_goodness_of_fit_obs                   ? 
_refine.ls_goodness_of_fit_obs_esd               ? 
_refine.ls_hydrogen_treatment                    ? 
_refine.ls_matrix_type                           ? 
_refine.ls_number_constraints                    ? 
_refine.ls_number_parameters                     ? 
_refine.ls_number_reflns_all                     ? 
_refine.ls_number_reflns_obs                     37000 
_refine.ls_number_reflns_R_free                  1952 
_refine.ls_number_reflns_R_work                  ? 
_refine.ls_number_restraints                     ? 
_refine.ls_percent_reflns_obs                    99.77 
_refine.ls_percent_reflns_R_free                 5.0 
_refine.ls_R_factor_all                          ? 
_refine.ls_R_factor_obs                          0.18211 
_refine.ls_R_factor_R_free                       0.20779 
_refine.ls_R_factor_R_free_error                 ? 
_refine.ls_R_factor_R_free_error_details         ? 
_refine.ls_R_factor_R_work                       0.18076 
_refine.ls_R_Fsqd_factor_obs                     ? 
_refine.ls_R_I_factor_obs                        ? 
_refine.ls_redundancy_reflns_all                 ? 
_refine.ls_redundancy_reflns_obs                 ? 
_refine.ls_restrained_S_all                      ? 
_refine.ls_restrained_S_obs                      ? 
_refine.ls_shift_over_esd_max                    ? 
_refine.ls_shift_over_esd_mean                   ? 
_refine.ls_structure_factor_coef                 ? 
_refine.ls_weighting_details                     ? 
_refine.ls_weighting_scheme                      ? 
_refine.ls_wR_factor_all                         ? 
_refine.ls_wR_factor_obs                         ? 
_refine.ls_wR_factor_R_free                      ? 
_refine.ls_wR_factor_R_work                      ? 
_refine.occupancy_max                            ? 
_refine.occupancy_min                            ? 
_refine.solvent_model_details                    ? 
_refine.solvent_model_param_bsol                 ? 
_refine.solvent_model_param_ksol                 ? 
_refine.ls_R_factor_gt                           ? 
_refine.ls_goodness_of_fit_gt                    ? 
_refine.ls_goodness_of_fit_ref                   ? 
_refine.ls_shift_over_su_max                     ? 
_refine.ls_shift_over_su_max_lt                  ? 
_refine.ls_shift_over_su_mean                    ? 
_refine.ls_shift_over_su_mean_lt                 ? 
_refine.pdbx_ls_sigma_I                          ? 
_refine.pdbx_ls_sigma_F                          ? 
_refine.pdbx_ls_sigma_Fsqd                       ? 
_refine.pdbx_data_cutoff_high_absF               ? 
_refine.pdbx_data_cutoff_high_rms_absF           ? 
_refine.pdbx_data_cutoff_low_absF                ? 
_refine.pdbx_isotropic_thermal_model             ? 
_refine.pdbx_ls_cross_valid_method               'FREE R-VALUE' 
_refine.pdbx_method_to_determine_struct          'MOLECULAR REPLACEMENT' 
_refine.pdbx_starting_model                      2q30 
_refine.pdbx_stereochemistry_target_values       ? 
_refine.pdbx_R_Free_selection_details            RANDOM 
_refine.pdbx_stereochem_target_val_spec_case     ? 
_refine.pdbx_overall_ESU_R                       0.061 
_refine.pdbx_overall_ESU_R_Free                  0.063 
_refine.pdbx_solvent_vdw_probe_radii             1.40 
_refine.pdbx_solvent_ion_probe_radii             0.80 
_refine.pdbx_solvent_shrinkage_radii             0.80 
_refine.pdbx_real_space_R                        ? 
_refine.pdbx_density_correlation                 ? 
_refine.pdbx_pd_number_of_powder_patterns        ? 
_refine.pdbx_pd_number_of_points                 ? 
_refine.pdbx_pd_meas_number_of_points            ? 
_refine.pdbx_pd_proc_ls_prof_R_factor            ? 
_refine.pdbx_pd_proc_ls_prof_wR_factor           ? 
_refine.pdbx_pd_Marquardt_correlation_coeff      ? 
_refine.pdbx_pd_Fsqrd_R_factor                   ? 
_refine.pdbx_pd_ls_matrix_band_width             ? 
_refine.pdbx_overall_phase_error                 ? 
_refine.pdbx_overall_SU_R_free_Cruickshank_DPI   ? 
_refine.pdbx_overall_SU_R_free_Blow_DPI          ? 
_refine.pdbx_overall_SU_R_Blow_DPI               ? 
_refine.pdbx_TLS_residual_ADP_flag               ? 
_refine.pdbx_diffrn_id                           1 
_refine.overall_SU_B                             1.102 
_refine.overall_SU_ML                            0.044 
_refine.overall_SU_R_Cruickshank_DPI             ? 
_refine.overall_SU_R_free                        ? 
_refine.overall_FOM_free_R_set                   ? 
_refine.overall_FOM_work_R_set                   ? 
_refine.pdbx_average_fsc_overall                 ? 
_refine.pdbx_average_fsc_work                    ? 
_refine.pdbx_average_fsc_free                    ? 
# 
_refine_hist.pdbx_refine_id                   'X-RAY DIFFRACTION' 
_refine_hist.cycle_id                         LAST 
_refine_hist.pdbx_number_atoms_protein        1516 
_refine_hist.pdbx_number_atoms_nucleic_acid   0 
_refine_hist.pdbx_number_atoms_ligand         0 
_refine_hist.number_atoms_solvent             176 
_refine_hist.number_atoms_total               1692 
_refine_hist.d_res_high                       1.40 
_refine_hist.d_res_low                        19.85 
# 
loop_
_refine_ls_restr.pdbx_refine_id 
_refine_ls_restr.criterion 
_refine_ls_restr.dev_ideal 
_refine_ls_restr.dev_ideal_target 
_refine_ls_restr.number 
_refine_ls_restr.rejects 
_refine_ls_restr.type 
_refine_ls_restr.weight 
_refine_ls_restr.pdbx_restraint_function 
'X-RAY DIFFRACTION' ? 0.030  0.022  1536 ? r_bond_refined_d             ? ? 
'X-RAY DIFFRACTION' ? ?      ?      ?    ? r_bond_other_d               ? ? 
'X-RAY DIFFRACTION' ? 2.367  1.986  2061 ? r_angle_refined_deg          ? ? 
'X-RAY DIFFRACTION' ? ?      ?      ?    ? r_angle_other_deg            ? ? 
'X-RAY DIFFRACTION' ? 7.409  5.000  193  ? r_dihedral_angle_1_deg       ? ? 
'X-RAY DIFFRACTION' ? 36.085 25.484 62   ? r_dihedral_angle_2_deg       ? ? 
'X-RAY DIFFRACTION' ? 14.164 15.000 312  ? r_dihedral_angle_3_deg       ? ? 
'X-RAY DIFFRACTION' ? 20.972 15.000 6    ? r_dihedral_angle_4_deg       ? ? 
'X-RAY DIFFRACTION' ? 0.164  0.200  243  ? r_chiral_restr               ? ? 
'X-RAY DIFFRACTION' ? 0.012  0.021  1092 ? r_gen_planes_refined         ? ? 
'X-RAY DIFFRACTION' ? ?      ?      ?    ? r_gen_planes_other           ? ? 
'X-RAY DIFFRACTION' ? ?      ?      ?    ? r_nbd_refined                ? ? 
'X-RAY DIFFRACTION' ? ?      ?      ?    ? r_nbd_other                  ? ? 
'X-RAY DIFFRACTION' ? ?      ?      ?    ? r_nbtor_refined              ? ? 
'X-RAY DIFFRACTION' ? ?      ?      ?    ? r_nbtor_other                ? ? 
'X-RAY DIFFRACTION' ? ?      ?      ?    ? r_xyhbond_nbd_refined        ? ? 
'X-RAY DIFFRACTION' ? ?      ?      ?    ? r_xyhbond_nbd_other          ? ? 
'X-RAY DIFFRACTION' ? ?      ?      ?    ? r_metal_ion_refined          ? ? 
'X-RAY DIFFRACTION' ? ?      ?      ?    ? r_metal_ion_other            ? ? 
'X-RAY DIFFRACTION' ? ?      ?      ?    ? r_symmetry_vdw_refined       ? ? 
'X-RAY DIFFRACTION' ? ?      ?      ?    ? r_symmetry_vdw_other         ? ? 
'X-RAY DIFFRACTION' ? ?      ?      ?    ? r_symmetry_hbond_refined     ? ? 
'X-RAY DIFFRACTION' ? ?      ?      ?    ? r_symmetry_hbond_other       ? ? 
'X-RAY DIFFRACTION' ? ?      ?      ?    ? r_symmetry_metal_ion_refined ? ? 
'X-RAY DIFFRACTION' ? ?      ?      ?    ? r_symmetry_metal_ion_other   ? ? 
'X-RAY DIFFRACTION' ? 1.510  1.500  968  ? r_mcbond_it                  ? ? 
'X-RAY DIFFRACTION' ? ?      ?      ?    ? r_mcbond_other               ? ? 
'X-RAY DIFFRACTION' ? 2.758  2.000  1564 ? r_mcangle_it                 ? ? 
'X-RAY DIFFRACTION' ? ?      ?      ?    ? r_mcangle_other              ? ? 
'X-RAY DIFFRACTION' ? 4.567  3.000  568  ? r_scbond_it                  ? ? 
'X-RAY DIFFRACTION' ? ?      ?      ?    ? r_scbond_other               ? ? 
'X-RAY DIFFRACTION' ? 7.853  4.500  497  ? r_scangle_it                 ? ? 
'X-RAY DIFFRACTION' ? ?      ?      ?    ? r_scangle_other              ? ? 
'X-RAY DIFFRACTION' ? ?      ?      ?    ? r_long_range_B_refined       ? ? 
'X-RAY DIFFRACTION' ? ?      ?      ?    ? r_long_range_B_other         ? ? 
'X-RAY DIFFRACTION' ? ?      ?      ?    ? r_rigid_bond_restr           ? ? 
'X-RAY DIFFRACTION' ? ?      ?      ?    ? r_sphericity_free            ? ? 
'X-RAY DIFFRACTION' ? ?      ?      ?    ? r_sphericity_bonded          ? ? 
# 
_refine_ls_shell.pdbx_refine_id                   'X-RAY DIFFRACTION' 
_refine_ls_shell.d_res_high                       1.400 
_refine_ls_shell.d_res_low                        1.436 
_refine_ls_shell.number_reflns_all                ? 
_refine_ls_shell.number_reflns_obs                ? 
_refine_ls_shell.number_reflns_R_free             163 
_refine_ls_shell.number_reflns_R_work             2671 
_refine_ls_shell.percent_reflns_obs               99.61 
_refine_ls_shell.percent_reflns_R_free            ? 
_refine_ls_shell.R_factor_all                     ? 
_refine_ls_shell.R_factor_obs                     ? 
_refine_ls_shell.R_factor_R_free                  0.323 
_refine_ls_shell.R_factor_R_free_error            ? 
_refine_ls_shell.R_factor_R_work                  0.297 
_refine_ls_shell.redundancy_reflns_all            ? 
_refine_ls_shell.redundancy_reflns_obs            ? 
_refine_ls_shell.wR_factor_all                    ? 
_refine_ls_shell.wR_factor_obs                    ? 
_refine_ls_shell.wR_factor_R_free                 ? 
_refine_ls_shell.wR_factor_R_work                 ? 
_refine_ls_shell.pdbx_total_number_of_bins_used   20 
_refine_ls_shell.pdbx_phase_error                 ? 
_refine_ls_shell.pdbx_fsc_work                    ? 
_refine_ls_shell.pdbx_fsc_free                    ? 
# 
_struct.entry_id                     5J4F 
_struct.title                        
'Crystal structure of the N-terminally His6-tagged HP0902, an uncharacterized protein from Helicobacter pylori 26695' 
_struct.pdbx_model_details           ? 
_struct.pdbx_formula_weight          ? 
_struct.pdbx_formula_weight_method   ? 
_struct.pdbx_model_type_details      ? 
_struct.pdbx_CASP_flag               ? 
# 
_struct_keywords.entry_id        5J4F 
_struct_keywords.text            
'HP0902, Helicobacter pylori, secretory protein, Cupin family, Uncharacterized protein, UNKNOWN FUNCTION' 
_struct_keywords.pdbx_keywords   'UNKNOWN FUNCTION' 
# 
loop_
_struct_asym.id 
_struct_asym.pdbx_blank_PDB_chainid_flag 
_struct_asym.pdbx_modified 
_struct_asym.entity_id 
_struct_asym.details 
A N N 1 ? 
B N N 1 ? 
C N N 2 ? 
D N N 2 ? 
# 
loop_
_struct_sheet.id 
_struct_sheet.type 
_struct_sheet.number_strands 
_struct_sheet.details 
AA1 ? 6 ? 
AA2 ? 6 ? 
AA3 ? 4 ? 
AA4 ? 4 ? 
# 
loop_
_struct_sheet_order.sheet_id 
_struct_sheet_order.range_id_1 
_struct_sheet_order.range_id_2 
_struct_sheet_order.offset 
_struct_sheet_order.sense 
AA1 1 2 ? anti-parallel 
AA1 2 3 ? anti-parallel 
AA1 3 4 ? anti-parallel 
AA1 4 5 ? anti-parallel 
AA1 5 6 ? anti-parallel 
AA2 1 2 ? anti-parallel 
AA2 2 3 ? anti-parallel 
AA2 3 4 ? anti-parallel 
AA2 4 5 ? anti-parallel 
AA2 5 6 ? anti-parallel 
AA3 1 2 ? anti-parallel 
AA3 2 3 ? anti-parallel 
AA3 3 4 ? anti-parallel 
AA4 1 2 ? anti-parallel 
AA4 2 3 ? anti-parallel 
AA4 3 4 ? anti-parallel 
# 
loop_
_struct_sheet_range.sheet_id 
_struct_sheet_range.id 
_struct_sheet_range.beg_label_comp_id 
_struct_sheet_range.beg_label_asym_id 
_struct_sheet_range.beg_label_seq_id 
_struct_sheet_range.pdbx_beg_PDB_ins_code 
_struct_sheet_range.end_label_comp_id 
_struct_sheet_range.end_label_asym_id 
_struct_sheet_range.end_label_seq_id 
_struct_sheet_range.pdbx_end_PDB_ins_code 
_struct_sheet_range.beg_auth_comp_id 
_struct_sheet_range.beg_auth_asym_id 
_struct_sheet_range.beg_auth_seq_id 
_struct_sheet_range.end_auth_comp_id 
_struct_sheet_range.end_auth_asym_id 
_struct_sheet_range.end_auth_seq_id 
AA1 1 VAL A 24  ? HIS A 25  ? VAL A 4  HIS A 5  
AA1 2 ALA B 92  ? LEU B 96  ? ALA B 72 LEU B 76 
AA1 3 ILE B 68  ? GLU B 74  ? ILE B 48 GLU B 54 
AA1 4 SER B 110 ? SER B 117 ? SER B 90 SER B 97 
AA1 5 HIS B 46  ? MET B 53  ? HIS B 26 MET B 33 
AA1 6 HIS B 36  ? GLU B 42  ? HIS B 16 GLU B 22 
AA2 1 HIS A 36  ? GLU A 42  ? HIS A 16 GLU A 22 
AA2 2 HIS A 46  ? MET A 53  ? HIS A 26 MET A 33 
AA2 3 SER A 110 ? SER A 117 ? SER A 90 SER A 97 
AA2 4 ILE A 68  ? GLU A 74  ? ILE A 48 GLU A 54 
AA2 5 ALA A 92  ? LEU A 96  ? ALA A 72 LEU A 76 
AA2 6 VAL B 24  ? HIS B 25  ? VAL B 4  HIS B 5  
AA3 1 VAL A 58  ? HIS A 62  ? VAL A 38 HIS A 42 
AA3 2 HIS A 102 ? ALA A 106 ? HIS A 82 ALA A 86 
AA3 3 LYS A 76  ? VAL A 81  ? LYS A 56 VAL A 61 
AA3 4 GLU A 84  ? PRO A 89  ? GLU A 64 PRO A 69 
AA4 1 VAL B 58  ? HIS B 62  ? VAL B 38 HIS B 42 
AA4 2 HIS B 102 ? ALA B 106 ? HIS B 82 ALA B 86 
AA4 3 LYS B 76  ? VAL B 81  ? LYS B 56 VAL B 61 
AA4 4 GLU B 84  ? PRO B 89  ? GLU B 64 PRO B 69 
# 
loop_
_pdbx_struct_sheet_hbond.sheet_id 
_pdbx_struct_sheet_hbond.range_id_1 
_pdbx_struct_sheet_hbond.range_id_2 
_pdbx_struct_sheet_hbond.range_1_label_atom_id 
_pdbx_struct_sheet_hbond.range_1_label_comp_id 
_pdbx_struct_sheet_hbond.range_1_label_asym_id 
_pdbx_struct_sheet_hbond.range_1_label_seq_id 
_pdbx_struct_sheet_hbond.range_1_PDB_ins_code 
_pdbx_struct_sheet_hbond.range_1_auth_atom_id 
_pdbx_struct_sheet_hbond.range_1_auth_comp_id 
_pdbx_struct_sheet_hbond.range_1_auth_asym_id 
_pdbx_struct_sheet_hbond.range_1_auth_seq_id 
_pdbx_struct_sheet_hbond.range_2_label_atom_id 
_pdbx_struct_sheet_hbond.range_2_label_comp_id 
_pdbx_struct_sheet_hbond.range_2_label_asym_id 
_pdbx_struct_sheet_hbond.range_2_label_seq_id 
_pdbx_struct_sheet_hbond.range_2_PDB_ins_code 
_pdbx_struct_sheet_hbond.range_2_auth_atom_id 
_pdbx_struct_sheet_hbond.range_2_auth_comp_id 
_pdbx_struct_sheet_hbond.range_2_auth_asym_id 
_pdbx_struct_sheet_hbond.range_2_auth_seq_id 
AA1 1 2 N VAL A 24  ? N VAL A 4  O LEU B 93  ? O LEU B 73 
AA1 2 3 O ILE B 94  ? O ILE B 74 N VAL B 70  ? N VAL B 50 
AA1 3 4 N GLN B 71  ? N GLN B 51 O ARG B 113 ? O ARG B 93 
AA1 4 5 O LEU B 114 ? O LEU B 94 N ILE B 49  ? N ILE B 29 
AA1 5 6 O GLU B 48  ? O GLU B 28 N ASN B 41  ? N ASN B 21 
AA2 1 2 N ASN A 41  ? N ASN A 21 O GLU A 48  ? O GLU A 28 
AA2 2 3 N ILE A 49  ? N ILE A 29 O LEU A 114 ? O LEU A 94 
AA2 3 4 O VAL A 111 ? O VAL A 91 N LEU A 73  ? N LEU A 53 
AA2 4 5 N VAL A 70  ? N VAL A 50 O ILE A 94  ? O ILE A 74 
AA2 5 6 N LEU A 93  ? N LEU A 73 O VAL B 24  ? O VAL B 4  
AA3 1 2 N MET A 59  ? N MET A 39 O LEU A 104 ? O LEU A 84 
AA3 2 3 O ARG A 103 ? O ARG A 83 N GLU A 80  ? N GLU A 60 
AA3 3 4 N ILE A 77  ? N ILE A 57 O MET A 88  ? O MET A 68 
AA4 1 2 N MET B 59  ? N MET B 39 O LEU B 104 ? O LEU B 84 
AA4 2 3 O ARG B 103 ? O ARG B 83 N GLU B 80  ? N GLU B 60 
AA4 3 4 N ILE B 77  ? N ILE B 57 O MET B 88  ? O MET B 68 
# 
_atom_sites.entry_id                    5J4F 
_atom_sites.fract_transf_matrix[1][1]   -0.01626324 
_atom_sites.fract_transf_matrix[1][2]   -0.00423542 
_atom_sites.fract_transf_matrix[1][3]   0.02750707 
_atom_sites.fract_transf_matrix[2][1]   0.00370259 
_atom_sites.fract_transf_matrix[2][2]   0.01150236 
_atom_sites.fract_transf_matrix[2][3]   0.00396020 
_atom_sites.fract_transf_matrix[3][1]   -0.02460964 
_atom_sites.fract_transf_matrix[3][2]   0.00849938 
_atom_sites.fract_transf_matrix[3][3]   -0.00167756 
_atom_sites.fract_transf_vector[1]      1.007821 
_atom_sites.fract_transf_vector[2]      0.130688 
_atom_sites.fract_transf_vector[3]      0.251766 
# 
loop_
_atom_type.symbol 
C 
N 
O 
S 
# 
loop_
_atom_site.group_PDB 
_atom_site.id 
_atom_site.type_symbol 
_atom_site.label_atom_id 
_atom_site.label_alt_id 
_atom_site.label_comp_id 
_atom_site.label_asym_id 
_atom_site.label_entity_id 
_atom_site.label_seq_id 
_atom_site.pdbx_PDB_ins_code 
_atom_site.Cartn_x 
_atom_site.Cartn_y 
_atom_site.Cartn_z 
_atom_site.occupancy 
_atom_site.B_iso_or_equiv 
_atom_site.pdbx_formal_charge 
_atom_site.auth_seq_id 
_atom_site.auth_comp_id 
_atom_site.auth_asym_id 
_atom_site.auth_atom_id 
_atom_site.pdbx_PDB_model_num 
ATOM   1    N N   . GLU A 1 22  ? 11.259  -5.079  9.903   1.00 35.55 ? 2   GLU A N   1 
ATOM   2    C CA  . GLU A 1 22  ? 10.968  -3.628  10.093  1.00 33.68 ? 2   GLU A CA  1 
ATOM   3    C C   . GLU A 1 22  ? 10.899  -2.673  8.806   1.00 30.04 ? 2   GLU A C   1 
ATOM   4    O O   . GLU A 1 22  ? 9.945   -1.941  8.717   1.00 32.31 ? 2   GLU A O   1 
ATOM   5    C CB  . GLU A 1 22  ? 11.852  -3.069  11.173  1.00 35.06 ? 2   GLU A CB  1 
ATOM   6    C CG  . GLU A 1 22  ? 11.564  -1.665  11.560  1.00 39.36 ? 2   GLU A CG  1 
ATOM   7    C CD  . GLU A 1 22  ? 12.871  -0.950  11.658  1.00 43.70 ? 2   GLU A CD  1 
ATOM   8    O OE1 . GLU A 1 22  ? 12.911  0.285   11.966  1.00 47.21 ? 2   GLU A OE1 1 
ATOM   9    O OE2 . GLU A 1 22  ? 13.855  -1.680  11.366  1.00 42.57 ? 2   GLU A OE2 1 
ATOM   10   N N   . VAL A 1 23  ? 11.860  -2.639  7.875   1.00 25.97 ? 3   VAL A N   1 
ATOM   11   C CA  . VAL A 1 23  ? 11.495  -2.130  6.467   1.00 23.48 ? 3   VAL A CA  1 
ATOM   12   C C   . VAL A 1 23  ? 11.417  -3.346  5.554   1.00 21.57 ? 3   VAL A C   1 
ATOM   13   O O   . VAL A 1 23  ? 12.329  -4.223  5.542   1.00 22.88 ? 3   VAL A O   1 
ATOM   14   C CB  . VAL A 1 23  ? 12.430  -1.022  5.871   1.00 22.71 ? 3   VAL A CB  1 
ATOM   15   C CG1 . VAL A 1 23  ? 12.000  -0.575  4.490   1.00 22.70 ? 3   VAL A CG1 1 
ATOM   16   C CG2 . VAL A 1 23  ? 12.399  0.186   6.746   1.00 30.08 ? 3   VAL A CG2 1 
ATOM   17   N N   . VAL A 1 24  ? 10.303  -3.488  4.831   1.00 16.13 ? 4   VAL A N   1 
ATOM   18   C CA  . VAL A 1 24  ? 10.158  -4.580  3.892   1.00 16.06 ? 4   VAL A CA  1 
ATOM   19   C C   . VAL A 1 24  ? 10.084  -4.036  2.478   1.00 16.34 ? 4   VAL A C   1 
ATOM   20   O O   . VAL A 1 24  ? 9.658   -2.924  2.237   1.00 15.72 ? 4   VAL A O   1 
ATOM   21   C CB  . VAL A 1 24  ? 9.020   -5.509  4.144   1.00 19.19 ? 4   VAL A CB  1 
ATOM   22   C CG1 . VAL A 1 24  ? 9.248   -6.215  5.503   1.00 22.05 ? 4   VAL A CG1 1 
ATOM   23   C CG2 . VAL A 1 24  ? 7.718   -4.773  4.091   1.00 20.49 ? 4   VAL A CG2 1 
ATOM   24   N N   . HIS A 1 25  ? 10.558  -4.787  1.535   1.00 14.77 ? 5   HIS A N   1 
ATOM   25   C CA  . HIS A 1 25  ? 10.751  -4.331  0.239   1.00 14.34 ? 5   HIS A CA  1 
ATOM   26   C C   . HIS A 1 25  ? 9.919   -5.131  -0.730  1.00 13.64 ? 5   HIS A C   1 
ATOM   27   O O   . HIS A 1 25  ? 10.326  -6.263  -1.186  1.00 15.67 ? 5   HIS A O   1 
ATOM   28   C CB  . HIS A 1 25  ? 12.273  -4.429  -0.141  1.00 16.28 ? 5   HIS A CB  1 
ATOM   29   C CG  . HIS A 1 25  ? 13.136  -3.535  0.708   1.00 18.80 ? 5   HIS A CG  1 
ATOM   30   N ND1 . HIS A 1 25  ? 13.384  -2.213  0.397   1.00 27.32 ? 5   HIS A ND1 1 
ATOM   31   C CD2 . HIS A 1 25  ? 13.779  -3.778  1.877   1.00 27.93 ? 5   HIS A CD2 1 
ATOM   32   C CE1 . HIS A 1 25  ? 14.148  -1.677  1.338   1.00 24.68 ? 5   HIS A CE1 1 
ATOM   33   N NE2 . HIS A 1 25  ? 14.399  -2.602  2.242   1.00 28.83 ? 5   HIS A NE2 1 
ATOM   34   N N   . PHE A 1 26  ? 8.724   -4.623  -1.076  1.00 12.58 ? 6   PHE A N   1 
ATOM   35   C CA  . PHE A 1 26  ? 7.800   -5.409  -1.906  1.00 12.14 ? 6   PHE A CA  1 
ATOM   36   C C   . PHE A 1 26  ? 8.307   -5.689  -3.287  1.00 13.78 ? 6   PHE A C   1 
ATOM   37   O O   . PHE A 1 26  ? 7.818   -6.651  -3.925  1.00 13.45 ? 6   PHE A O   1 
ATOM   38   C CB  . PHE A 1 26  ? 6.426   -4.713  -2.043  1.00 12.39 ? 6   PHE A CB  1 
ATOM   39   C CG  . PHE A 1 26  ? 5.509   -4.985  -0.901  1.00 12.45 ? 6   PHE A CG  1 
ATOM   40   C CD1 . PHE A 1 26  ? 5.739   -4.424  0.317   1.00 13.19 ? 6   PHE A CD1 1 
ATOM   41   C CD2 . PHE A 1 26  ? 4.439   -5.835  -1.029  1.00 11.24 ? 6   PHE A CD2 1 
ATOM   42   C CE1 . PHE A 1 26  ? 4.833   -4.623  1.369   1.00 14.50 ? 6   PHE A CE1 1 
ATOM   43   C CE2 . PHE A 1 26  ? 3.588   -6.092  0.021   1.00 11.37 ? 6   PHE A CE2 1 
ATOM   44   C CZ  . PHE A 1 26  ? 3.784   -5.478  1.243   1.00 12.42 ? 6   PHE A CZ  1 
ATOM   45   N N   . LEU A 1 27  ? 9.241   -4.919  -3.835  1.00 12.74 ? 7   LEU A N   1 
ATOM   46   C CA  . LEU A 1 27  ? 9.661   -5.108  -5.217  1.00 14.25 ? 7   LEU A CA  1 
ATOM   47   C C   . LEU A 1 27  ? 11.028  -5.785  -5.293  1.00 15.47 ? 7   LEU A C   1 
ATOM   48   O O   . LEU A 1 27  ? 11.537  -5.879  -6.447  1.00 18.60 ? 7   LEU A O   1 
ATOM   49   C CB  . LEU A 1 27  ? 9.564   -3.769  -6.038  1.00 14.91 ? 7   LEU A CB  1 
ATOM   50   C CG  . LEU A 1 27  ? 8.157   -3.184  -6.057  1.00 15.31 ? 7   LEU A CG  1 
ATOM   51   C CD1 . LEU A 1 27  ? 8.213   -1.775  -6.736  1.00 18.09 ? 7   LEU A CD1 1 
ATOM   52   C CD2 . LEU A 1 27  ? 7.191   -4.066  -6.786  1.00 18.13 ? 7   LEU A CD2 1 
ATOM   53   N N   . GLU A 1 28  ? 11.570  -6.275  -4.195  1.00 15.56 ? 8   GLU A N   1 
ATOM   54   C CA  . GLU A 1 28  ? 12.758  -7.116  -4.228  1.00 18.38 ? 8   GLU A CA  1 
ATOM   55   C C   . GLU A 1 28  ? 12.296  -8.547  -4.118  1.00 16.98 ? 8   GLU A C   1 
ATOM   56   O O   . GLU A 1 28  ? 11.456  -8.881  -3.298  1.00 16.67 ? 8   GLU A O   1 
ATOM   57   C CB  . GLU A 1 28  ? 13.686  -6.730  -3.046  1.00 19.71 ? 8   GLU A CB  1 
ATOM   58   C CG  . GLU A 1 28  ? 14.758  -7.793  -2.640  1.00 29.34 ? 8   GLU A CG  1 
ATOM   59   C CD  . GLU A 1 28  ? 14.691  -8.206  -1.099  1.00 43.10 ? 8   GLU A CD  1 
ATOM   60   O OE1 . GLU A 1 28  ? 15.161  -7.377  -0.250  1.00 45.35 ? 8   GLU A OE1 1 
ATOM   61   O OE2 . GLU A 1 28  ? 14.159  -9.346  -0.749  1.00 39.27 ? 8   GLU A OE2 1 
ATOM   62   N N   . GLY A 1 29  ? 12.925  -9.461  -4.854  1.00 16.02 ? 9   GLY A N   1 
ATOM   63   C CA  . GLY A 1 29  ? 12.573  -10.856 -4.645  1.00 17.17 ? 9   GLY A CA  1 
ATOM   64   C C   . GLY A 1 29  ? 11.297  -11.257 -5.352  1.00 16.10 ? 9   GLY A C   1 
ATOM   65   O O   . GLY A 1 29  ? 10.698  -12.282 -5.001  1.00 18.10 ? 9   GLY A O   1 
ATOM   66   N N   . VAL A 1 30  ? 10.912  -10.512 -6.382  1.00 14.40 ? 10  VAL A N   1 
ATOM   67   C CA  . VAL A 1 30  ? 9.651   -10.829 -7.058  1.00 14.24 ? 10  VAL A CA  1 
ATOM   68   C C   . VAL A 1 30  ? 9.935   -11.967 -8.033  1.00 15.17 ? 10  VAL A C   1 
ATOM   69   O O   . VAL A 1 30  ? 10.920  -11.933 -8.787  1.00 17.31 ? 10  VAL A O   1 
ATOM   70   C CB  . VAL A 1 30  ? 9.158   -9.587  -7.812  1.00 13.08 ? 10  VAL A CB  1 
ATOM   71   C CG1 . VAL A 1 30  ? 8.033   -9.829  -8.791  1.00 15.92 ? 10  VAL A CG1 1 
ATOM   72   C CG2 . VAL A 1 30  ? 8.722   -8.544  -6.764  1.00 14.84 ? 10  VAL A CG2 1 
ATOM   73   N N   . CYS A 1 31  ? 8.943   -12.827 -8.182  1.00 14.14 ? 11  CYS A N   1 
ATOM   74   C CA  . CYS A 1 31  ? 9.070   -13.954 -9.132  1.00 14.19 ? 11  CYS A CA  1 
ATOM   75   C C   . CYS A 1 31  ? 7.730   -14.194 -9.806  1.00 14.12 ? 11  CYS A C   1 
ATOM   76   O O   . CYS A 1 31  ? 6.643   -14.102 -9.116  1.00 13.56 ? 11  CYS A O   1 
ATOM   77   C CB  . CYS A 1 31  ? 9.431   -15.200 -8.274  1.00 14.00 ? 11  CYS A CB  1 
ATOM   78   S SG  . CYS A 1 31  ? 9.352   -16.798 -9.271  1.00 17.17 ? 11  CYS A SG  1 
ATOM   79   N N   . PHE A 1 32  ? 7.760   -14.448 -11.140 1.00 13.93 ? 12  PHE A N   1 
ATOM   80   C CA  . PHE A 1 32  ? 6.478   -14.711 -11.830 1.00 13.82 ? 12  PHE A CA  1 
ATOM   81   C C   . PHE A 1 32  ? 6.359   -16.140 -12.405 1.00 14.72 ? 12  PHE A C   1 
ATOM   82   O O   . PHE A 1 32  ? 5.663   -16.339 -13.408 1.00 15.97 ? 12  PHE A O   1 
ATOM   83   C CB  . PHE A 1 32  ? 6.246   -13.643 -12.927 1.00 14.48 ? 12  PHE A CB  1 
ATOM   84   C CG  . PHE A 1 32  ? 6.117   -12.210 -12.390 1.00 14.67 ? 12  PHE A CG  1 
ATOM   85   C CD1 . PHE A 1 32  ? 5.059   -11.825 -11.580 1.00 15.40 ? 12  PHE A CD1 1 
ATOM   86   C CD2 . PHE A 1 32  ? 7.022   -11.309 -12.661 1.00 14.74 ? 12  PHE A CD2 1 
ATOM   87   C CE1 . PHE A 1 32  ? 4.986   -10.497 -11.091 1.00 15.68 ? 12  PHE A CE1 1 
ATOM   88   C CE2 . PHE A 1 32  ? 7.018   -9.976  -12.207 1.00 18.89 ? 12  PHE A CE2 1 
ATOM   89   C CZ  . PHE A 1 32  ? 5.959   -9.570  -11.395 1.00 16.93 ? 12  PHE A CZ  1 
ATOM   90   N N   . GLU A 1 33  ? 7.106   -17.048 -11.806 1.00 14.85 ? 13  GLU A N   1 
ATOM   91   C CA  . GLU A 1 33  ? 7.026   -18.448 -12.277 1.00 17.01 ? 13  GLU A CA  1 
ATOM   92   C C   . GLU A 1 33  ? 5.854   -19.218 -11.675 1.00 18.18 ? 13  GLU A C   1 
ATOM   93   O O   . GLU A 1 33  ? 5.645   -20.378 -11.981 1.00 22.90 ? 13  GLU A O   1 
ATOM   94   C CB  . GLU A 1 33  ? 8.322   -19.181 -11.930 1.00 16.70 ? 13  GLU A CB  1 
ATOM   95   C CG  . GLU A 1 33  ? 9.517   -18.637 -12.649 1.00 17.60 ? 13  GLU A CG  1 
ATOM   96   C CD  . GLU A 1 33  ? 10.741  -19.529 -12.475 1.00 24.16 ? 13  GLU A CD  1 
ATOM   97   O OE1 . GLU A 1 33  ? 10.622  -20.772 -12.335 1.00 24.22 ? 13  GLU A OE1 1 
ATOM   98   O OE2 . GLU A 1 33  ? 11.812  -18.954 -12.444 1.00 30.26 ? 13  GLU A OE2 1 
ATOM   99   N N   . LYS A 1 34  ? 5.096   -18.638 -10.759 1.00 15.91 ? 14  LYS A N   1 
ATOM   100  C CA  . LYS A 1 34  ? 4.033   -19.306 -10.051 1.00 16.62 ? 14  LYS A CA  1 
ATOM   101  C C   . LYS A 1 34  ? 3.298   -18.098 -9.380  1.00 15.70 ? 14  LYS A C   1 
ATOM   102  O O   . LYS A 1 34  ? 3.891   -17.005 -9.219  1.00 14.28 ? 14  LYS A O   1 
ATOM   103  C CB  . LYS A 1 34  ? 4.696   -20.179 -8.951  1.00 18.35 ? 14  LYS A CB  1 
ATOM   104  C CG  . LYS A 1 34  ? 3.799   -20.822 -8.049  1.00 25.79 ? 14  LYS A CG  1 
ATOM   105  C CD  . LYS A 1 34  ? 4.540   -21.750 -7.082  1.00 20.34 ? 14  LYS A CD  1 
ATOM   106  C CE  . LYS A 1 34  ? 3.443   -22.182 -6.223  1.00 18.48 ? 14  LYS A CE  1 
ATOM   107  N NZ  . LYS A 1 34  ? 3.053   -21.117 -5.232  1.00 19.05 ? 14  LYS A NZ  1 
ATOM   108  N N   . LEU A 1 35  ? 2.030   -18.291 -9.015  1.00 13.73 ? 15  LEU A N   1 
ATOM   109  C CA  . LEU A 1 35  ? 1.343   -17.417 -8.078  1.00 12.52 ? 15  LEU A CA  1 
ATOM   110  C C   . LEU A 1 35  ? 1.983   -17.563 -6.746  1.00 13.24 ? 15  LEU A C   1 
ATOM   111  O O   . LEU A 1 35  ? 2.013   -18.675 -6.153  1.00 14.23 ? 15  LEU A O   1 
ATOM   112  C CB  . LEU A 1 35  ? -0.179  -17.789 -8.062  1.00 12.93 ? 15  LEU A CB  1 
ATOM   113  C CG  . LEU A 1 35  ? -1.054  -17.029 -7.019  1.00 14.57 ? 15  LEU A CG  1 
ATOM   114  C CD1 . LEU A 1 35  ? -1.210  -15.622 -7.514  1.00 16.43 ? 15  LEU A CD1 1 
ATOM   115  C CD2 . LEU A 1 35  ? -2.416  -17.719 -6.942  1.00 15.47 ? 15  LEU A CD2 1 
ATOM   116  N N   . HIS A 1 36  ? 2.448   -16.460 -6.166  1.00 11.52 ? 16  HIS A N   1 
ATOM   117  C CA  . HIS A 1 36  ? 3.140   -16.519 -4.849  1.00 13.24 ? 16  HIS A CA  1 
ATOM   118  C C   . HIS A 1 36  ? 2.379   -15.733 -3.863  1.00 14.62 ? 16  HIS A C   1 
ATOM   119  O O   . HIS A 1 36  ? 2.100   -14.572 -4.186  1.00 13.86 ? 16  HIS A O   1 
ATOM   120  C CB  . HIS A 1 36  ? 4.559   -15.931 -4.933  1.00 13.58 ? 16  HIS A CB  1 
ATOM   121  C CG  . HIS A 1 36  ? 5.500   -16.736 -5.755  1.00 12.50 ? 16  HIS A CG  1 
ATOM   122  N ND1 . HIS A 1 36  ? 5.930   -18.013 -5.396  1.00 16.34 ? 16  HIS A ND1 1 
ATOM   123  C CD2 . HIS A 1 36  ? 6.137   -16.395 -6.885  1.00 13.76 ? 16  HIS A CD2 1 
ATOM   124  C CE1 . HIS A 1 36  ? 6.762   -18.424 -6.342  1.00 15.00 ? 16  HIS A CE1 1 
ATOM   125  N NE2 . HIS A 1 36  ? 6.938   -17.463 -7.236  1.00 14.37 ? 16  HIS A NE2 1 
ATOM   126  N N   . ILE A 1 37  ? 2.063   -16.168 -2.703  1.00 13.81 ? 17  ILE A N   1 
ATOM   127  C CA  . ILE A 1 37  ? 1.463   -15.371 -1.647  1.00 13.13 ? 17  ILE A CA  1 
ATOM   128  C C   . ILE A 1 37  ? 2.395   -15.455 -0.442  1.00 15.70 ? 17  ILE A C   1 
ATOM   129  O O   . ILE A 1 37  ? 2.671   -16.580 0.069   1.00 17.46 ? 17  ILE A O   1 
ATOM   130  C CB  . ILE A 1 37  ? 0.051   -15.886 -1.283  1.00 13.69 ? 17  ILE A CB  1 
ATOM   131  C CG1 . ILE A 1 37  ? -0.887  -15.878 -2.532  1.00 18.11 ? 17  ILE A CG1 1 
ATOM   132  C CG2 . ILE A 1 37  ? -0.530  -15.035 -0.114  1.00 16.95 ? 17  ILE A CG2 1 
ATOM   133  C CD1 . ILE A 1 37  ? -2.262  -16.619 -2.340  1.00 22.94 ? 17  ILE A CD1 1 
ATOM   134  N N   . GLU A 1 38  ? 2.955   -14.336 0.032   1.00 15.40 ? 18  GLU A N   1 
ATOM   135  C CA  . GLU A 1 38  ? 3.964   -14.381 1.099   1.00 15.65 ? 18  GLU A CA  1 
ATOM   136  C C   . GLU A 1 38  ? 3.657   -13.306 2.122   1.00 15.81 ? 18  GLU A C   1 
ATOM   137  O O   . GLU A 1 38  ? 3.412   -12.151 1.746   1.00 15.22 ? 18  GLU A O   1 
ATOM   138  C CB  . GLU A 1 38  ? 5.347   -14.120 0.450   1.00 17.46 ? 18  GLU A CB  1 
ATOM   139  C CG  . GLU A 1 38  ? 6.523   -14.306 1.495   1.00 26.33 ? 18  GLU A CG  1 
ATOM   140  C CD  . GLU A 1 38  ? 7.902   -13.996 0.883   1.00 30.00 ? 18  GLU A CD  1 
ATOM   141  O OE1 . GLU A 1 38  ? 7.988   -13.773 -0.368  1.00 28.19 ? 18  GLU A OE1 1 
ATOM   142  O OE2 . GLU A 1 38  ? 8.893   -13.941 1.665   1.00 31.87 ? 18  GLU A OE2 1 
ATOM   143  N N   . VAL A 1 39  ? 3.621   -13.626 3.418   1.00 15.54 ? 19  VAL A N   1 
ATOM   144  C CA  . VAL A 1 39  ? 3.540   -12.599 4.470   1.00 15.79 ? 19  VAL A CA  1 
ATOM   145  C C   . VAL A 1 39  ? 4.916   -11.939 4.604   1.00 16.89 ? 19  VAL A C   1 
ATOM   146  O O   . VAL A 1 39  ? 5.923   -12.711 4.940   1.00 19.68 ? 19  VAL A O   1 
ATOM   147  C CB  . VAL A 1 39  ? 3.131   -13.173 5.865   1.00 15.61 ? 19  VAL A CB  1 
ATOM   148  C CG1 . VAL A 1 39  ? 3.117   -12.101 6.958   1.00 19.86 ? 19  VAL A CG1 1 
ATOM   149  C CG2 . VAL A 1 39  ? 1.758   -13.803 5.718   1.00 17.66 ? 19  VAL A CG2 1 
ATOM   150  N N   . LEU A 1 40  ? 5.031   -10.651 4.234   1.00 14.86 ? 20  LEU A N   1 
ATOM   151  C CA  . LEU A 1 40  ? 6.345   -10.026 4.296   1.00 16.75 ? 20  LEU A CA  1 
ATOM   152  C C   . LEU A 1 40  ? 6.540   -9.463  5.658   1.00 17.73 ? 20  LEU A C   1 
ATOM   153  O O   . LEU A 1 40  ? 7.703   -9.254  6.008   1.00 17.32 ? 20  LEU A O   1 
ATOM   154  C CB  . LEU A 1 40  ? 6.468   -8.895  3.254   1.00 17.05 ? 20  LEU A CB  1 
ATOM   155  C CG  . LEU A 1 40  ? 6.561   -9.420  1.837   1.00 16.48 ? 20  LEU A CG  1 
ATOM   156  C CD1 . LEU A 1 40  ? 6.915   -8.318  0.879   1.00 17.06 ? 20  LEU A CD1 1 
ATOM   157  C CD2 . LEU A 1 40  ? 7.537   -10.613 1.592   1.00 20.29 ? 20  LEU A CD2 1 
ATOM   158  N N   . ASN A 1 41  ? 5.526   -9.135  6.416   1.00 16.87 ? 21  ASN A N   1 
ATOM   159  C CA  . ASN A 1 41  ? 5.736   -8.589  7.779   1.00 20.08 ? 21  ASN A CA  1 
ATOM   160  C C   . ASN A 1 41  ? 4.437   -8.750  8.490   1.00 21.01 ? 21  ASN A C   1 
ATOM   161  O O   . ASN A 1 41  ? 3.343   -8.721  7.890   1.00 19.08 ? 21  ASN A O   1 
ATOM   162  C CB  . ASN A 1 41  ? 6.034   -7.087  7.726   1.00 21.02 ? 21  ASN A CB  1 
ATOM   163  C CG  . ASN A 1 41  ? 6.164   -6.484  9.096   1.00 31.27 ? 21  ASN A CG  1 
ATOM   164  O OD1 . ASN A 1 41  ? 7.118   -6.870  9.811   1.00 36.23 ? 21  ASN A OD1 1 
ATOM   165  N ND2 . ASN A 1 41  ? 5.154   -5.621  9.532   1.00 32.55 ? 21  ASN A ND2 1 
ATOM   166  N N   . GLU A 1 42  ? 4.485   -8.809  9.812   1.00 21.49 ? 22  GLU A N   1 
ATOM   167  C CA  . GLU A 1 42  ? 3.231   -8.745  10.586  1.00 23.43 ? 22  GLU A CA  1 
ATOM   168  C C   . GLU A 1 42  ? 3.479   -7.959  11.856  1.00 23.96 ? 22  GLU A C   1 
ATOM   169  O O   . GLU A 1 42  ? 4.618   -8.032  12.356  1.00 26.50 ? 22  GLU A O   1 
ATOM   170  C CB  . GLU A 1 42  ? 2.848   -10.177 10.849  1.00 26.75 ? 22  GLU A CB  1 
ATOM   171  C CG  . GLU A 1 42  ? 2.090   -10.502 12.101  1.00 31.64 ? 22  GLU A CG  1 
ATOM   172  C CD  . GLU A 1 42  ? 1.598   -11.966 12.024  1.00 37.23 ? 22  GLU A CD  1 
ATOM   173  O OE1 . GLU A 1 42  ? 2.183   -12.747 11.202  1.00 41.58 ? 22  GLU A OE1 1 
ATOM   174  O OE2 . GLU A 1 42  ? 0.629   -12.282 12.744  1.00 42.87 ? 22  GLU A OE2 1 
ATOM   175  N N   . ASN A 1 43  ? 2.501   -7.197  12.345  1.00 24.03 ? 23  ASN A N   1 
ATOM   176  C CA  . ASN A 1 43  ? 2.608   -6.413  13.608  1.00 26.53 ? 23  ASN A CA  1 
ATOM   177  C C   . ASN A 1 43  ? 1.269   -6.624  14.404  1.00 27.81 ? 23  ASN A C   1 
ATOM   178  O O   . ASN A 1 43  ? 0.485   -7.525  14.033  1.00 27.91 ? 23  ASN A O   1 
ATOM   179  C CB  . ASN A 1 43  ? 2.859   -4.938  13.228  1.00 26.45 ? 23  ASN A CB  1 
ATOM   180  C CG  . ASN A 1 43  ? 1.853   -4.425  12.170  1.00 29.15 ? 23  ASN A CG  1 
ATOM   181  O OD1 . ASN A 1 43  ? 0.685   -4.323  12.479  1.00 25.30 ? 23  ASN A OD1 1 
ATOM   182  N ND2 . ASN A 1 43  ? 2.299   -4.232  10.885  1.00 28.03 ? 23  ASN A ND2 1 
ATOM   183  N N   . SER A 1 44  ? 0.973   -5.851  15.486  1.00 29.20 ? 24  SER A N   1 
ATOM   184  C CA  . SER A 1 44  ? -0.267  -6.044  16.300  1.00 31.06 ? 24  SER A CA  1 
ATOM   185  C C   . SER A 1 44  ? -1.521  -5.883  15.502  1.00 29.63 ? 24  SER A C   1 
ATOM   186  O O   . SER A 1 44  ? -2.581  -6.492  15.775  1.00 31.61 ? 24  SER A O   1 
ATOM   187  C CB  . SER A 1 44  ? -0.332  -5.016  17.488  1.00 30.26 ? 24  SER A CB  1 
ATOM   188  O OG  . SER A 1 44  ? 0.621   -5.392  18.410  1.00 36.02 ? 24  SER A OG  1 
ATOM   189  N N   . SER A 1 45  ? -1.475  -5.018  14.508  1.00 27.07 ? 25  SER A N   1 
ATOM   190  C CA  . SER A 1 45  ? -2.746  -4.754  13.912  1.00 26.55 ? 25  SER A CA  1 
ATOM   191  C C   . SER A 1 45  ? -2.892  -5.436  12.547  1.00 25.17 ? 25  SER A C   1 
ATOM   192  O O   . SER A 1 45  ? -4.009  -5.736  12.217  1.00 23.91 ? 25  SER A O   1 
ATOM   193  C CB  . SER A 1 45  ? -3.067  -3.279  13.870  1.00 28.47 ? 25  SER A CB  1 
ATOM   194  O OG  . SER A 1 45  ? -2.163  -2.627  13.026  1.00 29.03 ? 25  SER A OG  1 
ATOM   195  N N   . HIS A 1 46  ? -1.802  -5.669  11.773  1.00 22.15 ? 26  HIS A N   1 
ATOM   196  C CA  . HIS A 1 46  ? -1.943  -6.150  10.376  1.00 20.62 ? 26  HIS A CA  1 
ATOM   197  C C   . HIS A 1 46  ? -0.927  -7.179  9.983   1.00 18.60 ? 26  HIS A C   1 
ATOM   198  O O   . HIS A 1 46  ? 0.190   -7.199  10.525  1.00 19.46 ? 26  HIS A O   1 
ATOM   199  C CB  . HIS A 1 46  ? -1.820  -4.988  9.340   1.00 20.55 ? 26  HIS A CB  1 
ATOM   200  C CG  . HIS A 1 46  ? -2.950  -4.018  9.406   1.00 22.02 ? 26  HIS A CG  1 
ATOM   201  N ND1 . HIS A 1 46  ? -4.042  -4.067  8.551   1.00 25.96 ? 26  HIS A ND1 1 
ATOM   202  C CD2 . HIS A 1 46  ? -3.218  -3.030  10.295  1.00 29.09 ? 26  HIS A CD2 1 
ATOM   203  C CE1 . HIS A 1 46  ? -4.914  -3.128  8.900   1.00 30.26 ? 26  HIS A CE1 1 
ATOM   204  N NE2 . HIS A 1 46  ? -4.433  -2.479  9.951   1.00 34.11 ? 26  HIS A NE2 1 
ATOM   205  N N   . LYS A 1 47  ? -1.256  -8.047  8.996   1.00 14.39 ? 27  LYS A N   1 
ATOM   206  C CA  . LYS A 1 47  ? -0.310  -8.770  8.222   1.00 15.43 ? 27  LYS A CA  1 
ATOM   207  C C   . LYS A 1 47  ? -0.180  -8.058  6.865   1.00 14.82 ? 27  LYS A C   1 
ATOM   208  O O   . LYS A 1 47  ? -1.184  -7.606  6.291   1.00 16.27 ? 27  LYS A O   1 
ATOM   209  C CB  . LYS A 1 47  ? -0.743  -10.186 7.917   1.00 16.64 ? 27  LYS A CB  1 
ATOM   210  C CG  . LYS A 1 47  ? -0.858  -11.063 9.193   1.00 21.14 ? 27  LYS A CG  1 
ATOM   211  C CD  . LYS A 1 47  ? -1.593  -12.402 8.962   1.00 30.92 ? 27  LYS A CD  1 
ATOM   212  C CE  . LYS A 1 47  ? -0.721  -13.612 9.094   1.00 38.65 ? 27  LYS A CE  1 
ATOM   213  N NZ  . LYS A 1 47  ? -1.491  -14.682 9.832   1.00 39.83 ? 27  LYS A NZ  1 
ATOM   214  N N   . GLU A 1 48  ? 1.041   -7.911  6.436   1.00 12.39 ? 28  GLU A N   1 
ATOM   215  C CA  . GLU A 1 48  ? 1.339   -7.307  5.103   1.00 12.16 ? 28  GLU A CA  1 
ATOM   216  C C   . GLU A 1 48  ? 1.800   -8.331  4.203   1.00 12.71 ? 28  GLU A C   1 
ATOM   217  O O   . GLU A 1 48  ? 2.870   -8.946  4.364   1.00 14.12 ? 28  GLU A O   1 
ATOM   218  C CB  . GLU A 1 48  ? 2.388   -6.180  5.270   1.00 11.98 ? 28  GLU A CB  1 
ATOM   219  C CG  . GLU A 1 48  ? 1.814   -5.044  6.098   1.00 13.34 ? 28  GLU A CG  1 
ATOM   220  C CD  . GLU A 1 48  ? 0.764   -4.221  5.407   1.00 16.03 ? 28  GLU A CD  1 
ATOM   221  O OE1 . GLU A 1 48  ? 0.548   -4.451  4.213   1.00 17.10 ? 28  GLU A OE1 1 
ATOM   222  O OE2 . GLU A 1 48  ? 0.128   -3.370  6.082   1.00 16.77 ? 28  GLU A OE2 1 
ATOM   223  N N   . ILE A 1 49  ? 0.966   -8.637  3.205   1.00 11.00 ? 29  ILE A N   1 
ATOM   224  C CA  . ILE A 1 49  ? 1.102   -9.777  2.323   1.00 12.21 ? 29  ILE A CA  1 
ATOM   225  C C   . ILE A 1 49  ? 1.374   -9.300  0.902   1.00 10.87 ? 29  ILE A C   1 
ATOM   226  O O   . ILE A 1 49  ? 0.784   -8.314  0.430   1.00 10.44 ? 29  ILE A O   1 
ATOM   227  C CB  . ILE A 1 49  ? -0.202  -10.614 2.343   1.00 12.50 ? 29  ILE A CB  1 
ATOM   228  C CG1 . ILE A 1 49  ? -0.298  -11.219 3.765   1.00 15.30 ? 29  ILE A CG1 1 
ATOM   229  C CG2 . ILE A 1 49  ? -0.130  -11.727 1.227   1.00 13.60 ? 29  ILE A CG2 1 
ATOM   230  C CD1 . ILE A 1 49  ? -1.727  -11.803 4.090   1.00 16.21 ? 29  ILE A CD1 1 
ATOM   231  N N   . ARG A 1 50  ? 2.338   -9.956  0.250   1.00 10.74 ? 30  ARG A N   1 
ATOM   232  C CA  . ARG A 1 50  ? 2.612   -9.655  -1.145  1.00 8.92  ? 30  ARG A CA  1 
ATOM   233  C C   . ARG A 1 50  ? 2.066   -10.838 -1.955  1.00 9.95  ? 30  ARG A C   1 
ATOM   234  O O   . ARG A 1 50  ? 2.378   -12.031 -1.677  1.00 10.85 ? 30  ARG A O   1 
ATOM   235  C CB  . ARG A 1 50  ? 4.133   -9.567  -1.380  1.00 10.07 ? 30  ARG A CB  1 
ATOM   236  C CG  . ARG A 1 50  ? 4.387   -9.346  -2.864  1.00 9.35  ? 30  ARG A CG  1 
ATOM   237  C CD  . ARG A 1 50  ? 5.921   -9.156  -3.129  1.00 10.20 ? 30  ARG A CD  1 
ATOM   238  N NE  . ARG A 1 50  ? 6.679   -10.362 -2.754  1.00 11.78 ? 30  ARG A NE  1 
ATOM   239  C CZ  . ARG A 1 50  ? 8.019   -10.356 -2.699  1.00 13.70 ? 30  ARG A CZ  1 
ATOM   240  N NH1 . ARG A 1 50  ? 8.610   -11.488 -2.321  1.00 16.94 ? 30  ARG A NH1 1 
ATOM   241  N NH2 . ARG A 1 50  ? 8.740   -9.290  -2.943  1.00 13.99 ? 30  ARG A NH2 1 
ATOM   242  N N   . ILE A 1 51  ? 1.328   -10.485 -3.005  1.00 9.91  ? 31  ILE A N   1 
ATOM   243  C CA  . ILE A 1 51  ? 0.894   -11.494 -3.969  1.00 8.87  ? 31  ILE A CA  1 
ATOM   244  C C   . ILE A 1 51  ? 1.640   -11.145 -5.267  1.00 10.16 ? 31  ILE A C   1 
ATOM   245  O O   . ILE A 1 51  ? 1.510   -10.062 -5.845  1.00 10.47 ? 31  ILE A O   1 
ATOM   246  C CB  . ILE A 1 51  ? -0.532  -11.400 -4.243  1.00 9.55  ? 31  ILE A CB  1 
ATOM   247  C CG1 . ILE A 1 51  ? -1.293  -11.590 -2.939  1.00 11.79 ? 31  ILE A CG1 1 
ATOM   248  C CG2 . ILE A 1 51  ? -0.922  -12.613 -5.269  1.00 11.91 ? 31  ILE A CG2 1 
ATOM   249  C CD1 . ILE A 1 51  ? -2.839  -11.412 -3.015  1.00 15.77 ? 31  ILE A CD1 1 
ATOM   250  N N   . CYS A 1 52  ? 2.430   -12.144 -5.780  1.00 9.70  ? 32  CYS A N   1 
ATOM   251  C CA  . CYS A 1 52  ? 3.003   -12.003 -7.121  1.00 10.22 ? 32  CYS A CA  1 
ATOM   252  C C   . CYS A 1 52  ? 2.180   -12.813 -8.079  1.00 10.77 ? 32  CYS A C   1 
ATOM   253  O O   . CYS A 1 52  ? 2.025   -14.066 -7.858  1.00 11.15 ? 32  CYS A O   1 
ATOM   254  C CB  . CYS A 1 52  ? 4.459   -12.457 -7.226  1.00 10.74 ? 32  CYS A CB  1 
ATOM   255  S SG  . CYS A 1 52  ? 5.612   -11.505 -6.184  1.00 14.43 ? 32  CYS A SG  1 
ATOM   256  N N   . MET A 1 53  ? 1.580   -12.187 -9.110  1.00 10.98 ? 33  MET A N   1 
ATOM   257  C CA  . MET A 1 53  ? 0.669   -12.912 -10.020 1.00 11.44 ? 33  MET A CA  1 
ATOM   258  C C   . MET A 1 53  ? 1.266   -12.884 -11.429 1.00 13.87 ? 33  MET A C   1 
ATOM   259  O O   . MET A 1 53  ? 1.346   -11.832 -12.042 1.00 13.31 ? 33  MET A O   1 
ATOM   260  C CB  . MET A 1 53  ? -0.709  -12.202 -10.045 1.00 12.33 ? 33  MET A CB  1 
ATOM   261  C CG  . MET A 1 53  ? -1.376  -12.096 -8.705  1.00 12.46 ? 33  MET A CG  1 
ATOM   262  S SD  . MET A 1 53  ? -3.109  -11.495 -8.877  1.00 15.95 ? 33  MET A SD  1 
ATOM   263  C CE  . MET A 1 53  ? -3.938  -12.890 -9.602  1.00 17.53 ? 33  MET A CE  1 
ATOM   264  N N   . PRO A 1 54  ? 1.691   -14.049 -11.931 1.00 12.76 ? 34  PRO A N   1 
ATOM   265  C CA  . PRO A 1 54  ? 2.015   -14.107 -13.379 1.00 13.89 ? 34  PRO A CA  1 
ATOM   266  C C   . PRO A 1 54  ? 0.791   -13.644 -14.215 1.00 13.37 ? 34  PRO A C   1 
ATOM   267  O O   . PRO A 1 54  ? -0.357  -13.972 -13.899 1.00 14.16 ? 34  PRO A O   1 
ATOM   268  C CB  . PRO A 1 54  ? 2.276   -15.637 -13.563 1.00 14.57 ? 34  PRO A CB  1 
ATOM   269  C CG  . PRO A 1 54  ? 2.584   -16.171 -12.203 1.00 14.91 ? 34  PRO A CG  1 
ATOM   270  C CD  . PRO A 1 54  ? 1.700   -15.340 -11.232 1.00 13.66 ? 34  PRO A CD  1 
ATOM   271  N N   . LYS A 1 55  ? 1.076   -13.033 -15.356 1.00 14.02 ? 35  LYS A N   1 
ATOM   272  C CA  . LYS A 1 55  ? 0.002   -12.766 -16.376 1.00 14.52 ? 35  LYS A CA  1 
ATOM   273  C C   . LYS A 1 55  ? -0.867  -13.973 -16.579 1.00 15.28 ? 35  LYS A C   1 
ATOM   274  O O   . LYS A 1 55  ? -0.344  -15.127 -16.783 1.00 16.89 ? 35  LYS A O   1 
ATOM   275  C CB  . LYS A 1 55  ? 0.641   -12.410 -17.707 1.00 15.56 ? 35  LYS A CB  1 
ATOM   276  C CG  . LYS A 1 55  ? -0.412  -12.015 -18.759 1.00 19.14 ? 35  LYS A CG  1 
ATOM   277  C CD  . LYS A 1 55  ? 0.329   -11.518 -20.018 1.00 23.32 ? 35  LYS A CD  1 
ATOM   278  C CE  . LYS A 1 55  ? -0.649  -10.851 -21.007 1.00 31.05 ? 35  LYS A CE  1 
ATOM   279  N NZ  . LYS A 1 55  ? 0.229   -10.152 -22.040 1.00 36.52 ? 35  LYS A NZ  1 
ATOM   280  N N   . GLY A 1 56  ? -2.177  -13.779 -16.482 1.00 14.52 ? 36  GLY A N   1 
ATOM   281  C CA  . GLY A 1 56  ? -3.144  -14.846 -16.655 1.00 15.97 ? 36  GLY A CA  1 
ATOM   282  C C   . GLY A 1 56  ? -3.504  -15.629 -15.420 1.00 17.27 ? 36  GLY A C   1 
ATOM   283  O O   . GLY A 1 56  ? -4.434  -16.425 -15.440 1.00 17.80 ? 36  GLY A O   1 
ATOM   284  N N   . ALA A 1 57  ? -2.755  -15.467 -14.300 1.00 13.85 ? 37  ALA A N   1 
ATOM   285  C CA  . ALA A 1 57  ? -3.140  -16.103 -13.088 1.00 14.50 ? 37  ALA A CA  1 
ATOM   286  C C   . ALA A 1 57  ? -4.458  -15.625 -12.488 1.00 16.59 ? 37  ALA A C   1 
ATOM   287  O O   . ALA A 1 57  ? -4.833  -14.444 -12.634 1.00 15.95 ? 37  ALA A O   1 
ATOM   288  C CB  . ALA A 1 57  ? -2.016  -16.005 -12.047 1.00 14.96 ? 37  ALA A CB  1 
ATOM   289  N N   . VAL A 1 58  ? -5.165  -16.564 -11.873 1.00 15.91 ? 38  VAL A N   1 
ATOM   290  C CA  . VAL A 1 58  ? -6.459  -16.315 -11.234 1.00 16.58 ? 38  VAL A CA  1 
ATOM   291  C C   . VAL A 1 58  ? -6.355  -16.768 -9.787  1.00 15.81 ? 38  VAL A C   1 
ATOM   292  O O   . VAL A 1 58  ? -5.876  -17.864 -9.483  1.00 15.48 ? 38  VAL A O   1 
ATOM   293  C CB  . VAL A 1 58  ? -7.520  -17.094 -11.970 1.00 17.74 ? 38  VAL A CB  1 
ATOM   294  C CG1 . VAL A 1 58  ? -8.854  -16.996 -11.246 1.00 17.19 ? 38  VAL A CG1 1 
ATOM   295  C CG2 . VAL A 1 58  ? -7.687  -16.496 -13.388 1.00 20.12 ? 38  VAL A CG2 1 
ATOM   296  N N   . MET A 1 59  ? -6.748  -15.870 -8.902  1.00 14.30 ? 39  MET A N   1 
ATOM   297  C CA  . MET A 1 59  ? -7.078  -16.187 -7.530  1.00 16.02 ? 39  MET A CA  1 
ATOM   298  C C   . MET A 1 59  ? -8.549  -16.103 -7.293  1.00 16.15 ? 39  MET A C   1 
ATOM   299  O O   . MET A 1 59  ? -9.101  -15.018 -7.083  1.00 15.96 ? 39  MET A O   1 
ATOM   300  C CB  . MET A 1 59  ? -6.448  -15.217 -6.550  1.00 19.19 ? 39  MET A CB  1 
ATOM   301  C CG  . MET A 1 59  ? -5.284  -15.718 -6.020  1.00 20.62 ? 39  MET A CG  1 
ATOM   302  S SD  . MET A 1 59  ? -4.414  -14.462 -4.982  1.00 20.27 ? 39  MET A SD  1 
ATOM   303  C CE  . MET A 1 59  ? -5.171  -14.578 -3.562  1.00 17.55 ? 39  MET A CE  1 
ATOM   304  N N   . ASP A 1 60  ? -9.240  -17.216 -7.405  1.00 16.62 ? 40  ASP A N   1 
ATOM   305  C CA  . ASP A 1 60  ? -10.689 -17.170 -7.344  1.00 17.92 ? 40  ASP A CA  1 
ATOM   306  C C   . ASP A 1 60  ? -11.173 -17.571 -5.930  1.00 18.08 ? 40  ASP A C   1 
ATOM   307  O O   . ASP A 1 60  ? -10.428 -18.215 -5.140  1.00 18.16 ? 40  ASP A O   1 
ATOM   308  C CB  . ASP A 1 60  ? -11.271 -18.044 -8.454  1.00 18.76 ? 40  ASP A CB  1 
ATOM   309  C CG  . ASP A 1 60  ? -12.757 -17.794 -8.648  1.00 23.22 ? 40  ASP A CG  1 
ATOM   310  O OD1 . ASP A 1 60  ? -13.323 -16.813 -8.132  1.00 19.36 ? 40  ASP A OD1 1 
ATOM   311  O OD2 . ASP A 1 60  ? -13.411 -18.610 -9.336  1.00 27.59 ? 40  ASP A OD2 1 
ATOM   312  N N   . LYS A 1 61  ? -12.343 -17.124 -5.578  1.00 17.65 ? 41  LYS A N   1 
ATOM   313  C CA  . LYS A 1 61  ? -13.025 -17.480 -4.312  1.00 18.20 ? 41  LYS A CA  1 
ATOM   314  C C   . LYS A 1 61  ? -12.155 -17.178 -3.108  1.00 19.45 ? 41  LYS A C   1 
ATOM   315  O O   . LYS A 1 61  ? -12.017 -17.992 -2.136  1.00 19.73 ? 41  LYS A O   1 
ATOM   316  C CB  . LYS A 1 61  ? -13.407 -18.974 -4.343  1.00 20.34 ? 41  LYS A CB  1 
ATOM   317  C CG  . LYS A 1 61  ? -14.499 -19.191 -5.430  1.00 23.53 ? 41  LYS A CG  1 
ATOM   318  C CD  . LYS A 1 61  ? -14.724 -20.686 -5.644  1.00 33.55 ? 41  LYS A CD  1 
ATOM   319  C CE  . LYS A 1 61  ? -15.696 -20.957 -6.767  1.00 39.01 ? 41  LYS A CE  1 
ATOM   320  N NZ  . LYS A 1 61  ? -16.999 -21.495 -6.255  1.00 39.58 ? 41  LYS A NZ  1 
ATOM   321  N N   . HIS A 1 62  ? -11.511 -16.006 -3.157  1.00 16.94 ? 42  HIS A N   1 
ATOM   322  C CA  . HIS A 1 62  ? -10.670 -15.566 -2.092  1.00 17.98 ? 42  HIS A CA  1 
ATOM   323  C C   . HIS A 1 62  ? -11.471 -14.864 -1.008  1.00 15.67 ? 42  HIS A C   1 
ATOM   324  O O   . HIS A 1 62  ? -12.324 -14.002 -1.271  1.00 15.37 ? 42  HIS A O   1 
ATOM   325  C CB  . HIS A 1 62  ? -9.557  -14.696 -2.693  1.00 19.67 ? 42  HIS A CB  1 
ATOM   326  C CG  . HIS A 1 62  ? -8.464  -14.356 -1.713  1.00 22.96 ? 42  HIS A CG  1 
ATOM   327  N ND1 . HIS A 1 62  ? -7.667  -15.300 -1.098  1.00 29.54 ? 42  HIS A ND1 1 
ATOM   328  C CD2 . HIS A 1 62  ? -8.079  -13.151 -1.234  1.00 23.17 ? 42  HIS A CD2 1 
ATOM   329  C CE1 . HIS A 1 62  ? -6.804  -14.678 -0.302  1.00 28.33 ? 42  HIS A CE1 1 
ATOM   330  N NE2 . HIS A 1 62  ? -7.061  -13.383 -0.330  1.00 29.06 ? 42  HIS A NE2 1 
ATOM   331  N N   . LYS A 1 63  ? -11.225 -15.241 0.246   1.00 16.72 ? 43  LYS A N   1 
ATOM   332  C CA  . LYS A 1 63  ? -11.965 -14.677 1.317   1.00 18.56 ? 43  LYS A CA  1 
ATOM   333  C C   . LYS A 1 63  ? -10.988 -14.533 2.490   1.00 19.79 ? 43  LYS A C   1 
ATOM   334  O O   . LYS A 1 63  ? -10.304 -15.510 2.835   1.00 22.70 ? 43  LYS A O   1 
ATOM   335  C CB  . LYS A 1 63  ? -13.073 -15.644 1.785   1.00 20.92 ? 43  LYS A CB  1 
ATOM   336  C CG  . LYS A 1 63  ? -14.007 -14.965 2.801   1.00 26.41 ? 43  LYS A CG  1 
ATOM   337  C CD  . LYS A 1 63  ? -15.079 -15.947 3.402   1.00 31.48 ? 43  LYS A CD  1 
ATOM   338  C CE  . LYS A 1 63  ? -16.215 -16.111 2.448   1.00 37.32 ? 43  LYS A CE  1 
ATOM   339  N NZ  . LYS A 1 63  ? -17.051 -17.266 2.886   1.00 38.26 ? 43  LYS A NZ  1 
ATOM   340  N N   . ALA A 1 64  ? -10.962 -13.361 3.070   1.00 15.56 ? 44  ALA A N   1 
ATOM   341  C CA  . ALA A 1 64  ? -9.987  -13.114 4.164   1.00 17.83 ? 44  ALA A CA  1 
ATOM   342  C C   . ALA A 1 64  ? -10.726 -13.016 5.461   1.00 17.68 ? 44  ALA A C   1 
ATOM   343  O O   . ALA A 1 64  ? -11.865 -12.522 5.503   1.00 15.68 ? 44  ALA A O   1 
ATOM   344  C CB  . ALA A 1 64  ? -9.166  -11.808 3.841   1.00 18.43 ? 44  ALA A CB  1 
ATOM   345  N N   . PRO A 1 65  ? -10.093 -13.399 6.595   1.00 19.27 ? 45  PRO A N   1 
ATOM   346  C CA  . PRO A 1 65  ? -10.876 -13.378 7.858   1.00 20.45 ? 45  PRO A CA  1 
ATOM   347  C C   . PRO A 1 65  ? -11.023 -12.022 8.518   1.00 21.19 ? 45  PRO A C   1 
ATOM   348  O O   . PRO A 1 65  ? -11.679 -11.882 9.554   1.00 24.08 ? 45  PRO A O   1 
ATOM   349  C CB  . PRO A 1 65  ? -10.074 -14.343 8.775   1.00 21.08 ? 45  PRO A CB  1 
ATOM   350  C CG  . PRO A 1 65  ? -8.618  -14.238 8.263   1.00 21.93 ? 45  PRO A CG  1 
ATOM   351  C CD  . PRO A 1 65  ? -8.698  -13.854 6.794   1.00 19.44 ? 45  PRO A CD  1 
ATOM   352  N N   . GLY A 1 66  ? -10.323 -11.020 7.965   1.00 18.11 ? 46  GLY A N   1 
ATOM   353  C CA  . GLY A 1 66  ? -10.366 -9.668  8.448   1.00 17.00 ? 46  GLY A CA  1 
ATOM   354  C C   . GLY A 1 66  ? -10.558 -8.651  7.322   1.00 16.47 ? 46  GLY A C   1 
ATOM   355  O O   . GLY A 1 66  ? -10.532 -9.076  6.151   1.00 17.30 ? 46  GLY A O   1 
ATOM   356  N N   . ALA A 1 67  ? -10.857 -7.419  7.628   1.00 15.21 ? 47  ALA A N   1 
ATOM   357  C CA  . ALA A 1 67  ? -10.921 -6.320  6.659   1.00 15.92 ? 47  ALA A CA  1 
ATOM   358  C C   . ALA A 1 67  ? -9.571  -6.299  5.923   1.00 15.40 ? 47  ALA A C   1 
ATOM   359  O O   . ALA A 1 67  ? -8.480  -6.553  6.471   1.00 16.23 ? 47  ALA A O   1 
ATOM   360  C CB  . ALA A 1 67  ? -11.139 -4.998  7.328   1.00 17.35 ? 47  ALA A CB  1 
ATOM   361  N N   . ILE A 1 68  ? -9.687  -6.049  4.640   1.00 14.06 ? 48  ILE A N   1 
ATOM   362  C CA  . ILE A 1 68  ? -8.424  -5.962  3.818   1.00 13.35 ? 48  ILE A CA  1 
ATOM   363  C C   . ILE A 1 68  ? -8.437  -4.731  2.952   1.00 12.96 ? 48  ILE A C   1 
ATOM   364  O O   . ILE A 1 68  ? -9.442  -4.127  2.653   1.00 12.09 ? 48  ILE A O   1 
ATOM   365  C CB  . ILE A 1 68  ? -8.252  -7.185  2.895   1.00 14.44 ? 48  ILE A CB  1 
ATOM   366  C CG1 . ILE A 1 68  ? -9.399  -7.245  1.845   1.00 13.80 ? 48  ILE A CG1 1 
ATOM   367  C CG2 . ILE A 1 68  ? -8.110  -8.515  3.691   1.00 13.50 ? 48  ILE A CG2 1 
ATOM   368  C CD1 . ILE A 1 68  ? -9.132  -8.434  0.938   1.00 14.41 ? 48  ILE A CD1 1 
ATOM   369  N N   . SER A 1 69  ? -7.237  -4.320  2.506   1.00 10.83 ? 49  SER A N   1 
ATOM   370  C CA  . SER A 1 69  ? -7.098  -3.470  1.332   1.00 9.93  ? 49  SER A CA  1 
ATOM   371  C C   . SER A 1 69  ? -6.187  -4.210  0.360   1.00 10.23 ? 49  SER A C   1 
ATOM   372  O O   . SER A 1 69  ? -5.304  -4.999  0.720   1.00 10.80 ? 49  SER A O   1 
ATOM   373  C CB  . SER A 1 69  ? -6.523  -2.071  1.660   1.00 11.34 ? 49  SER A CB  1 
ATOM   374  O OG  . SER A 1 69  ? -5.240  -2.231  2.351   1.00 12.91 ? 49  SER A OG  1 
ATOM   375  N N   . VAL A 1 70  ? -6.489  -3.970  -0.916  1.00 9.98  ? 50  VAL A N   1 
ATOM   376  C CA  . VAL A 1 70  ? -5.766  -4.587  -2.028  1.00 10.10 ? 50  VAL A CA  1 
ATOM   377  C C   . VAL A 1 70  ? -5.265  -3.455  -2.885  1.00 9.12  ? 50  VAL A C   1 
ATOM   378  O O   . VAL A 1 70  ? -6.007  -2.664  -3.375  1.00 10.33 ? 50  VAL A O   1 
ATOM   379  C CB  . VAL A 1 70  ? -6.662  -5.518  -2.830  1.00 9.21  ? 50  VAL A CB  1 
ATOM   380  C CG1 . VAL A 1 70  ? -5.977  -6.023  -4.046  1.00 13.40 ? 50  VAL A CG1 1 
ATOM   381  C CG2 . VAL A 1 70  ? -7.065  -6.725  -1.901  1.00 14.07 ? 50  VAL A CG2 1 
ATOM   382  N N   . GLN A 1 71  ? -3.982  -3.375  -3.136  1.00 8.36  ? 51  GLN A N   1 
ATOM   383  C CA  . GLN A 1 71  ? -3.417  -2.307  -4.010  1.00 9.27  ? 51  GLN A CA  1 
ATOM   384  C C   . GLN A 1 71  ? -2.427  -2.900  -4.986  1.00 8.77  ? 51  GLN A C   1 
ATOM   385  O O   . GLN A 1 71  ? -1.589  -3.726  -4.628  1.00 7.91  ? 51  GLN A O   1 
ATOM   386  C CB  . GLN A 1 71  ? -2.699  -1.261  -3.133  1.00 11.02 ? 51  GLN A CB  1 
ATOM   387  C CG  . GLN A 1 71  ? -2.234  -0.114  -4.058  1.00 13.24 ? 51  GLN A CG  1 
ATOM   388  C CD  . GLN A 1 71  ? -1.813  1.100   -3.291  1.00 15.05 ? 51  GLN A CD  1 
ATOM   389  O OE1 . GLN A 1 71  ? -1.211  1.033   -2.242  1.00 14.35 ? 51  GLN A OE1 1 
ATOM   390  N NE2 . GLN A 1 71  ? -2.065  2.270   -3.914  1.00 14.50 ? 51  GLN A NE2 1 
ATOM   391  N N   . VAL A 1 72  ? -2.519  -2.451  -6.224  1.00 9.07  ? 52  VAL A N   1 
ATOM   392  C CA  . VAL A 1 72  ? -1.578  -2.913  -7.296  1.00 8.47  ? 52  VAL A CA  1 
ATOM   393  C C   . VAL A 1 72  ? -0.349  -2.056  -7.225  1.00 9.15  ? 52  VAL A C   1 
ATOM   394  O O   . VAL A 1 72  ? -0.383  -0.832  -7.421  1.00 9.87  ? 52  VAL A O   1 
ATOM   395  C CB  . VAL A 1 72  ? -2.266  -2.798  -8.639  1.00 9.77  ? 52  VAL A CB  1 
ATOM   396  C CG1 . VAL A 1 72  ? -1.268  -3.316  -9.736  1.00 10.59 ? 52  VAL A CG1 1 
ATOM   397  C CG2 . VAL A 1 72  ? -3.592  -3.625  -8.651  1.00 11.64 ? 52  VAL A CG2 1 
ATOM   398  N N   . LEU A 1 73  ? 0.806   -2.661  -6.936  1.00 9.45  ? 53  LEU A N   1 
ATOM   399  C CA  . LEU A 1 73  ? 2.109   -1.954  -6.933  1.00 9.28  ? 53  LEU A CA  1 
ATOM   400  C C   . LEU A 1 73  ? 2.758   -1.962  -8.274  1.00 10.41 ? 53  LEU A C   1 
ATOM   401  O O   . LEU A 1 73  ? 3.553   -1.009  -8.537  1.00 13.23 ? 53  LEU A O   1 
ATOM   402  C CB  . LEU A 1 73  ? 3.043   -2.571  -5.885  1.00 9.65  ? 53  LEU A CB  1 
ATOM   403  C CG  . LEU A 1 73  ? 2.499   -2.654  -4.457  1.00 9.74  ? 53  LEU A CG  1 
ATOM   404  C CD1 . LEU A 1 73  ? 3.585   -3.339  -3.529  1.00 12.88 ? 53  LEU A CD1 1 
ATOM   405  C CD2 . LEU A 1 73  ? 2.195   -1.323  -3.908  1.00 16.18 ? 53  LEU A CD2 1 
ATOM   406  N N   . GLU A 1 74  ? 2.518   -3.003  -9.074  1.00 8.84  ? 54  GLU A N   1 
ATOM   407  C CA  . GLU A 1 74  ? 3.100   -3.114  -10.432 1.00 10.05 ? 54  GLU A CA  1 
ATOM   408  C C   . GLU A 1 74  ? 2.085   -3.947  -11.187 1.00 10.85 ? 54  GLU A C   1 
ATOM   409  O O   . GLU A 1 74  ? 1.499   -4.912  -10.632 1.00 10.09 ? 54  GLU A O   1 
ATOM   410  C CB  . GLU A 1 74  ? 4.431   -3.871  -10.277 1.00 12.76 ? 54  GLU A CB  1 
ATOM   411  C CG  . GLU A 1 74  ? 5.156   -4.234  -11.614 1.00 20.53 ? 54  GLU A CG  1 
ATOM   412  C CD  . GLU A 1 74  ? 6.556   -4.829  -11.300 1.00 33.93 ? 54  GLU A CD  1 
ATOM   413  O OE1 . GLU A 1 74  ? 7.281   -4.125  -10.543 1.00 38.38 ? 54  GLU A OE1 1 
ATOM   414  O OE2 . GLU A 1 74  ? 6.921   -5.948  -11.798 1.00 38.85 ? 54  GLU A OE2 1 
ATOM   415  N N   . GLY A 1 75  ? 1.872   -3.688  -12.479 1.00 10.19 ? 55  GLY A N   1 
ATOM   416  C CA  . GLY A 1 75  ? 0.992   -4.500  -13.279 1.00 10.09 ? 55  GLY A CA  1 
ATOM   417  C C   . GLY A 1 75  ? -0.420  -4.017  -13.389 1.00 9.76  ? 55  GLY A C   1 
ATOM   418  O O   . GLY A 1 75  ? -0.702  -2.775  -13.390 1.00 11.28 ? 55  GLY A O   1 
ATOM   419  N N   . LYS A 1 76  ? -1.298  -4.975  -13.527 1.00 11.08 ? 56  LYS A N   1 
ATOM   420  C CA  . LYS A 1 76  ? -2.689  -4.649  -13.710 1.00 12.12 ? 56  LYS A CA  1 
ATOM   421  C C   . LYS A 1 76  ? -3.532  -5.867  -13.496 1.00 11.43 ? 56  LYS A C   1 
ATOM   422  O O   . LYS A 1 76  ? -3.273  -6.924  -14.051 1.00 11.18 ? 56  LYS A O   1 
ATOM   423  C CB  . LYS A 1 76  ? -2.946  -4.093  -15.155 1.00 12.41 ? 56  LYS A CB  1 
ATOM   424  C CG  . LYS A 1 76  ? -4.487  -3.658  -15.305 1.00 14.21 ? 56  LYS A CG  1 
ATOM   425  C CD  . LYS A 1 76  ? -4.829  -3.166  -16.704 1.00 19.61 ? 56  LYS A CD  1 
ATOM   426  C CE  . LYS A 1 76  ? -6.289  -2.795  -16.621 1.00 24.09 ? 56  LYS A CE  1 
ATOM   427  N NZ  . LYS A 1 76  ? -6.829  -2.149  -17.926 1.00 26.13 ? 56  LYS A NZ  1 
ATOM   428  N N   . ILE A 1 77  ? -4.614  -5.717  -12.696 1.00 10.06 ? 57  ILE A N   1 
ATOM   429  C CA  . ILE A 1 77  ? -5.505  -6.846  -12.500 1.00 11.96 ? 57  ILE A CA  1 
ATOM   430  C C   . ILE A 1 77  ? -6.949  -6.436  -12.723 1.00 12.52 ? 57  ILE A C   1 
ATOM   431  O O   . ILE A 1 77  ? -7.253  -5.217  -12.833 1.00 12.69 ? 57  ILE A O   1 
ATOM   432  C CB  . ILE A 1 77  ? -5.397  -7.433  -11.017 1.00 11.70 ? 57  ILE A CB  1 
ATOM   433  C CG1 . ILE A 1 77  ? -5.974  -6.393  -10.005 1.00 12.22 ? 57  ILE A CG1 1 
ATOM   434  C CG2 . ILE A 1 77  ? -3.969  -7.756  -10.642 1.00 13.36 ? 57  ILE A CG2 1 
ATOM   435  C CD1 . ILE A 1 77  ? -5.999  -6.996  -8.527  1.00 12.77 ? 57  ILE A CD1 1 
ATOM   436  N N   . VAL A 1 78  ? -7.827  -7.432  -12.792 1.00 12.57 ? 58  VAL A N   1 
ATOM   437  C CA  . VAL A 1 78  ? -9.259  -7.210  -12.678 1.00 12.48 ? 58  VAL A CA  1 
ATOM   438  C C   . VAL A 1 78  ? -9.703  -7.787  -11.362 1.00 11.96 ? 58  VAL A C   1 
ATOM   439  O O   . VAL A 1 78  ? -9.222  -8.889  -10.976 1.00 13.86 ? 58  VAL A O   1 
ATOM   440  C CB  . VAL A 1 78  ? -10.039 -7.801  -13.873 1.00 14.89 ? 58  VAL A CB  1 
ATOM   441  C CG1 . VAL A 1 78  ? -11.575 -7.590  -13.650 1.00 19.07 ? 58  VAL A CG1 1 
ATOM   442  C CG2 . VAL A 1 78  ? -9.637  -7.113  -15.122 1.00 20.47 ? 58  VAL A CG2 1 
ATOM   443  N N   . PHE A 1 79  ? -10.443 -7.019  -10.591 1.00 11.77 ? 59  PHE A N   1 
ATOM   444  C CA  . PHE A 1 79  ? -10.874 -7.447  -9.283  1.00 11.71 ? 59  PHE A CA  1 
ATOM   445  C C   . PHE A 1 79  ? -12.388 -7.619  -9.330  1.00 12.98 ? 59  PHE A C   1 
ATOM   446  O O   . PHE A 1 79  ? -13.140 -6.665  -9.727  1.00 11.97 ? 59  PHE A O   1 
ATOM   447  C CB  . PHE A 1 79  ? -10.530 -6.337  -8.308  1.00 10.90 ? 59  PHE A CB  1 
ATOM   448  C CG  . PHE A 1 79  ? -10.636 -6.706  -6.925  1.00 12.40 ? 59  PHE A CG  1 
ATOM   449  C CD1 . PHE A 1 79  ? -9.577  -7.312  -6.275  1.00 14.17 ? 59  PHE A CD1 1 
ATOM   450  C CD2 . PHE A 1 79  ? -11.807 -6.480  -6.216  1.00 14.18 ? 59  PHE A CD2 1 
ATOM   451  C CE1 . PHE A 1 79  ? -9.672  -7.678  -4.923  1.00 16.32 ? 59  PHE A CE1 1 
ATOM   452  C CE2 . PHE A 1 79  ? -11.940 -6.853  -4.811  1.00 15.98 ? 59  PHE A CE2 1 
ATOM   453  C CZ  . PHE A 1 79  ? -10.855 -7.459  -4.204  1.00 16.46 ? 59  PHE A CZ  1 
ATOM   454  N N   . GLU A 1 80  ? -12.914 -8.777  -8.907  1.00 12.98 ? 60  GLU A N   1 
ATOM   455  C CA  . GLU A 1 80  ? -14.369 -8.965  -8.886  1.00 12.52 ? 60  GLU A CA  1 
ATOM   456  C C   . GLU A 1 80  ? -14.855 -9.109  -7.473  1.00 12.71 ? 60  GLU A C   1 
ATOM   457  O O   . GLU A 1 80  ? -14.296 -9.816  -6.648  1.00 13.18 ? 60  GLU A O   1 
ATOM   458  C CB  . GLU A 1 80  ? -14.727 -10.271 -9.606  1.00 13.78 ? 60  GLU A CB  1 
ATOM   459  C CG  . GLU A 1 80  ? -14.382 -10.317 -11.064 1.00 17.96 ? 60  GLU A CG  1 
ATOM   460  C CD  . GLU A 1 80  ? -14.844 -11.602 -11.750 1.00 21.22 ? 60  GLU A CD  1 
ATOM   461  O OE1 . GLU A 1 80  ? -15.548 -12.437 -11.102 1.00 22.06 ? 60  GLU A OE1 1 
ATOM   462  O OE2 . GLU A 1 80  ? -14.529 -11.797 -12.966 1.00 25.69 ? 60  GLU A OE2 1 
ATOM   463  N N   . VAL A 1 81  ? -15.958 -8.457  -7.218  1.00 12.23 ? 61  VAL A N   1 
ATOM   464  C CA  . VAL A 1 81  ? -16.651 -8.563  -5.915  1.00 12.75 ? 61  VAL A CA  1 
ATOM   465  C C   . VAL A 1 81  ? -18.156 -8.323  -6.149  1.00 13.53 ? 61  VAL A C   1 
ATOM   466  O O   . VAL A 1 81  ? -18.516 -7.543  -7.056  1.00 13.69 ? 61  VAL A O   1 
ATOM   467  C CB  . VAL A 1 81  ? -16.023 -7.584  -4.935  1.00 15.19 ? 61  VAL A CB  1 
ATOM   468  C CG1 . VAL A 1 81  ? -16.111 -6.155  -5.404  1.00 16.28 ? 61  VAL A CG1 1 
ATOM   469  C CG2 . VAL A 1 81  ? -16.626 -7.772  -3.527  1.00 15.53 ? 61  VAL A CG2 1 
ATOM   470  N N   . GLY A 1 82  ? -18.988 -9.091  -5.457  1.00 12.53 ? 62  GLY A N   1 
ATOM   471  C CA  . GLY A 1 82  ? -20.464 -8.907  -5.779  1.00 13.12 ? 62  GLY A CA  1 
ATOM   472  C C   . GLY A 1 82  ? -20.741 -9.219  -7.252  1.00 13.64 ? 62  GLY A C   1 
ATOM   473  O O   . GLY A 1 82  ? -20.213 -10.205 -7.772  1.00 12.63 ? 62  GLY A O   1 
ATOM   474  N N   . ASP A 1 83  ? -21.503 -8.309  -7.933  1.00 13.56 ? 63  ASP A N   1 
ATOM   475  C CA  . ASP A 1 83  ? -21.603 -8.468  -9.385  1.00 15.11 ? 63  ASP A CA  1 
ATOM   476  C C   . ASP A 1 83  ? -20.784 -7.472  -10.187 1.00 15.64 ? 63  ASP A C   1 
ATOM   477  O O   . ASP A 1 83  ? -21.083 -7.247  -11.373 1.00 16.52 ? 63  ASP A O   1 
ATOM   478  C CB  . ASP A 1 83  ? -23.069 -8.403  -9.850  1.00 15.83 ? 63  ASP A CB  1 
ATOM   479  C CG  . ASP A 1 83  ? -23.764 -7.134  -9.516  1.00 17.98 ? 63  ASP A CG  1 
ATOM   480  O OD1 . ASP A 1 83  ? -23.123 -6.155  -8.963  1.00 19.40 ? 63  ASP A OD1 1 
ATOM   481  O OD2 . ASP A 1 83  ? -25.006 -7.012  -9.759  1.00 15.48 ? 63  ASP A OD2 1 
ATOM   482  N N   . GLU A 1 84  ? -19.704 -6.971  -9.571  1.00 16.25 ? 64  GLU A N   1 
ATOM   483  C CA  . GLU A 1 84  ? -18.839 -5.923  -10.193 1.00 16.91 ? 64  GLU A CA  1 
ATOM   484  C C   . GLU A 1 84  ? -17.541 -6.515  -10.660 1.00 15.92 ? 64  GLU A C   1 
ATOM   485  O O   . GLU A 1 84  ? -17.021 -7.489  -10.098 1.00 16.11 ? 64  GLU A O   1 
ATOM   486  C CB  . GLU A 1 84  ? -18.557 -4.851  -9.153  1.00 17.45 ? 64  GLU A CB  1 
ATOM   487  C CG  . GLU A 1 84  ? -19.754 -3.958  -8.953  1.00 24.27 ? 64  GLU A CG  1 
ATOM   488  C CD  . GLU A 1 84  ? -19.471 -2.908  -7.981  1.00 37.29 ? 64  GLU A CD  1 
ATOM   489  O OE1 . GLU A 1 84  ? -18.959 -1.867  -8.431  1.00 44.27 ? 64  GLU A OE1 1 
ATOM   490  O OE2 . GLU A 1 84  ? -19.710 -3.148  -6.775  1.00 42.80 ? 64  GLU A OE2 1 
ATOM   491  N N   . LYS A 1 85  ? -17.003 -5.924  -11.734 1.00 16.99 ? 65  LYS A N   1 
ATOM   492  C CA  . LYS A 1 85  ? -15.717 -6.369  -12.288 1.00 18.78 ? 65  LYS A CA  1 
ATOM   493  C C   . LYS A 1 85  ? -14.981 -5.057  -12.464 1.00 19.48 ? 65  LYS A C   1 
ATOM   494  O O   . LYS A 1 85  ? -15.439 -4.212  -13.255 1.00 22.13 ? 65  LYS A O   1 
ATOM   495  C CB  . LYS A 1 85  ? -15.913 -7.050  -13.623 1.00 21.15 ? 65  LYS A CB  1 
ATOM   496  C CG  . LYS A 1 85  ? -14.725 -7.892  -14.006 1.00 28.46 ? 65  LYS A CG  1 
ATOM   497  C CD  . LYS A 1 85  ? -14.529 -8.191  -15.512 1.00 35.73 ? 65  LYS A CD  1 
ATOM   498  C CE  . LYS A 1 85  ? -15.678 -8.997  -16.074 1.00 38.85 ? 65  LYS A CE  1 
ATOM   499  N NZ  . LYS A 1 85  ? -15.834 -10.348 -15.476 1.00 45.48 ? 65  LYS A NZ  1 
ATOM   500  N N   . ILE A 1 86  ? -13.918 -4.823  -11.715 1.00 17.04 ? 66  ILE A N   1 
ATOM   501  C CA  . ILE A 1 86  ? -13.287 -3.509  -11.662 1.00 17.05 ? 66  ILE A CA  1 
ATOM   502  C C   . ILE A 1 86  ? -11.832 -3.619  -12.140 1.00 15.73 ? 66  ILE A C   1 
ATOM   503  O O   . ILE A 1 86  ? -11.078 -4.457  -11.632 1.00 13.69 ? 66  ILE A O   1 
ATOM   504  C CB  . ILE A 1 86  ? -13.180 -3.122  -10.172 1.00 16.29 ? 66  ILE A CB  1 
ATOM   505  C CG1 . ILE A 1 86  ? -14.656 -3.079  -9.626  1.00 23.36 ? 66  ILE A CG1 1 
ATOM   506  C CG2 . ILE A 1 86  ? -12.440 -1.813  -9.963  1.00 22.36 ? 66  ILE A CG2 1 
ATOM   507  C CD1 . ILE A 1 86  ? -14.900 -2.988  -8.140  1.00 23.62 ? 66  ILE A CD1 1 
ATOM   508  N N   . GLU A 1 87  ? -11.445 -2.815  -13.080 1.00 15.01 ? 67  GLU A N   1 
ATOM   509  C CA  . GLU A 1 87  ? -10.037 -2.836  -13.546 1.00 15.62 ? 67  GLU A CA  1 
ATOM   510  C C   . GLU A 1 87  ? -9.225  -2.027  -12.578 1.00 13.99 ? 67  GLU A C   1 
ATOM   511  O O   . GLU A 1 87  ? -9.605  -0.961  -12.059 1.00 15.42 ? 67  GLU A O   1 
ATOM   512  C CB  . GLU A 1 87  ? -9.836  -2.205  -14.926 1.00 17.07 ? 67  GLU A CB  1 
ATOM   513  C CG  . GLU A 1 87  ? -10.497 -3.065  -15.971 1.00 21.95 ? 67  GLU A CG  1 
ATOM   514  C CD  . GLU A 1 87  ? -10.368 -2.500  -17.379 1.00 32.91 ? 67  GLU A CD  1 
ATOM   515  O OE1 . GLU A 1 87  ? -9.412  -1.745  -17.650 1.00 32.87 ? 67  GLU A OE1 1 
ATOM   516  O OE2 . GLU A 1 87  ? -11.253 -2.846  -18.194 1.00 40.65 ? 67  GLU A OE2 1 
ATOM   517  N N   . MET A 1 88  ? -8.095  -2.627  -12.211 1.00 10.21 ? 68  MET A N   1 
ATOM   518  C CA  . MET A 1 88  ? -7.123  -2.020  -11.272 1.00 9.63  ? 68  MET A CA  1 
ATOM   519  C C   . MET A 1 88  ? -5.719  -1.910  -11.839 1.00 10.66 ? 68  MET A C   1 
ATOM   520  O O   . MET A 1 88  ? -4.962  -2.839  -11.736 1.00 10.11 ? 68  MET A O   1 
ATOM   521  C CB  . MET A 1 88  ? -7.157  -2.824  -9.981  1.00 10.04 ? 68  MET A CB  1 
ATOM   522  C CG  . MET A 1 88  ? -8.453  -2.784  -9.174  1.00 10.92 ? 68  MET A CG  1 
ATOM   523  S SD  . MET A 1 88  ? -8.449  -3.606  -7.594  1.00 12.43 ? 68  MET A SD  1 
ATOM   524  C CE  . MET A 1 88  ? -7.295  -2.504  -6.701  1.00 13.20 ? 68  MET A CE  1 
ATOM   525  N N   . PRO A 1 89  ? -5.417  -0.784  -12.466 1.00 10.83 ? 69  PRO A N   1 
ATOM   526  C CA  . PRO A 1 89  ? -4.011  -0.530  -12.904 1.00 11.52 ? 69  PRO A CA  1 
ATOM   527  C C   . PRO A 1 89  ? -3.142  -0.179  -11.750 1.00 10.02 ? 69  PRO A C   1 
ATOM   528  O O   . PRO A 1 89  ? -3.524  -0.116  -10.558 1.00 10.62 ? 69  PRO A O   1 
ATOM   529  C CB  . PRO A 1 89  ? -4.204  0.664   -13.896 1.00 13.78 ? 69  PRO A CB  1 
ATOM   530  C CG  . PRO A 1 89  ? -5.449  1.363   -13.378 1.00 16.22 ? 69  PRO A CG  1 
ATOM   531  C CD  . PRO A 1 89  ? -6.362  0.329   -12.693 1.00 11.96 ? 69  PRO A CD  1 
ATOM   532  N N   . LYS A 1 90  ? -1.863  0.065   -12.035 1.00 11.28 ? 70  LYS A N   1 
ATOM   533  C CA  . LYS A 1 90  ? -0.880  0.336   -11.015 1.00 10.47 ? 70  LYS A CA  1 
ATOM   534  C C   . LYS A 1 90  ? -1.329  1.515   -10.167 1.00 10.36 ? 70  LYS A C   1 
ATOM   535  O O   . LYS A 1 90  ? -1.760  2.625   -10.699 1.00 13.00 ? 70  LYS A O   1 
ATOM   536  C CB  . LYS A 1 90  ? 0.485   0.656   -11.672 1.00 13.18 ? 70  LYS A CB  1 
ATOM   537  C CG  . LYS A 1 90  ? 1.592   0.899   -10.730 1.00 13.93 ? 70  LYS A CG  1 
ATOM   538  C CD  . LYS A 1 90  ? 2.843   1.469   -11.468 1.00 17.88 ? 70  LYS A CD  1 
ATOM   539  C CE  . LYS A 1 90  ? 3.918   1.859   -10.457 1.00 23.91 ? 70  LYS A CE  1 
ATOM   540  N NZ  . LYS A 1 90  ? 5.130   2.481   -11.081 1.00 29.59 ? 70  LYS A NZ  1 
ATOM   541  N N   . GLY A 1 91  ? -1.261  1.340   -8.858  1.00 9.13  ? 71  GLY A N   1 
ATOM   542  C CA  . GLY A 1 91  ? -1.686  2.370   -7.941  1.00 12.10 ? 71  GLY A CA  1 
ATOM   543  C C   . GLY A 1 91  ? -3.118  2.274   -7.440  1.00 10.18 ? 71  GLY A C   1 
ATOM   544  O O   . GLY A 1 91  ? -3.453  2.991   -6.476  1.00 11.16 ? 71  GLY A O   1 
ATOM   545  N N   . ALA A 1 92  ? -3.959  1.499   -8.114  1.00 8.17  ? 72  ALA A N   1 
ATOM   546  C CA  . ALA A 1 92  ? -5.351  1.403   -7.667  1.00 8.36  ? 72  ALA A CA  1 
ATOM   547  C C   . ALA A 1 92  ? -5.430  0.604   -6.392  1.00 9.04  ? 72  ALA A C   1 
ATOM   548  O O   . ALA A 1 92  ? -4.709  -0.356  -6.184  1.00 8.36  ? 72  ALA A O   1 
ATOM   549  C CB  . ALA A 1 92  ? -6.243  0.733   -8.748  1.00 11.44 ? 72  ALA A CB  1 
ATOM   550  N N   . LEU A 1 93  ? -6.357  1.013   -5.559  1.00 9.70  ? 73  LEU A N   1 
ATOM   551  C CA  . LEU A 1 93  ? -6.627  0.427   -4.241  1.00 10.04 ? 73  LEU A CA  1 
ATOM   552  C C   . LEU A 1 93  ? -8.112  0.174   -4.049  1.00 11.82 ? 73  LEU A C   1 
ATOM   553  O O   . LEU A 1 93  ? -8.920  1.031   -4.414  1.00 11.52 ? 73  LEU A O   1 
ATOM   554  C CB  . LEU A 1 93  ? -6.161  1.447   -3.119  1.00 10.80 ? 73  LEU A CB  1 
ATOM   555  C CG  . LEU A 1 93  ? -6.420  0.934   -1.689  1.00 12.89 ? 73  LEU A CG  1 
ATOM   556  C CD1 . LEU A 1 93  ? -5.207  1.362   -0.804  1.00 17.96 ? 73  LEU A CD1 1 
ATOM   557  C CD2 . LEU A 1 93  ? -7.700  1.393   -1.158  1.00 19.24 ? 73  LEU A CD2 1 
ATOM   558  N N   . ILE A 1 94  ? -8.439  -0.964  -3.462  1.00 9.53  ? 74  ILE A N   1 
ATOM   559  C CA  . ILE A 1 94  ? -9.832  -1.193  -2.991  1.00 11.17 ? 74  ILE A CA  1 
ATOM   560  C C   . ILE A 1 94  ? -9.760  -1.711  -1.585  1.00 11.69 ? 74  ILE A C   1 
ATOM   561  O O   . ILE A 1 94  ? -8.785  -2.439  -1.229  1.00 12.41 ? 74  ILE A O   1 
ATOM   562  C CB  . ILE A 1 94  ? -10.575 -2.168  -3.921  1.00 10.79 ? 74  ILE A CB  1 
ATOM   563  C CG1 . ILE A 1 94  ? -12.075 -2.107  -3.682  1.00 16.75 ? 74  ILE A CG1 1 
ATOM   564  C CG2 . ILE A 1 94  ? -9.924  -3.549  -3.944  1.00 14.46 ? 74  ILE A CG2 1 
ATOM   565  C CD1 . ILE A 1 94  ? -12.880 -2.976  -4.683  1.00 21.95 ? 74  ILE A CD1 1 
ATOM   566  N N   . SER A 1 95  ? -10.819 -1.462  -0.807  1.00 13.46 ? 75  SER A N   1 
ATOM   567  C CA  . SER A 1 95  ? -10.850 -1.976  0.539   1.00 13.85 ? 75  SER A CA  1 
ATOM   568  C C   . SER A 1 95  ? -12.138 -2.771  0.710   1.00 14.39 ? 75  SER A C   1 
ATOM   569  O O   . SER A 1 95  ? -13.214 -2.346  0.177   1.00 15.41 ? 75  SER A O   1 
ATOM   570  C CB  . SER A 1 95  ? -10.821 -0.799  1.528   1.00 16.68 ? 75  SER A CB  1 
ATOM   571  O OG  . SER A 1 95  ? -9.544  -0.071  1.408   1.00 21.03 ? 75  SER A OG  1 
ATOM   572  N N   . LEU A 1 96  ? -12.069 -3.834  1.476   1.00 12.59 ? 76  LEU A N   1 
ATOM   573  C CA  . LEU A 1 96  ? -13.242 -4.711  1.671   1.00 14.05 ? 76  LEU A CA  1 
ATOM   574  C C   . LEU A 1 96  ? -13.383 -5.009  3.158   1.00 16.49 ? 76  LEU A C   1 
ATOM   575  O O   . LEU A 1 96  ? -12.416 -5.164  3.887   1.00 15.88 ? 76  LEU A O   1 
ATOM   576  C CB  . LEU A 1 96  ? -13.091 -6.059  0.983   1.00 15.46 ? 76  LEU A CB  1 
ATOM   577  C CG  . LEU A 1 96  ? -13.199 -6.249  -0.568  1.00 19.07 ? 76  LEU A CG  1 
ATOM   578  C CD1 . LEU A 1 96  ? -12.975 -7.681  -1.023  1.00 17.09 ? 76  LEU A CD1 1 
ATOM   579  C CD2 . LEU A 1 96  ? -14.536 -5.693  -1.094  1.00 26.54 ? 76  LEU A CD2 1 
ATOM   580  N N   . GLU A 1 97  ? -14.657 -5.174  3.582   1.00 15.14 ? 77  GLU A N   1 
ATOM   581  C CA  . GLU A 1 97  ? -14.907 -5.722  4.928   1.00 18.86 ? 77  GLU A CA  1 
ATOM   582  C C   . GLU A 1 97  ? -14.519 -7.158  5.022   1.00 15.72 ? 77  GLU A C   1 
ATOM   583  O O   . GLU A 1 97  ? -14.290 -7.887  4.043   1.00 16.76 ? 77  GLU A O   1 
ATOM   584  C CB  . GLU A 1 97  ? -16.421 -5.653  5.185   1.00 21.07 ? 77  GLU A CB  1 
ATOM   585  C CG  . GLU A 1 97  ? -17.029 -4.287  5.031   1.00 31.91 ? 77  GLU A CG  1 
ATOM   586  C CD  . GLU A 1 97  ? -16.545 -3.295  6.078   1.00 43.14 ? 77  GLU A CD  1 
ATOM   587  O OE1 . GLU A 1 97  ? -15.774 -3.688  7.005   1.00 49.70 ? 77  GLU A OE1 1 
ATOM   588  O OE2 . GLU A 1 97  ? -16.957 -2.108  6.000   1.00 48.48 ? 77  GLU A OE2 1 
ATOM   589  N N   . ALA A 1 98  ? -14.489 -7.670  6.271   1.00 16.98 ? 78  ALA A N   1 
ATOM   590  C CA  . ALA A 1 98  ? -14.085 -9.003  6.500   1.00 16.26 ? 78  ALA A CA  1 
ATOM   591  C C   . ALA A 1 98  ? -14.983 -10.008 5.804   1.00 16.91 ? 78  ALA A C   1 
ATOM   592  O O   . ALA A 1 98  ? -16.217 -9.788  5.737   1.00 17.94 ? 78  ALA A O   1 
ATOM   593  C CB  . ALA A 1 98  ? -14.045 -9.339  8.078   1.00 18.36 ? 78  ALA A CB  1 
ATOM   594  N N   . GLN A 1 99  ? -14.394 -11.086 5.314   1.00 16.67 ? 79  GLN A N   1 
ATOM   595  C CA  . GLN A 1 99  ? -15.177 -12.253 4.868   1.00 19.06 ? 79  GLN A CA  1 
ATOM   596  C C   . GLN A 1 99  ? -15.898 -12.060 3.500   1.00 20.52 ? 79  GLN A C   1 
ATOM   597  O O   . GLN A 1 99  ? -16.519 -13.020 2.979   1.00 22.53 ? 79  GLN A O   1 
ATOM   598  C CB  . GLN A 1 99  ? -16.192 -12.705 5.957   1.00 21.13 ? 79  GLN A CB  1 
ATOM   599  C CG  . GLN A 1 99  ? -15.435 -13.195 7.209   1.00 28.45 ? 79  GLN A CG  1 
ATOM   600  C CD  . GLN A 1 99  ? -15.091 -14.600 7.010   1.00 36.65 ? 79  GLN A CD  1 
ATOM   601  O OE1 . GLN A 1 99  ? -13.941 -15.019 7.095   1.00 44.43 ? 79  GLN A OE1 1 
ATOM   602  N NE2 . GLN A 1 99  ? -16.124 -15.389 6.691   1.00 46.45 ? 79  GLN A NE2 1 
ATOM   603  N N   . VAL A 1 100 ? -15.648 -10.931 2.847   1.00 18.22 ? 80  VAL A N   1 
ATOM   604  C CA  . VAL A 1 100 ? -16.277 -10.654 1.567   1.00 16.74 ? 80  VAL A CA  1 
ATOM   605  C C   . VAL A 1 100 ? -15.544 -11.426 0.459   1.00 15.36 ? 80  VAL A C   1 
ATOM   606  O O   . VAL A 1 100 ? -14.314 -11.253 0.217   1.00 14.75 ? 80  VAL A O   1 
ATOM   607  C CB  . VAL A 1 100 ? -16.270 -9.176  1.277   1.00 16.78 ? 80  VAL A CB  1 
ATOM   608  C CG1 . VAL A 1 100 ? -16.797 -8.864  -0.148  1.00 17.40 ? 80  VAL A CG1 1 
ATOM   609  C CG2 . VAL A 1 100 ? -17.194 -8.451  2.271   1.00 17.16 ? 80  VAL A CG2 1 
ATOM   610  N N   . LEU A 1 101 ? -16.242 -12.300 -0.245  1.00 14.73 ? 81  LEU A N   1 
ATOM   611  C CA  . LEU A 1 101 ? -15.640 -13.145 -1.276  1.00 13.06 ? 81  LEU A CA  1 
ATOM   612  C C   . LEU A 1 101 ? -15.300 -12.335 -2.524  1.00 14.07 ? 81  LEU A C   1 
ATOM   613  O O   . LEU A 1 101 ? -16.078 -11.473 -2.943  1.00 15.03 ? 81  LEU A O   1 
ATOM   614  C CB  . LEU A 1 101 ? -16.645 -14.282 -1.692  1.00 15.09 ? 81  LEU A CB  1 
ATOM   615  C CG  . LEU A 1 101 ? -16.003 -15.469 -2.383  1.00 13.83 ? 81  LEU A CG  1 
ATOM   616  C CD1 . LEU A 1 101 ? -15.070 -16.293 -1.551  1.00 17.39 ? 81  LEU A CD1 1 
ATOM   617  C CD2 . LEU A 1 101 ? -17.117 -16.472 -2.910  1.00 15.74 ? 81  LEU A CD2 1 
ATOM   618  N N   . HIS A 1 102 ? -14.150 -12.637 -3.122  1.00 12.25 ? 82  HIS A N   1 
ATOM   619  C CA  . HIS A 1 102 ? -13.726 -11.874 -4.319  1.00 12.26 ? 82  HIS A CA  1 
ATOM   620  C C   . HIS A 1 102 ? -12.809 -12.660 -5.154  1.00 12.71 ? 82  HIS A C   1 
ATOM   621  O O   . HIS A 1 102 ? -12.388 -13.810 -4.798  1.00 13.03 ? 82  HIS A O   1 
ATOM   622  C CB  . HIS A 1 102 ? -13.075 -10.515 -3.852  1.00 12.69 ? 82  HIS A CB  1 
ATOM   623  C CG  . HIS A 1 102 ? -11.918 -10.724 -2.922  1.00 12.63 ? 82  HIS A CG  1 
ATOM   624  N ND1 . HIS A 1 102 ? -12.043 -10.936 -1.562  1.00 12.71 ? 82  HIS A ND1 1 
ATOM   625  C CD2 . HIS A 1 102 ? -10.583 -10.858 -3.200  1.00 14.32 ? 82  HIS A CD2 1 
ATOM   626  C CE1 . HIS A 1 102 ? -10.831 -11.100 -1.021  1.00 14.59 ? 82  HIS A CE1 1 
ATOM   627  N NE2 . HIS A 1 102 ? -9.925  -11.061 -1.987  1.00 14.40 ? 82  HIS A NE2 1 
ATOM   628  N N   . ARG A 1 103 ? -12.436 -12.145 -6.326  1.00 10.98 ? 83  ARG A N   1 
ATOM   629  C CA  . ARG A 1 103 ? -11.583 -12.847 -7.324  1.00 12.18 ? 83  ARG A CA  1 
ATOM   630  C C   . ARG A 1 103 ? -10.607 -11.819 -7.889  1.00 12.30 ? 83  ARG A C   1 
ATOM   631  O O   . ARG A 1 103 ? -11.010 -10.647 -8.078  1.00 13.38 ? 83  ARG A O   1 
ATOM   632  C CB  . ARG A 1 103 ? -12.456 -13.437 -8.455  1.00 12.67 ? 83  ARG A CB  1 
ATOM   633  C CG  . ARG A 1 103 ? -11.715 -13.996 -9.631  1.00 13.39 ? 83  ARG A CG  1 
ATOM   634  C CD  . ARG A 1 103 ? -12.732 -14.491 -10.701 1.00 14.02 ? 83  ARG A CD  1 
ATOM   635  N NE  . ARG A 1 103 ? -11.938 -14.842 -11.864 1.00 20.13 ? 83  ARG A NE  1 
ATOM   636  C CZ  . ARG A 1 103 ? -12.285 -15.694 -12.806 1.00 26.82 ? 83  ARG A CZ  1 
ATOM   637  N NH1 . ARG A 1 103 ? -13.504 -16.268 -12.727 1.00 30.31 ? 83  ARG A NH1 1 
ATOM   638  N NH2 . ARG A 1 103 ? -11.429 -15.946 -13.777 1.00 24.40 ? 83  ARG A NH2 1 
ATOM   639  N N   . LEU A 1 104 ? -9.385  -12.239 -8.120  1.00 11.62 ? 84  LEU A N   1 
ATOM   640  C CA  . LEU A 1 104 ? -8.366  -11.383 -8.777  1.00 12.88 ? 84  LEU A CA  1 
ATOM   641  C C   . LEU A 1 104 ? -7.907  -12.112 -10.012 1.00 12.93 ? 84  LEU A C   1 
ATOM   642  O O   . LEU A 1 104 ? -7.607  -13.308 -9.965  1.00 13.37 ? 84  LEU A O   1 
ATOM   643  C CB  . LEU A 1 104 ? -7.039  -11.246 -7.863  1.00 14.56 ? 84  LEU A CB  1 
ATOM   644  C CG  . LEU A 1 104 ? -7.302  -10.639 -6.483  1.00 13.45 ? 84  LEU A CG  1 
ATOM   645  C CD1 . LEU A 1 104 ? -7.725  -11.593 -5.490  1.00 16.01 ? 84  LEU A CD1 1 
ATOM   646  C CD2 . LEU A 1 104 ? -5.999  -9.892  -5.985  1.00 16.36 ? 84  LEU A CD2 1 
ATOM   647  N N   . ASP A 1 105 ? -7.794  -11.383 -11.109 1.00 12.07 ? 85  ASP A N   1 
ATOM   648  C CA  . ASP A 1 105 ? -7.284  -11.952 -12.384 1.00 13.23 ? 85  ASP A CA  1 
ATOM   649  C C   . ASP A 1 105 ? -6.202  -11.038 -12.879 1.00 12.36 ? 85  ASP A C   1 
ATOM   650  O O   . ASP A 1 105 ? -6.349  -9.837  -13.007 1.00 12.46 ? 85  ASP A O   1 
ATOM   651  C CB  . ASP A 1 105 ? -8.350  -11.962 -13.520 1.00 16.02 ? 85  ASP A CB  1 
ATOM   652  C CG  . ASP A 1 105 ? -9.367  -13.032 -13.346 1.00 23.90 ? 85  ASP A CG  1 
ATOM   653  O OD1 . ASP A 1 105 ? -10.130 -12.937 -12.381 1.00 24.33 ? 85  ASP A OD1 1 
ATOM   654  O OD2 . ASP A 1 105 ? -9.460  -13.950 -14.171 1.00 28.18 ? 85  ASP A OD2 1 
ATOM   655  N N   . ALA A 1 106 ? -5.022  -11.578 -13.121 1.00 12.43 ? 86  ALA A N   1 
ATOM   656  C CA  . ALA A 1 106 ? -3.928  -10.778 -13.555 1.00 13.83 ? 86  ALA A CA  1 
ATOM   657  C C   . ALA A 1 106 ? -3.908  -10.618 -15.078 1.00 14.52 ? 86  ALA A C   1 
ATOM   658  O O   . ALA A 1 106 ? -3.835  -11.593 -15.822 1.00 15.43 ? 86  ALA A O   1 
ATOM   659  C CB  . ALA A 1 106 ? -2.541  -11.340 -13.086 1.00 15.69 ? 86  ALA A CB  1 
ATOM   660  N N   . LEU A 1 107 ? -3.910  -9.356  -15.485 1.00 13.54 ? 87  LEU A N   1 
ATOM   661  C CA  . LEU A 1 107 ? -3.880  -9.076  -16.935 1.00 15.20 ? 87  LEU A CA  1 
ATOM   662  C C   . LEU A 1 107 ? -2.460  -8.920  -17.399 1.00 17.04 ? 87  LEU A C   1 
ATOM   663  O O   . LEU A 1 107 ? -2.204  -8.982  -18.636 1.00 19.69 ? 87  LEU A O   1 
ATOM   664  C CB  . LEU A 1 107 ? -4.661  -7.768  -17.221 1.00 15.16 ? 87  LEU A CB  1 
ATOM   665  C CG  . LEU A 1 107 ? -6.144  -7.798  -16.939 1.00 16.89 ? 87  LEU A CG  1 
ATOM   666  C CD1 . LEU A 1 107 ? -6.815  -6.480  -17.356 1.00 17.92 ? 87  LEU A CD1 1 
ATOM   667  C CD2 . LEU A 1 107 ? -6.865  -8.945  -17.594 1.00 25.51 ? 87  LEU A CD2 1 
ATOM   668  N N   . GLU A 1 108 ? -1.503  -8.654  -16.469 1.00 14.87 ? 88  GLU A N   1 
ATOM   669  C CA  . GLU A 1 108 ? -0.066  -8.593  -16.690 1.00 16.59 ? 88  GLU A CA  1 
ATOM   670  C C   . GLU A 1 108 ? 0.592   -9.177  -15.441 1.00 15.05 ? 88  GLU A C   1 
ATOM   671  O O   . GLU A 1 108 ? -0.087  -9.353  -14.427 1.00 14.82 ? 88  GLU A O   1 
ATOM   672  C CB  . GLU A 1 108 ? 0.359   -7.130  -16.826 1.00 17.88 ? 88  GLU A CB  1 
ATOM   673  C CG  . GLU A 1 108 ? -0.341  -6.377  -17.998 1.00 24.58 ? 88  GLU A CG  1 
ATOM   674  C CD  . GLU A 1 108 ? 0.013   -6.922  -19.408 1.00 33.32 ? 88  GLU A CD  1 
ATOM   675  O OE1 . GLU A 1 108 ? 1.049   -7.644  -19.562 1.00 29.09 ? 88  GLU A OE1 1 
ATOM   676  O OE2 . GLU A 1 108 ? -0.796  -6.605  -20.356 1.00 35.70 ? 88  GLU A OE2 1 
ATOM   677  N N   . ASN A 1 109 ? 1.889   -9.494  -15.510 1.00 13.92 ? 89  ASN A N   1 
ATOM   678  C CA  . ASN A 1 109 ? 2.669   -9.833  -14.311 1.00 12.75 ? 89  ASN A CA  1 
ATOM   679  C C   . ASN A 1 109 ? 2.450   -8.693  -13.313 1.00 12.58 ? 89  ASN A C   1 
ATOM   680  O O   . ASN A 1 109 ? 2.691   -7.508  -13.640 1.00 15.22 ? 89  ASN A O   1 
ATOM   681  C CB  . ASN A 1 109 ? 4.183   -9.960  -14.630 1.00 12.49 ? 89  ASN A CB  1 
ATOM   682  C CG  . ASN A 1 109 ? 4.523   -11.186 -15.483 1.00 15.83 ? 89  ASN A CG  1 
ATOM   683  O OD1 . ASN A 1 109 ? 3.773   -12.148 -15.614 1.00 15.35 ? 89  ASN A OD1 1 
ATOM   684  N ND2 . ASN A 1 109 ? 5.726   -11.142 -16.070 1.00 18.69 ? 89  ASN A ND2 1 
ATOM   685  N N   . SER A 1 110 ? 1.939   -9.027  -12.119 1.00 10.42 ? 90  SER A N   1 
ATOM   686  C CA  . SER A 1 110 ? 1.514   -7.974  -11.165 1.00 9.91  ? 90  SER A CA  1 
ATOM   687  C C   . SER A 1 110 ? 2.042   -8.285  -9.791  1.00 8.99  ? 90  SER A C   1 
ATOM   688  O O   . SER A 1 110 ? 2.149   -9.439  -9.383  1.00 10.53 ? 90  SER A O   1 
ATOM   689  C CB  . SER A 1 110 ? -0.013  -7.847  -11.116 1.00 10.89 ? 90  SER A CB  1 
ATOM   690  O OG  . SER A 1 110 ? -0.508  -7.545  -12.447 1.00 12.17 ? 90  SER A OG  1 
ATOM   691  N N   . VAL A 1 111 ? 2.296   -7.232  -9.047  1.00 8.79  ? 91  VAL A N   1 
ATOM   692  C CA  . VAL A 1 111 ? 2.661   -7.336  -7.650  1.00 9.68  ? 91  VAL A CA  1 
ATOM   693  C C   . VAL A 1 111 ? 1.603   -6.597  -6.864  1.00 8.94  ? 91  VAL A C   1 
ATOM   694  O O   . VAL A 1 111 ? 1.391   -5.398  -7.106  1.00 9.60  ? 91  VAL A O   1 
ATOM   695  C CB  . VAL A 1 111 ? 4.053   -6.759  -7.332  1.00 10.49 ? 91  VAL A CB  1 
ATOM   696  C CG1 . VAL A 1 111 ? 4.372   -6.883  -5.854  1.00 11.58 ? 91  VAL A CG1 1 
ATOM   697  C CG2 . VAL A 1 111 ? 5.148   -7.451  -8.265  1.00 11.74 ? 91  VAL A CG2 1 
ATOM   698  N N   . ILE A 1 112 ? 0.988   -7.275  -5.940  1.00 9.44  ? 92  ILE A N   1 
ATOM   699  C CA  . ILE A 1 112 ? -0.114  -6.721  -5.165  1.00 8.71  ? 92  ILE A CA  1 
ATOM   700  C C   . ILE A 1 112 ? 0.235   -6.719  -3.678  1.00 9.00  ? 92  ILE A C   1 
ATOM   701  O O   . ILE A 1 112 ? 0.873   -7.665  -3.163  1.00 10.67 ? 92  ILE A O   1 
ATOM   702  C CB  . ILE A 1 112 ? -1.416  -7.495  -5.438  1.00 10.88 ? 92  ILE A CB  1 
ATOM   703  C CG1 . ILE A 1 112 ? -1.830  -7.378  -6.912  1.00 15.92 ? 92  ILE A CG1 1 
ATOM   704  C CG2 . ILE A 1 112 ? -2.522  -7.222  -4.409  1.00 16.81 ? 92  ILE A CG2 1 
ATOM   705  C CD1 . ILE A 1 112 ? -1.674  -8.704  -7.410  1.00 24.29 ? 92  ILE A CD1 1 
ATOM   706  N N   . ARG A 1 113 ? -0.140  -5.632  -3.004  1.00 7.90  ? 93  ARG A N   1 
ATOM   707  C CA  . ARG A 1 113 ? -0.074  -5.578  -1.555  1.00 9.06  ? 93  ARG A CA  1 
ATOM   708  C C   . ARG A 1 113 ? -1.470  -5.860  -1.003  1.00 9.34  ? 93  ARG A C   1 
ATOM   709  O O   . ARG A 1 113 ? -2.405  -5.137  -1.339  1.00 8.73  ? 93  ARG A O   1 
ATOM   710  C CB  . ARG A 1 113 ? 0.426   -4.214  -1.101  1.00 9.46  ? 93  ARG A CB  1 
ATOM   711  C CG  . ARG A 1 113 ? 0.283   -4.054  0.452   1.00 11.49 ? 93  ARG A CG  1 
ATOM   712  C CD  . ARG A 1 113 ? 0.771   -2.646  0.823   1.00 12.69 ? 93  ARG A CD  1 
ATOM   713  N NE  . ARG A 1 113 ? 0.439   -2.385  2.266   1.00 12.42 ? 93  ARG A NE  1 
ATOM   714  C CZ  . ARG A 1 113 ? 0.438   -1.167  2.827   1.00 10.50 ? 93  ARG A CZ  1 
ATOM   715  N NH1 . ARG A 1 113 ? 0.136   -1.150  4.139   1.00 11.55 ? 93  ARG A NH1 1 
ATOM   716  N NH2 . ARG A 1 113 ? 0.711   -0.078  2.120   1.00 11.24 ? 93  ARG A NH2 1 
ATOM   717  N N   . LEU A 1 114 ? -1.539  -6.876  -0.164  1.00 9.37  ? 94  LEU A N   1 
ATOM   718  C CA  . LEU A 1 114 ? -2.753  -7.211  0.538   1.00 10.28 ? 94  LEU A CA  1 
ATOM   719  C C   . LEU A 1 114 ? -2.518  -6.907  2.034   1.00 10.45 ? 94  LEU A C   1 
ATOM   720  O O   . LEU A 1 114 ? -1.664  -7.593  2.637   1.00 11.44 ? 94  LEU A O   1 
ATOM   721  C CB  . LEU A 1 114 ? -3.140  -8.693  0.297   1.00 12.08 ? 94  LEU A CB  1 
ATOM   722  C CG  . LEU A 1 114 ? -4.444  -9.204  0.976   1.00 18.67 ? 94  LEU A CG  1 
ATOM   723  C CD1 . LEU A 1 114 ? -5.395  -8.319  1.195   1.00 23.76 ? 94  LEU A CD1 1 
ATOM   724  C CD2 . LEU A 1 114 ? -5.179  -10.091 -0.049  1.00 22.87 ? 94  LEU A CD2 1 
ATOM   725  N N   . SER A 1 115 ? -3.168  -5.915  2.545   1.00 11.18 ? 95  SER A N   1 
ATOM   726  C CA  . SER A 1 115 ? -2.993  -5.516  3.974   1.00 11.63 ? 95  SER A CA  1 
ATOM   727  C C   . SER A 1 115 ? -4.196  -6.106  4.717   1.00 12.38 ? 95  SER A C   1 
ATOM   728  O O   . SER A 1 115 ? -5.343  -5.717  4.449   1.00 13.73 ? 95  SER A O   1 
ATOM   729  C CB  . SER A 1 115 ? -2.877  -4.004  4.028   1.00 12.78 ? 95  SER A CB  1 
ATOM   730  O OG  . SER A 1 115 ? -2.637  -3.625  5.402   1.00 18.13 ? 95  SER A OG  1 
ATOM   731  N N   . LEU A 1 116 ? -3.912  -7.062  5.603   1.00 13.30 ? 96  LEU A N   1 
ATOM   732  C CA  . LEU A 1 116 ? -4.981  -7.833  6.300   1.00 14.02 ? 96  LEU A CA  1 
ATOM   733  C C   . LEU A 1 116 ? -5.098  -7.389  7.756   1.00 15.41 ? 96  LEU A C   1 
ATOM   734  O O   . LEU A 1 116 ? -4.089  -7.489  8.500   1.00 15.49 ? 96  LEU A O   1 
ATOM   735  C CB  . LEU A 1 116 ? -4.655  -9.322  6.197   1.00 15.07 ? 96  LEU A CB  1 
ATOM   736  C CG  . LEU A 1 116 ? -5.485  -10.319 7.042   1.00 15.38 ? 96  LEU A CG  1 
ATOM   737  C CD1 . LEU A 1 116 ? -7.004  -10.142 6.752   1.00 15.76 ? 96  LEU A CD1 1 
ATOM   738  C CD2 . LEU A 1 116 ? -4.951  -11.683 6.788   1.00 20.16 ? 96  LEU A CD2 1 
ATOM   739  N N   . SER A 1 117 ? -6.197  -6.778  8.156   1.00 16.45 ? 97  SER A N   1 
ATOM   740  C CA  . SER A 1 117 ? -6.433  -6.451  9.562   1.00 18.32 ? 97  SER A CA  1 
ATOM   741  C C   . SER A 1 117 ? -6.506  -7.746  10.422  1.00 17.71 ? 97  SER A C   1 
ATOM   742  O O   . SER A 1 117 ? -7.137  -8.747  10.059  1.00 17.80 ? 97  SER A O   1 
ATOM   743  C CB  . SER A 1 117 ? -7.749  -5.657  9.707   1.00 18.43 ? 97  SER A CB  1 
ATOM   744  O OG  . SER A 1 117 ? -7.910  -5.370  11.140  1.00 21.79 ? 97  SER A OG  1 
ATOM   745  N N   . LYS A 1 118 ? -5.851  -7.712  11.585  1.00 17.30 ? 98  LYS A N   1 
ATOM   746  C CA  . LYS A 1 118 ? -5.952  -8.866  12.515  1.00 19.09 ? 98  LYS A CA  1 
ATOM   747  C C   . LYS A 1 118 ? -7.123  -8.733  13.483  1.00 21.62 ? 98  LYS A C   1 
ATOM   748  O O   . LYS A 1 118 ? -7.338  -9.638  14.344  1.00 21.68 ? 98  LYS A O   1 
ATOM   749  C CB  . LYS A 1 118 ? -4.628  -9.021  13.295  1.00 20.82 ? 98  LYS A CB  1 
ATOM   750  C CG  . LYS A 1 118 ? -3.522  -9.578  12.443  1.00 22.50 ? 98  LYS A CG  1 
ATOM   751  C CD  . LYS A 1 118 ? -2.367  -10.220 13.327  1.00 27.81 ? 98  LYS A CD  1 
ATOM   752  C CE  . LYS A 1 118 ? -1.684  -9.217  14.170  1.00 31.06 ? 98  LYS A CE  1 
ATOM   753  N NZ  . LYS A 1 118 ? -0.318  -9.844  14.442  1.00 31.55 ? 98  LYS A NZ  1 
ATOM   754  N N   . LYS A 1 119 ? -7.846  -7.631  13.436  1.00 22.35 ? 99  LYS A N   1 
ATOM   755  C CA  . LYS A 1 119 ? -9.084  -7.486  14.258  1.00 27.00 ? 99  LYS A CA  1 
ATOM   756  C C   . LYS A 1 119 ? -10.217 -8.404  13.699  1.00 26.82 ? 99  LYS A C   1 
ATOM   757  O O   . LYS A 1 119 ? -10.306 -8.721  12.488  1.00 28.62 ? 99  LYS A O   1 
ATOM   758  C CB  . LYS A 1 119 ? -9.419  -6.009  14.349  1.00 27.30 ? 99  LYS A CB  1 
ATOM   759  C CG  . LYS A 1 119 ? -8.142  -5.144  14.647  1.00 31.68 ? 99  LYS A CG  1 
ATOM   760  C CD  . LYS A 1 119 ? -8.355  -3.867  15.474  1.00 39.48 ? 99  LYS A CD  1 
ATOM   761  C CE  . LYS A 1 119 ? -7.001  -3.097  15.615  1.00 42.62 ? 99  LYS A CE  1 
ATOM   762  N NZ  . LYS A 1 119 ? -7.093  -1.577  15.822  1.00 41.48 ? 99  LYS A NZ  1 
ATOM   763  O OXT . LYS A 1 119 ? -11.067 -8.927  14.481  1.00 27.50 ? 99  LYS A OXT 1 
ATOM   764  N N   . GLU B 1 22  ? -15.505 3.624   -5.019  1.00 35.08 ? 2   GLU B N   1 
ATOM   765  C CA  . GLU B 1 22  ? -14.895 2.538   -4.202  1.00 33.35 ? 2   GLU B CA  1 
ATOM   766  C C   . GLU B 1 22  ? -13.488 2.070   -4.690  1.00 30.56 ? 2   GLU B C   1 
ATOM   767  O O   . GLU B 1 22  ? -12.745 1.564   -3.859  1.00 33.52 ? 2   GLU B O   1 
ATOM   768  C CB  . GLU B 1 22  ? -15.830 1.351   -4.108  1.00 35.00 ? 2   GLU B CB  1 
ATOM   769  C CG  . GLU B 1 22  ? -16.604 1.140   -5.439  1.00 38.51 ? 2   GLU B CG  1 
ATOM   770  C CD  . GLU B 1 22  ? -17.321 -0.196  -5.483  1.00 48.85 ? 2   GLU B CD  1 
ATOM   771  O OE1 . GLU B 1 22  ? -18.583 -0.161  -5.516  1.00 49.48 ? 2   GLU B OE1 1 
ATOM   772  O OE2 . GLU B 1 22  ? -16.629 -1.261  -5.481  1.00 49.86 ? 2   GLU B OE2 1 
ATOM   773  N N   . VAL B 1 23  ? -13.130 2.145   -5.977  1.00 26.90 ? 3   VAL B N   1 
ATOM   774  C CA  . VAL B 1 23  ? -11.673 2.042   -6.340  1.00 23.56 ? 3   VAL B CA  1 
ATOM   775  C C   . VAL B 1 23  ? -11.063 3.417   -6.336  1.00 21.40 ? 3   VAL B C   1 
ATOM   776  O O   . VAL B 1 23  ? -11.687 4.402   -6.818  1.00 24.02 ? 3   VAL B O   1 
ATOM   777  C CB  . VAL B 1 23  ? -11.396 1.215   -7.634  1.00 22.68 ? 3   VAL B CB  1 
ATOM   778  C CG1 . VAL B 1 23  ? -9.907  1.174   -8.008  1.00 21.51 ? 3   VAL B CG1 1 
ATOM   779  C CG2 . VAL B 1 23  ? -11.877 -0.202  -7.453  1.00 31.01 ? 3   VAL B CG2 1 
ATOM   780  N N   . VAL B 1 24  ? -9.891  3.579   -5.751  1.00 16.07 ? 4   VAL B N   1 
ATOM   781  C CA  . VAL B 1 24  ? -9.201  4.877   -5.815  1.00 17.69 ? 4   VAL B CA  1 
ATOM   782  C C   . VAL B 1 24  ? -7.844  4.726   -6.432  1.00 16.65 ? 4   VAL B C   1 
ATOM   783  O O   . VAL B 1 24  ? -7.248  3.650   -6.386  1.00 16.34 ? 4   VAL B O   1 
ATOM   784  C CB  . VAL B 1 24  ? -9.045  5.598   -4.511  1.00 19.50 ? 4   VAL B CB  1 
ATOM   785  C CG1 . VAL B 1 24  ? -10.476 5.833   -3.826  1.00 24.84 ? 4   VAL B CG1 1 
ATOM   786  C CG2 . VAL B 1 24  ? -8.151  4.891   -3.565  1.00 19.91 ? 4   VAL B CG2 1 
ATOM   787  N N   . HIS B 1 25  ? -7.448  5.721   -7.176  1.00 15.27 ? 5   HIS B N   1 
ATOM   788  C CA  . HIS B 1 25  ? -6.299  5.608   -8.080  1.00 14.39 ? 5   HIS B CA  1 
ATOM   789  C C   . HIS B 1 25  ? -5.191  6.481   -7.596  1.00 14.96 ? 5   HIS B C   1 
ATOM   790  O O   . HIS B 1 25  ? -5.205  7.726   -7.784  1.00 15.00 ? 5   HIS B O   1 
ATOM   791  C CB  . HIS B 1 25  ? -6.676  6.013   -9.525  1.00 16.62 ? 5   HIS B CB  1 
ATOM   792  C CG  . HIS B 1 25  ? -7.604  5.024   -10.165 1.00 23.16 ? 5   HIS B CG  1 
ATOM   793  N ND1 . HIS B 1 25  ? -8.973  5.038   -9.947  1.00 32.07 ? 5   HIS B ND1 1 
ATOM   794  C CD2 . HIS B 1 25  ? -7.353  3.964   -10.967 1.00 26.52 ? 5   HIS B CD2 1 
ATOM   795  C CE1 . HIS B 1 25  ? -9.525  4.032   -10.613 1.00 28.81 ? 5   HIS B CE1 1 
ATOM   796  N NE2 . HIS B 1 25  ? -8.561  3.364   -11.230 1.00 28.93 ? 5   HIS B NE2 1 
ATOM   797  N N   . PHE B 1 26  ? -4.273  5.947   -6.796  1.00 12.03 ? 6   PHE B N   1 
ATOM   798  C CA  . PHE B 1 26  ? -3.219  6.776   -6.210  1.00 12.79 ? 6   PHE B CA  1 
ATOM   799  C C   . PHE B 1 26  ? -2.296  7.400   -7.219  1.00 11.96 ? 6   PHE B C   1 
ATOM   800  O O   . PHE B 1 26  ? -1.648  8.392   -6.877  1.00 13.29 ? 6   PHE B O   1 
ATOM   801  C CB  . PHE B 1 26  ? -2.349  5.965   -5.277  1.00 13.07 ? 6   PHE B CB  1 
ATOM   802  C CG  . PHE B 1 26  ? -2.868  5.884   -3.875  1.00 11.95 ? 6   PHE B CG  1 
ATOM   803  C CD1 . PHE B 1 26  ? -3.967  5.101   -3.620  1.00 10.73 ? 6   PHE B CD1 1 
ATOM   804  C CD2 . PHE B 1 26  ? -2.205  6.519   -2.801  1.00 10.14 ? 6   PHE B CD2 1 
ATOM   805  C CE1 . PHE B 1 26  ? -4.517  4.997   -2.326  1.00 16.44 ? 6   PHE B CE1 1 
ATOM   806  C CE2 . PHE B 1 26  ? -2.724  6.419   -1.550  1.00 10.08 ? 6   PHE B CE2 1 
ATOM   807  C CZ  . PHE B 1 26  ? -3.854  5.646   -1.271  1.00 14.11 ? 6   PHE B CZ  1 
ATOM   808  N N   . LEU B 1 27  ? -2.230  6.898   -8.474  1.00 11.99 ? 7   LEU B N   1 
ATOM   809  C CA  . LEU B 1 27  ? -1.276  7.444   -9.433  1.00 14.20 ? 7   LEU B CA  1 
ATOM   810  C C   . LEU B 1 27  ? -1.977  8.287   -10.479 1.00 15.43 ? 7   LEU B C   1 
ATOM   811  O O   . LEU B 1 27  ? -1.316  8.717   -11.417 1.00 19.90 ? 7   LEU B O   1 
ATOM   812  C CB  . LEU B 1 27  ? -0.396  6.331   -10.045 1.00 14.15 ? 7   LEU B CB  1 
ATOM   813  C CG  . LEU B 1 27  ? 0.487   5.683   -8.996  1.00 14.97 ? 7   LEU B CG  1 
ATOM   814  C CD1 . LEU B 1 27  ? 1.302   4.517   -9.695  1.00 19.73 ? 7   LEU B CD1 1 
ATOM   815  C CD2 . LEU B 1 27  ? 1.397   6.622   -8.186  1.00 15.46 ? 7   LEU B CD2 1 
ATOM   816  N N   . GLU B 1 28  ? -3.241  8.623   -10.266 1.00 14.03 ? 8   GLU B N   1 
ATOM   817  C CA  . GLU B 1 28  ? -3.907  9.667   -11.064 1.00 17.77 ? 8   GLU B CA  1 
ATOM   818  C C   . GLU B 1 28  ? -4.043  10.946  -10.265 1.00 16.75 ? 8   GLU B C   1 
ATOM   819  O O   . GLU B 1 28  ? -4.326  10.925  -9.091  1.00 15.93 ? 8   GLU B O   1 
ATOM   820  C CB  . GLU B 1 28  ? -5.269  9.158   -11.522 1.00 19.37 ? 8   GLU B CB  1 
ATOM   821  C CG  . GLU B 1 28  ? -4.988  8.174   -12.687 1.00 26.06 ? 8   GLU B CG  1 
ATOM   822  C CD  . GLU B 1 28  ? -6.200  7.588   -13.337 1.00 37.70 ? 8   GLU B CD  1 
ATOM   823  O OE1 . GLU B 1 28  ? -7.308  8.004   -12.940 1.00 34.20 ? 8   GLU B OE1 1 
ATOM   824  O OE2 . GLU B 1 28  ? -5.991  6.664   -14.206 1.00 38.88 ? 8   GLU B OE2 1 
ATOM   825  N N   . GLY B 1 29  ? -3.876  12.080  -10.912 1.00 17.13 ? 9   GLY B N   1 
ATOM   826  C CA  . GLY B 1 29  ? -4.034  13.299  -10.151 1.00 17.01 ? 9   GLY B CA  1 
ATOM   827  C C   . GLY B 1 29  ? -2.797  13.661  -9.329  1.00 16.18 ? 9   GLY B C   1 
ATOM   828  O O   . GLY B 1 29  ? -2.833  14.520  -8.500  1.00 18.83 ? 9   GLY B O   1 
ATOM   829  N N   . VAL B 1 30  ? -1.651  13.057  -9.640  1.00 14.68 ? 10  VAL B N   1 
ATOM   830  C CA  . VAL B 1 30  ? -0.356  13.334  -8.915  1.00 14.23 ? 10  VAL B CA  1 
ATOM   831  C C   . VAL B 1 30  ? 0.218   14.725  -9.267  1.00 13.77 ? 10  VAL B C   1 
ATOM   832  O O   . VAL B 1 30  ? 0.135   15.110  -10.421 1.00 15.13 ? 10  VAL B O   1 
ATOM   833  C CB  . VAL B 1 30  ? 0.716   12.207  -9.177  1.00 13.16 ? 10  VAL B CB  1 
ATOM   834  C CG1 . VAL B 1 30  ? 1.999   12.577  -8.663  1.00 14.49 ? 10  VAL B CG1 1 
ATOM   835  C CG2 . VAL B 1 30  ? 0.161   10.908  -8.526  1.00 17.30 ? 10  VAL B CG2 1 
ATOM   836  N N   . CYS B 1 31  ? 0.845   15.402  -8.318  1.00 14.42 ? 11  CYS B N   1 
ATOM   837  C CA  . CYS B 1 31  ? 1.387   16.743  -8.553  1.00 13.62 ? 11  CYS B CA  1 
ATOM   838  C C   . CYS B 1 31  ? 2.587   16.928  -7.691  1.00 12.90 ? 11  CYS B C   1 
ATOM   839  O O   . CYS B 1 31  ? 2.589   16.535  -6.519  1.00 14.02 ? 11  CYS B O   1 
ATOM   840  C CB  . CYS B 1 31  ? 0.297   17.809  -8.315  1.00 11.38 ? 11  CYS B CB  1 
ATOM   841  S SG  . CYS B 1 31  ? 0.956   19.532  -8.557  1.00 17.37 ? 11  CYS B SG  1 
ATOM   842  N N   . PHE B 1 32  ? 3.636   17.594  -8.175  1.00 13.67 ? 12  PHE B N   1 
ATOM   843  C CA  . PHE B 1 32  ? 4.790   17.878  -7.399  1.00 13.89 ? 12  PHE B CA  1 
ATOM   844  C C   . PHE B 1 32  ? 5.094   19.407  -7.313  1.00 12.22 ? 12  PHE B C   1 
ATOM   845  O O   . PHE B 1 32  ? 6.268   19.765  -7.078  1.00 16.91 ? 12  PHE B O   1 
ATOM   846  C CB  . PHE B 1 32  ? 6.016   17.108  -7.950  1.00 14.50 ? 12  PHE B CB  1 
ATOM   847  C CG  . PHE B 1 32  ? 5.796   15.596  -7.972  1.00 15.18 ? 12  PHE B CG  1 
ATOM   848  C CD1 . PHE B 1 32  ? 5.693   14.890  -6.777  1.00 15.36 ? 12  PHE B CD1 1 
ATOM   849  C CD2 . PHE B 1 32  ? 5.621   14.898  -9.177  1.00 13.97 ? 12  PHE B CD2 1 
ATOM   850  C CE1 . PHE B 1 32  ? 5.513   13.522  -6.758  1.00 14.86 ? 12  PHE B CE1 1 
ATOM   851  C CE2 . PHE B 1 32  ? 5.368   13.524  -9.186  1.00 15.48 ? 12  PHE B CE2 1 
ATOM   852  C CZ  . PHE B 1 32  ? 5.338   12.830  -7.948  1.00 13.33 ? 12  PHE B CZ  1 
ATOM   853  N N   . GLU B 1 33  ? 4.058   20.207  -7.525  1.00 14.50 ? 13  GLU B N   1 
ATOM   854  C CA  . GLU B 1 33  ? 4.285   21.674  -7.375  1.00 17.12 ? 13  GLU B CA  1 
ATOM   855  C C   . GLU B 1 33  ? 4.294   22.134  -5.925  1.00 19.66 ? 13  GLU B C   1 
ATOM   856  O O   . GLU B 1 33  ? 4.597   23.322  -5.640  1.00 21.87 ? 13  GLU B O   1 
ATOM   857  C CB  . GLU B 1 33  ? 3.204   22.386  -8.113  1.00 17.58 ? 13  GLU B CB  1 
ATOM   858  C CG  . GLU B 1 33  ? 3.372   22.243  -9.676  1.00 22.02 ? 13  GLU B CG  1 
ATOM   859  C CD  . GLU B 1 33  ? 2.682   23.350  -10.364 1.00 33.17 ? 13  GLU B CD  1 
ATOM   860  O OE1 . GLU B 1 33  ? 2.959   24.516  -9.973  1.00 40.25 ? 13  GLU B OE1 1 
ATOM   861  O OE2 . GLU B 1 33  ? 1.850   23.064  -11.251 1.00 40.96 ? 13  GLU B OE2 1 
ATOM   862  N N   . LYS B 1 34  ? 3.933   21.267  -5.007  1.00 15.98 ? 14  LYS B N   1 
ATOM   863  C CA  . LYS B 1 34  ? 4.123   21.508  -3.558  1.00 15.12 ? 14  LYS B CA  1 
ATOM   864  C C   . LYS B 1 34  ? 3.965   20.124  -2.930  1.00 14.07 ? 14  LYS B C   1 
ATOM   865  O O   . LYS B 1 34  ? 3.629   19.151  -3.590  1.00 13.96 ? 14  LYS B O   1 
ATOM   866  C CB  . LYS B 1 34  ? 3.028   22.476  -3.052  1.00 17.76 ? 14  LYS B CB  1 
ATOM   867  C CG  . LYS B 1 34  ? 1.641   22.054  -3.123  1.00 17.01 ? 14  LYS B CG  1 
ATOM   868  C CD  . LYS B 1 34  ? 0.723   23.219  -2.395  1.00 22.93 ? 14  LYS B CD  1 
ATOM   869  C CE  . LYS B 1 34  ? -0.259  22.721  -1.443  1.00 33.09 ? 14  LYS B CE  1 
ATOM   870  N NZ  . LYS B 1 34  ? 0.175   21.964  -0.278  1.00 19.25 ? 14  LYS B NZ  1 
ATOM   871  N N   . LEU B 1 35  ? 4.206   20.069  -1.631  1.00 12.37 ? 15  LEU B N   1 
ATOM   872  C CA  . LEU B 1 35  ? 3.879   18.919  -0.819  1.00 12.33 ? 15  LEU B CA  1 
ATOM   873  C C   . LEU B 1 35  ? 2.420   18.783  -0.710  1.00 12.25 ? 15  LEU B C   1 
ATOM   874  O O   . LEU B 1 35  ? 1.716   19.752  -0.239  1.00 14.27 ? 15  LEU B O   1 
ATOM   875  C CB  . LEU B 1 35  ? 4.591   19.039  0.572   1.00 11.30 ? 15  LEU B CB  1 
ATOM   876  C CG  . LEU B 1 35  ? 4.172   17.969  1.639   1.00 12.45 ? 15  LEU B CG  1 
ATOM   877  C CD1 . LEU B 1 35  ? 4.857   16.626  1.158   1.00 15.47 ? 15  LEU B CD1 1 
ATOM   878  C CD2 . LEU B 1 35  ? 4.717   18.342  2.985   1.00 12.96 ? 15  LEU B CD2 1 
ATOM   879  N N   . HIS B 1 36  ? 1.808   17.710  -1.159  1.00 12.37 ? 16  HIS B N   1 
ATOM   880  C CA  . HIS B 1 36  ? 0.353   17.475  -1.153  1.00 12.65 ? 16  HIS B CA  1 
ATOM   881  C C   . HIS B 1 36  ? 0.053   16.336  -0.258  1.00 14.20 ? 16  HIS B C   1 
ATOM   882  O O   . HIS B 1 36  ? 0.701   15.277  -0.366  1.00 13.26 ? 16  HIS B O   1 
ATOM   883  C CB  . HIS B 1 36  ? -0.272  17.137  -2.499  1.00 13.56 ? 16  HIS B CB  1 
ATOM   884  C CG  . HIS B 1 36  ? -0.127  18.193  -3.530  1.00 14.82 ? 16  HIS B CG  1 
ATOM   885  N ND1 . HIS B 1 36  ? -0.831  19.389  -3.474  1.00 17.65 ? 16  HIS B ND1 1 
ATOM   886  C CD2 . HIS B 1 36  ? 0.634   18.243  -4.643  1.00 14.50 ? 16  HIS B CD2 1 
ATOM   887  C CE1 . HIS B 1 36  ? -0.555  20.090  -4.568  1.00 17.27 ? 16  HIS B CE1 1 
ATOM   888  N NE2 . HIS B 1 36  ? 0.342   19.422  -5.297  1.00 16.12 ? 16  HIS B NE2 1 
ATOM   889  N N   . ILE B 1 37  ? -0.942  16.516  0.630   1.00 13.98 ? 17  ILE B N   1 
ATOM   890  C CA  . ILE B 1 37  ? -1.477  15.488  1.518   1.00 13.83 ? 17  ILE B CA  1 
ATOM   891  C C   . ILE B 1 37  ? -2.952  15.392  1.312   1.00 15.37 ? 17  ILE B C   1 
ATOM   892  O O   . ILE B 1 37  ? -3.699  16.390  1.571   1.00 19.44 ? 17  ILE B O   1 
ATOM   893  C CB  . ILE B 1 37  ? -1.085  15.742  3.037   1.00 15.08 ? 17  ILE B CB  1 
ATOM   894  C CG1 . ILE B 1 37  ? 0.426   15.907  3.205   1.00 14.83 ? 17  ILE B CG1 1 
ATOM   895  C CG2 . ILE B 1 37  ? -1.535  14.640  3.950   1.00 17.98 ? 17  ILE B CG2 1 
ATOM   896  C CD1 . ILE B 1 37  ? 0.849   16.431  4.546   1.00 19.88 ? 17  ILE B CD1 1 
ATOM   897  N N   . GLU B 1 38  ? -3.481  14.274  0.855   1.00 14.40 ? 18  GLU B N   1 
ATOM   898  C CA  . GLU B 1 38  ? -4.892  14.178  0.556   1.00 16.72 ? 18  GLU B CA  1 
ATOM   899  C C   . GLU B 1 38  ? -5.479  12.885  1.026   1.00 16.40 ? 18  GLU B C   1 
ATOM   900  O O   . GLU B 1 38  ? -4.950  11.762  0.791   1.00 15.70 ? 18  GLU B O   1 
ATOM   901  C CB  . GLU B 1 38  ? -5.071  14.270  -0.972  1.00 18.09 ? 18  GLU B CB  1 
ATOM   902  C CG  . GLU B 1 38  ? -6.578  14.431  -1.390  1.00 25.96 ? 18  GLU B CG  1 
ATOM   903  C CD  . GLU B 1 38  ? -6.765  14.373  -2.906  1.00 32.32 ? 18  GLU B CD  1 
ATOM   904  O OE1 . GLU B 1 38  ? -5.784  14.603  -3.657  1.00 31.22 ? 18  GLU B OE1 1 
ATOM   905  O OE2 . GLU B 1 38  ? -7.921  14.065  -3.320  1.00 33.21 ? 18  GLU B OE2 1 
ATOM   906  N N   . VAL B 1 39  ? -6.621  12.932  1.708   1.00 15.30 ? 19  VAL B N   1 
ATOM   907  C CA  . VAL B 1 39  ? -7.327  11.690  2.024   1.00 17.00 ? 19  VAL B CA  1 
ATOM   908  C C   . VAL B 1 39  ? -8.072  11.177  0.810   1.00 18.59 ? 19  VAL B C   1 
ATOM   909  O O   . VAL B 1 39  ? -9.015  11.834  0.334   1.00 21.02 ? 19  VAL B O   1 
ATOM   910  C CB  . VAL B 1 39  ? -8.375  11.884  3.149   1.00 16.85 ? 19  VAL B CB  1 
ATOM   911  C CG1 . VAL B 1 39  ? -9.104  10.618  3.477   1.00 19.07 ? 19  VAL B CG1 1 
ATOM   912  C CG2 . VAL B 1 39  ? -7.684  12.407  4.369   1.00 18.58 ? 19  VAL B CG2 1 
ATOM   913  N N   . LEU B 1 40  ? -7.638  10.036  0.288   1.00 15.89 ? 20  LEU B N   1 
ATOM   914  C CA  . LEU B 1 40  ? -8.276  9.511   -0.866  1.00 18.51 ? 20  LEU B CA  1 
ATOM   915  C C   . LEU B 1 40  ? -9.463  8.663   -0.572  1.00 19.06 ? 20  LEU B C   1 
ATOM   916  O O   . LEU B 1 40  ? -10.318 8.446   -1.462  1.00 21.21 ? 20  LEU B O   1 
ATOM   917  C CB  . LEU B 1 40  ? -7.262  8.753   -1.767  1.00 17.20 ? 20  LEU B CB  1 
ATOM   918  C CG  . LEU B 1 40  ? -6.176  9.582   -2.437  1.00 17.10 ? 20  LEU B CG  1 
ATOM   919  C CD1 . LEU B 1 40  ? -5.429  8.762   -3.475  1.00 16.69 ? 20  LEU B CD1 1 
ATOM   920  C CD2 . LEU B 1 40  ? -6.758  10.900  -3.044  1.00 19.65 ? 20  LEU B CD2 1 
ATOM   921  N N   . ASN B 1 41  ? -9.517  8.062   0.582   1.00 19.15 ? 21  ASN B N   1 
ATOM   922  C CA  . ASN B 1 41  ? -10.689 7.260   0.928   1.00 21.70 ? 21  ASN B CA  1 
ATOM   923  C C   . ASN B 1 41  ? -10.681 7.079   2.431   1.00 21.63 ? 21  ASN B C   1 
ATOM   924  O O   . ASN B 1 41  ? -9.639  7.123   3.097   1.00 19.96 ? 21  ASN B O   1 
ATOM   925  C CB  . ASN B 1 41  ? -10.598 5.917   0.213   1.00 23.29 ? 21  ASN B CB  1 
ATOM   926  C CG  . ASN B 1 41  ? -11.709 5.006   0.577   1.00 31.01 ? 21  ASN B CG  1 
ATOM   927  O OD1 . ASN B 1 41  ? -11.515 3.986   1.310   1.00 33.29 ? 21  ASN B OD1 1 
ATOM   928  N ND2 . ASN B 1 41  ? -12.923 5.414   0.179   1.00 33.67 ? 21  ASN B ND2 1 
ATOM   929  N N   . GLU B 1 42  ? -11.856 6.828   3.011   1.00 21.30 ? 22  GLU B N   1 
ATOM   930  C CA  . GLU B 1 42  ? -11.969 6.573   4.432   1.00 22.66 ? 22  GLU B CA  1 
ATOM   931  C C   . GLU B 1 42  ? -13.100 5.577   4.627   1.00 23.26 ? 22  GLU B C   1 
ATOM   932  O O   . GLU B 1 42  ? -14.102 5.692   3.918   1.00 24.00 ? 22  GLU B O   1 
ATOM   933  C CB  . GLU B 1 42  ? -12.288 7.905   5.113   1.00 23.07 ? 22  GLU B CB  1 
ATOM   934  C CG  . GLU B 1 42  ? -12.392 7.805   6.605   1.00 27.09 ? 22  GLU B CG  1 
ATOM   935  C CD  . GLU B 1 42  ? -12.470 9.140   7.304   1.00 32.46 ? 22  GLU B CD  1 
ATOM   936  O OE1 . GLU B 1 42  ? -12.151 10.187  6.702   1.00 37.23 ? 22  GLU B OE1 1 
ATOM   937  O OE2 . GLU B 1 42  ? -12.855 9.140   8.500   1.00 39.48 ? 22  GLU B OE2 1 
ATOM   938  N N   . ASN B 1 43  ? -12.935 4.622   5.526   1.00 25.47 ? 23  ASN B N   1 
ATOM   939  C CA  . ASN B 1 43  ? -13.976 3.657   5.922   1.00 29.34 ? 23  ASN B CA  1 
ATOM   940  C C   . ASN B 1 43  ? -14.056 3.765   7.481   1.00 31.11 ? 23  ASN B C   1 
ATOM   941  O O   . ASN B 1 43  ? -13.497 4.701   8.133   1.00 30.62 ? 23  ASN B O   1 
ATOM   942  C CB  . ASN B 1 43  ? -13.556 2.278   5.430   1.00 31.42 ? 23  ASN B CB  1 
ATOM   943  C CG  . ASN B 1 43  ? -12.260 1.823   6.071   1.00 35.23 ? 23  ASN B CG  1 
ATOM   944  O OD1 . ASN B 1 43  ? -11.188 1.955   5.499   1.00 48.99 ? 23  ASN B OD1 1 
ATOM   945  N ND2 . ASN B 1 43  ? -12.359 1.331   7.265   1.00 45.88 ? 23  ASN B ND2 1 
ATOM   946  N N   . SER B 1 44  ? -14.774 2.830   8.112   1.00 32.79 ? 24  SER B N   1 
ATOM   947  C CA  . SER B 1 44  ? -14.915 2.909   9.565   1.00 32.54 ? 24  SER B CA  1 
ATOM   948  C C   . SER B 1 44  ? -13.566 2.649   10.294  1.00 30.26 ? 24  SER B C   1 
ATOM   949  O O   . SER B 1 44  ? -13.330 3.260   11.338  1.00 33.38 ? 24  SER B O   1 
ATOM   950  C CB  . SER B 1 44  ? -16.005 1.954   10.061  1.00 33.03 ? 24  SER B CB  1 
ATOM   951  O OG  . SER B 1 44  ? -15.634 0.586   9.843   1.00 36.21 ? 24  SER B OG  1 
ATOM   952  N N   . SER B 1 45  ? -12.685 1.817   9.705   1.00 29.28 ? 25  SER B N   1 
ATOM   953  C CA  . SER B 1 45  ? -11.432 1.446   10.353  1.00 26.68 ? 25  SER B CA  1 
ATOM   954  C C   . SER B 1 45  ? -10.204 2.256   9.887   1.00 25.01 ? 25  SER B C   1 
ATOM   955  O O   . SER B 1 45  ? -9.222  2.324   10.658  1.00 23.72 ? 25  SER B O   1 
ATOM   956  C CB  . SER B 1 45  ? -11.125 -0.032  10.139  1.00 28.06 ? 25  SER B CB  1 
ATOM   957  O OG  . SER B 1 45  ? -11.051 -0.389  8.755   1.00 31.65 ? 25  SER B OG  1 
ATOM   958  N N   . HIS B 1 46  ? -10.175 2.774   8.650   1.00 22.79 ? 26  HIS B N   1 
ATOM   959  C CA  . HIS B 1 46  ? -8.909  3.367   8.153   1.00 21.23 ? 26  HIS B CA  1 
ATOM   960  C C   . HIS B 1 46  ? -9.110  4.609   7.349   1.00 18.82 ? 26  HIS B C   1 
ATOM   961  O O   . HIS B 1 46  ? -10.159 4.778   6.676   1.00 18.40 ? 26  HIS B O   1 
ATOM   962  C CB  . HIS B 1 46  ? -8.110  2.416   7.262   1.00 22.07 ? 26  HIS B CB  1 
ATOM   963  C CG  . HIS B 1 46  ? -7.389  1.348   8.018   1.00 26.83 ? 26  HIS B CG  1 
ATOM   964  N ND1 . HIS B 1 46  ? -6.069  1.480   8.435   1.00 34.99 ? 26  HIS B ND1 1 
ATOM   965  C CD2 . HIS B 1 46  ? -7.807  0.128   8.441   1.00 36.34 ? 26  HIS B CD2 1 
ATOM   966  C CE1 . HIS B 1 46  ? -5.711  0.376   9.078   1.00 36.83 ? 26  HIS B CE1 1 
ATOM   967  N NE2 . HIS B 1 46  ? -6.743  -0.462  9.085   1.00 39.96 ? 26  HIS B NE2 1 
ATOM   968  N N   . LYS B 1 47  ? -8.155  5.513   7.315   1.00 16.05 ? 27  LYS B N   1 
ATOM   969  C CA  . LYS B 1 47  ? -8.076  6.519   6.260   1.00 14.53 ? 27  LYS B CA  1 
ATOM   970  C C   . LYS B 1 47  ? -6.946  6.132   5.337   1.00 15.33 ? 27  LYS B C   1 
ATOM   971  O O   . LYS B 1 47  ? -5.875  5.656   5.837   1.00 16.48 ? 27  LYS B O   1 
ATOM   972  C CB  . LYS B 1 47  ? -7.757  7.897   6.783   1.00 16.37 ? 27  LYS B CB  1 
ATOM   973  C CG  . LYS B 1 47  ? -8.857  8.530   7.681   1.00 21.52 ? 27  LYS B CG  1 
ATOM   974  C CD  . LYS B 1 47  ? -8.362  9.938   8.031   1.00 26.36 ? 27  LYS B CD  1 
ATOM   975  C CE  . LYS B 1 47  ? -8.932  10.400  9.357   1.00 32.47 ? 27  LYS B CE  1 
ATOM   976  N NZ  . LYS B 1 47  ? -9.702  11.660  9.184   1.00 39.42 ? 27  LYS B NZ  1 
ATOM   977  N N   . GLU B 1 48  ? -7.144  6.328   4.036   1.00 12.42 ? 28  GLU B N   1 
ATOM   978  C CA  . GLU B 1 48  ? -6.055  6.054   3.049   1.00 12.77 ? 28  GLU B CA  1 
ATOM   979  C C   . GLU B 1 48  ? -5.665  7.395   2.501   1.00 14.07 ? 28  GLU B C   1 
ATOM   980  O O   . GLU B 1 48  ? -6.449  8.124   1.863   1.00 14.82 ? 28  GLU B O   1 
ATOM   981  C CB  . GLU B 1 48  ? -6.547  5.063   1.982   1.00 12.97 ? 28  GLU B CB  1 
ATOM   982  C CG  . GLU B 1 48  ? -6.817  3.740   2.518   1.00 13.86 ? 28  GLU B CG  1 
ATOM   983  C CD  . GLU B 1 48  ? -5.602  2.960   2.972   1.00 16.41 ? 28  GLU B CD  1 
ATOM   984  O OE1 . GLU B 1 48  ? -4.463  3.426   2.665   1.00 18.45 ? 28  GLU B OE1 1 
ATOM   985  O OE2 . GLU B 1 48  ? -5.789  1.890   3.564   1.00 20.07 ? 28  GLU B OE2 1 
ATOM   986  N N   . ILE B 1 49  ? -4.411  7.785   2.782   1.00 11.86 ? 29  ILE B N   1 
ATOM   987  C CA  . ILE B 1 49  ? -3.887  9.061   2.508   1.00 11.89 ? 29  ILE B CA  1 
ATOM   988  C C   . ILE B 1 49  ? -2.765  9.000   1.477   1.00 11.76 ? 29  ILE B C   1 
ATOM   989  O O   . ILE B 1 49  ? -1.951  8.075   1.543   1.00 10.54 ? 29  ILE B O   1 
ATOM   990  C CB  . ILE B 1 49  ? -3.371  9.702   3.830   1.00 12.87 ? 29  ILE B CB  1 
ATOM   991  C CG1 . ILE B 1 49  ? -4.632  9.943   4.730   1.00 16.43 ? 29  ILE B CG1 1 
ATOM   992  C CG2 . ILE B 1 49  ? -2.661  11.033  3.543   1.00 16.49 ? 29  ILE B CG2 1 
ATOM   993  C CD1 . ILE B 1 49  ? -4.312  10.317  6.201   1.00 18.02 ? 29  ILE B CD1 1 
ATOM   994  N N   . ARG B 1 50  ? -2.757  9.891   0.496   1.00 11.54 ? 30  ARG B N   1 
ATOM   995  C CA  . ARG B 1 50  ? -1.658  9.976   -0.480  1.00 10.14 ? 30  ARG B CA  1 
ATOM   996  C C   . ARG B 1 50  ? -0.863  11.200  -0.095  1.00 10.42 ? 30  ARG B C   1 
ATOM   997  O O   . ARG B 1 50  ? -1.439  12.337  0.019   1.00 11.81 ? 30  ARG B O   1 
ATOM   998  C CB  . ARG B 1 50  ? -2.217  10.167  -1.860  1.00 9.09  ? 30  ARG B CB  1 
ATOM   999  C CG  . ARG B 1 50  ? -1.041  10.334  -2.908  1.00 9.69  ? 30  ARG B CG  1 
ATOM   1000 C CD  . ARG B 1 50  ? -1.552  10.414  -4.369  1.00 12.30 ? 30  ARG B CD  1 
ATOM   1001 N NE  . ARG B 1 50  ? -2.427  11.601  -4.528  1.00 12.16 ? 30  ARG B NE  1 
ATOM   1002 C CZ  . ARG B 1 50  ? -3.193  11.742  -5.586  1.00 16.16 ? 30  ARG B CZ  1 
ATOM   1003 N NH1 . ARG B 1 50  ? -3.173  10.842  -6.554  1.00 16.52 ? 30  ARG B NH1 1 
ATOM   1004 N NH2 . ARG B 1 50  ? -4.013  12.796  -5.639  1.00 15.54 ? 30  ARG B NH2 1 
ATOM   1005 N N   . ILE B 1 51  ? 0.455   11.061  -0.062  1.00 9.41  ? 31  ILE B N   1 
ATOM   1006 C CA  . ILE B 1 51  ? 1.383   12.160  0.071   1.00 8.91  ? 31  ILE B CA  1 
ATOM   1007 C C   . ILE B 1 51  ? 2.147   12.274  -1.241  1.00 11.29 ? 31  ILE B C   1 
ATOM   1008 O O   . ILE B 1 51  ? 2.869   11.318  -1.623  1.00 10.21 ? 31  ILE B O   1 
ATOM   1009 C CB  . ILE B 1 51  ? 2.332   11.991  1.235   1.00 10.31 ? 31  ILE B CB  1 
ATOM   1010 C CG1 . ILE B 1 51  ? 1.567   11.710  2.550   1.00 13.75 ? 31  ILE B CG1 1 
ATOM   1011 C CG2 . ILE B 1 51  ? 3.093   13.327  1.413   1.00 11.13 ? 31  ILE B CG2 1 
ATOM   1012 C CD1 . ILE B 1 51  ? 2.416   11.364  3.722   1.00 16.41 ? 31  ILE B CD1 1 
ATOM   1013 N N   . CYS B 1 52  ? 2.077   13.427  -1.913  1.00 10.65 ? 32  CYS B N   1 
ATOM   1014 C CA  . CYS B 1 52  ? 2.939   13.674  -3.083  1.00 10.28 ? 32  CYS B CA  1 
ATOM   1015 C C   . CYS B 1 52  ? 4.020   14.572  -2.598  1.00 11.52 ? 32  CYS B C   1 
ATOM   1016 O O   . CYS B 1 52  ? 3.786   15.718  -2.115  1.00 11.54 ? 32  CYS B O   1 
ATOM   1017 C CB  . CYS B 1 52  ? 2.217   14.341  -4.239  1.00 10.78 ? 32  CYS B CB  1 
ATOM   1018 S SG  . CYS B 1 52  ? 0.930   13.307  -4.964  1.00 14.15 ? 32  CYS B SG  1 
ATOM   1019 N N   . MET B 1 53  ? 5.271   14.164  -2.668  1.00 10.51 ? 33  MET B N   1 
ATOM   1020 C CA  . MET B 1 53  ? 6.437   14.886  -2.203  1.00 10.04 ? 33  MET B CA  1 
ATOM   1021 C C   . MET B 1 53  ? 7.319   15.288  -3.342  1.00 12.43 ? 33  MET B C   1 
ATOM   1022 O O   . MET B 1 53  ? 8.031   14.450  -3.925  1.00 12.82 ? 33  MET B O   1 
ATOM   1023 C CB  . MET B 1 53  ? 7.332   14.072  -1.208  1.00 12.29 ? 33  MET B CB  1 
ATOM   1024 C CG  . MET B 1 53  ? 6.504   13.513  -0.035  1.00 11.37 ? 33  MET B CG  1 
ATOM   1025 S SD  . MET B 1 53  ? 7.559   12.711  1.244   1.00 15.58 ? 33  MET B SD  1 
ATOM   1026 C CE  . MET B 1 53  ? 8.301   14.093  1.960   1.00 16.00 ? 33  MET B CE  1 
ATOM   1027 N N   . PRO B 1 54  ? 7.421   16.575  -3.622  1.00 11.77 ? 34  PRO B N   1 
ATOM   1028 C CA  . PRO B 1 54  ? 8.534   17.041  -4.521  1.00 12.10 ? 34  PRO B CA  1 
ATOM   1029 C C   . PRO B 1 54  ? 9.906   16.617  -3.996  1.00 13.52 ? 34  PRO B C   1 
ATOM   1030 O O   . PRO B 1 54  ? 10.181  16.594  -2.763  1.00 12.74 ? 34  PRO B O   1 
ATOM   1031 C CB  . PRO B 1 54  ? 8.463   18.589  -4.392  1.00 14.21 ? 34  PRO B CB  1 
ATOM   1032 C CG  . PRO B 1 54  ? 6.946   18.803  -4.007  1.00 14.25 ? 34  PRO B CG  1 
ATOM   1033 C CD  . PRO B 1 54  ? 6.691   17.692  -2.982  1.00 14.14 ? 34  PRO B CD  1 
ATOM   1034 N N   . LYS B 1 55  ? 10.882  16.309  -4.891  1.00 12.73 ? 35  LYS B N   1 
ATOM   1035 C CA  . LYS B 1 55  ? 12.285  16.091  -4.494  1.00 14.19 ? 35  LYS B CA  1 
ATOM   1036 C C   . LYS B 1 55  ? 12.748  17.196  -3.531  1.00 13.53 ? 35  LYS B C   1 
ATOM   1037 O O   . LYS B 1 55  ? 12.504  18.394  -3.863  1.00 16.48 ? 35  LYS B O   1 
ATOM   1038 C CB  . LYS B 1 55  ? 13.125  16.095  -5.815  1.00 15.17 ? 35  LYS B CB  1 
ATOM   1039 C CG  . LYS B 1 55  ? 14.549  15.971  -5.415  1.00 18.65 ? 35  LYS B CG  1 
ATOM   1040 C CD  . LYS B 1 55  ? 15.546  15.898  -6.660  1.00 26.82 ? 35  LYS B CD  1 
ATOM   1041 C CE  . LYS B 1 55  ? 16.959  15.775  -6.072  1.00 31.17 ? 35  LYS B CE  1 
ATOM   1042 N NZ  . LYS B 1 55  ? 18.061  16.107  -7.045  1.00 38.10 ? 35  LYS B NZ  1 
ATOM   1043 N N   . GLY B 1 56  ? 13.332  16.832  -2.396  1.00 14.34 ? 36  GLY B N   1 
ATOM   1044 C CA  . GLY B 1 56  ? 13.859  17.789  -1.452  1.00 14.94 ? 36  GLY B CA  1 
ATOM   1045 C C   . GLY B 1 56  ? 12.830  18.160  -0.375  1.00 16.37 ? 36  GLY B C   1 
ATOM   1046 O O   . GLY B 1 56  ? 13.228  18.785  0.615   1.00 18.03 ? 36  GLY B O   1 
ATOM   1047 N N   . ALA B 1 57  ? 11.535  17.814  -0.563  1.00 14.29 ? 37  ALA B N   1 
ATOM   1048 C CA  . ALA B 1 57  ? 10.520  18.161  0.468   1.00 14.32 ? 37  ALA B CA  1 
ATOM   1049 C C   . ALA B 1 57  ? 10.756  17.395  1.751   1.00 13.85 ? 37  ALA B C   1 
ATOM   1050 O O   . ALA B 1 57  ? 11.251  16.219  1.742   1.00 14.59 ? 37  ALA B O   1 
ATOM   1051 C CB  . ALA B 1 57  ? 9.153   17.968  -0.034  1.00 13.68 ? 37  ALA B CB  1 
ATOM   1052 N N   . VAL B 1 58  ? 10.424  18.039  2.870   1.00 14.31 ? 38  VAL B N   1 
ATOM   1053 C CA  . VAL B 1 58  ? 10.582  17.488  4.179   1.00 13.65 ? 38  VAL B CA  1 
ATOM   1054 C C   . VAL B 1 58  ? 9.222   17.526  4.890   1.00 15.05 ? 38  VAL B C   1 
ATOM   1055 O O   . VAL B 1 58  ? 8.485   18.476  4.812   1.00 16.73 ? 38  VAL B O   1 
ATOM   1056 C CB  . VAL B 1 58  ? 11.603  18.244  4.995   1.00 16.27 ? 38  VAL B CB  1 
ATOM   1057 C CG1 . VAL B 1 58  ? 11.712  17.679  6.402   1.00 15.00 ? 38  VAL B CG1 1 
ATOM   1058 C CG2 . VAL B 1 58  ? 12.962  18.065  4.285   1.00 20.06 ? 38  VAL B CG2 1 
ATOM   1059 N N   . MET B 1 59  ? 8.884   16.446  5.553   1.00 14.79 ? 39  MET B N   1 
ATOM   1060 C CA  . MET B 1 59  ? 7.793   16.400  6.489   1.00 15.27 ? 39  MET B CA  1 
ATOM   1061 C C   . MET B 1 59  ? 8.327   16.056  7.784   1.00 14.32 ? 39  MET B C   1 
ATOM   1062 O O   . MET B 1 59  ? 8.592   14.875  8.094   1.00 13.99 ? 39  MET B O   1 
ATOM   1063 C CB  . MET B 1 59  ? 6.726   15.362  6.148   1.00 18.65 ? 39  MET B CB  1 
ATOM   1064 C CG  . MET B 1 59  ? 5.782   15.790  5.273   1.00 18.50 ? 39  MET B CG  1 
ATOM   1065 S SD  . MET B 1 59  ? 4.540   14.529  4.840   1.00 18.32 ? 39  MET B SD  1 
ATOM   1066 C CE  . MET B 1 59  ? 3.572   14.294  6.235   1.00 17.24 ? 39  MET B CE  1 
ATOM   1067 N N   . ASP B 1 60  ? 8.576   17.071  8.613   1.00 15.40 ? 40  ASP B N   1 
ATOM   1068 C CA  . ASP B 1 60  ? 9.237   16.812  9.915   1.00 14.69 ? 40  ASP B CA  1 
ATOM   1069 C C   . ASP B 1 60  ? 8.215   16.802  11.043  1.00 15.21 ? 40  ASP B C   1 
ATOM   1070 O O   . ASP B 1 60  ? 7.112   17.338  10.850  1.00 15.52 ? 40  ASP B O   1 
ATOM   1071 C CB  . ASP B 1 60  ? 10.287  17.902  10.185  1.00 16.40 ? 40  ASP B CB  1 
ATOM   1072 C CG  . ASP B 1 60  ? 11.321  17.482  11.244  1.00 20.82 ? 40  ASP B CG  1 
ATOM   1073 O OD1 . ASP B 1 60  ? 11.364  16.317  11.717  1.00 18.33 ? 40  ASP B OD1 1 
ATOM   1074 O OD2 . ASP B 1 60  ? 12.094  18.378  11.646  1.00 27.31 ? 40  ASP B OD2 1 
ATOM   1075 N N   . LYS B 1 61  ? 8.576   16.186  12.117  1.00 15.16 ? 41  LYS B N   1 
ATOM   1076 C CA  . LYS B 1 61  ? 7.734   16.134  13.317  1.00 15.44 ? 41  LYS B CA  1 
ATOM   1077 C C   . LYS B 1 61  ? 6.361   15.682  12.984  1.00 14.93 ? 41  LYS B C   1 
ATOM   1078 O O   . LYS B 1 61  ? 5.363   16.239  13.495  1.00 16.28 ? 41  LYS B O   1 
ATOM   1079 C CB  . LYS B 1 61  ? 7.707   17.497  13.996  1.00 16.18 ? 41  LYS B CB  1 
ATOM   1080 C CG  . LYS B 1 61  ? 9.155   17.739  14.487  1.00 19.57 ? 41  LYS B CG  1 
ATOM   1081 C CD  . LYS B 1 61  ? 9.340   18.958  15.360  1.00 24.76 ? 41  LYS B CD  1 
ATOM   1082 C CE  . LYS B 1 61  ? 10.663  18.856  16.146  1.00 27.30 ? 41  LYS B CE  1 
ATOM   1083 N NZ  . LYS B 1 61  ? 10.831  20.089  16.986  1.00 35.74 ? 41  LYS B NZ  1 
ATOM   1084 N N   . HIS B 1 62  ? 6.223   14.633  12.157  1.00 13.84 ? 42  HIS B N   1 
ATOM   1085 C CA  . HIS B 1 62  ? 4.948   14.129  11.816  1.00 13.76 ? 42  HIS B CA  1 
ATOM   1086 C C   . HIS B 1 62  ? 4.523   13.071  12.824  1.00 14.48 ? 42  HIS B C   1 
ATOM   1087 O O   . HIS B 1 62  ? 5.285   12.213  13.249  1.00 12.37 ? 42  HIS B O   1 
ATOM   1088 C CB  . HIS B 1 62  ? 5.080   13.540  10.413  1.00 15.44 ? 42  HIS B CB  1 
ATOM   1089 C CG  . HIS B 1 62  ? 3.760   13.098  9.842   1.00 15.16 ? 42  HIS B CG  1 
ATOM   1090 N ND1 . HIS B 1 62  ? 2.668   13.938  9.622   1.00 24.12 ? 42  HIS B ND1 1 
ATOM   1091 C CD2 . HIS B 1 62  ? 3.348   11.854  9.496   1.00 14.92 ? 42  HIS B CD2 1 
ATOM   1092 C CE1 . HIS B 1 62  ? 1.657   13.216  9.156   1.00 24.61 ? 42  HIS B CE1 1 
ATOM   1093 N NE2 . HIS B 1 62  ? 2.039   11.957  9.065   1.00 24.86 ? 42  HIS B NE2 1 
ATOM   1094 N N   . LYS B 1 63  ? 3.268   13.160  13.294  1.00 13.99 ? 43  LYS B N   1 
ATOM   1095 C CA  . LYS B 1 63  ? 2.758   12.212  14.292  1.00 15.36 ? 43  LYS B CA  1 
ATOM   1096 C C   . LYS B 1 63  ? 1.344   11.923  13.946  1.00 15.80 ? 43  LYS B C   1 
ATOM   1097 O O   . LYS B 1 63  ? 0.604   12.863  13.893  1.00 19.42 ? 43  LYS B O   1 
ATOM   1098 C CB  . LYS B 1 63  ? 2.819   12.813  15.691  1.00 15.44 ? 43  LYS B CB  1 
ATOM   1099 C CG  . LYS B 1 63  ? 2.379   11.791  16.738  1.00 19.45 ? 43  LYS B CG  1 
ATOM   1100 C CD  . LYS B 1 63  ? 2.309   12.383  18.121  1.00 20.80 ? 43  LYS B CD  1 
ATOM   1101 C CE  . LYS B 1 63  ? 3.713   12.491  18.654  1.00 21.19 ? 43  LYS B CE  1 
ATOM   1102 N NZ  . LYS B 1 63  ? 3.621   13.039  20.075  1.00 23.12 ? 43  LYS B NZ  1 
ATOM   1103 N N   . ALA B 1 64  ? 0.985   10.679  13.796  1.00 13.43 ? 44  ALA B N   1 
ATOM   1104 C CA  . ALA B 1 64  ? -0.427  10.305  13.515  1.00 12.91 ? 44  ALA B CA  1 
ATOM   1105 C C   . ALA B 1 64  ? -1.092  9.804   14.768  1.00 16.26 ? 44  ALA B C   1 
ATOM   1106 O O   . ALA B 1 64  ? -0.445  9.217   15.658  1.00 14.73 ? 44  ALA B O   1 
ATOM   1107 C CB  . ALA B 1 64  ? -0.419  9.175   12.426  1.00 15.61 ? 44  ALA B CB  1 
ATOM   1108 N N   . PRO B 1 65  ? -2.421  9.984   14.873  1.00 16.58 ? 45  PRO B N   1 
ATOM   1109 C CA  . PRO B 1 65  ? -3.101  9.642   16.113  1.00 15.91 ? 45  PRO B CA  1 
ATOM   1110 C C   . PRO B 1 65  ? -3.257  8.140   16.334  1.00 16.34 ? 45  PRO B C   1 
ATOM   1111 O O   . PRO B 1 65  ? -3.511  7.764   17.496  1.00 18.62 ? 45  PRO B O   1 
ATOM   1112 C CB  . PRO B 1 65  ? -4.549  10.279  15.899  1.00 18.42 ? 45  PRO B CB  1 
ATOM   1113 C CG  . PRO B 1 65  ? -4.701  10.397  14.404  1.00 20.47 ? 45  PRO B CG  1 
ATOM   1114 C CD  . PRO B 1 65  ? -3.293  10.732  13.926  1.00 18.11 ? 45  PRO B CD  1 
ATOM   1115 N N   . GLY B 1 66  ? -3.096  7.277   15.315  1.00 14.77 ? 46  GLY B N   1 
ATOM   1116 C CA  . GLY B 1 66  ? -3.260  5.904   15.369  1.00 13.42 ? 46  GLY B CA  1 
ATOM   1117 C C   . GLY B 1 66  ? -2.054  5.224   14.691  1.00 12.70 ? 46  GLY B C   1 
ATOM   1118 O O   . GLY B 1 66  ? -1.171  5.962   14.162  1.00 13.65 ? 46  GLY B O   1 
ATOM   1119 N N   . ALA B 1 67  ? -1.992  3.922   14.689  1.00 11.20 ? 47  ALA B N   1 
ATOM   1120 C CA  . ALA B 1 67  ? -0.946  3.138   13.995  1.00 11.69 ? 47  ALA B CA  1 
ATOM   1121 C C   . ALA B 1 67  ? -1.042  3.509   12.501  1.00 12.26 ? 47  ALA B C   1 
ATOM   1122 O O   . ALA B 1 67  ? -2.107  3.801   11.927  1.00 12.65 ? 47  ALA B O   1 
ATOM   1123 C CB  . ALA B 1 67  ? -1.167  1.693   14.203  1.00 12.35 ? 47  ALA B CB  1 
ATOM   1124 N N   . ILE B 1 68  ? 0.115   3.470   11.856  1.00 10.29 ? 48  ILE B N   1 
ATOM   1125 C CA  . ILE B 1 68  ? 0.203   3.772   10.402  1.00 11.31 ? 48  ILE B CA  1 
ATOM   1126 C C   . ILE B 1 68  ? 1.067   2.794   9.730   1.00 10.47 ? 48  ILE B C   1 
ATOM   1127 O O   . ILE B 1 68  ? 1.919   2.140   10.298  1.00 11.66 ? 48  ILE B O   1 
ATOM   1128 C CB  . ILE B 1 68  ? 0.682   5.169   10.104  1.00 10.64 ? 48  ILE B CB  1 
ATOM   1129 C CG1 . ILE B 1 68  ? 2.123   5.341   10.546  1.00 10.97 ? 48  ILE B CG1 1 
ATOM   1130 C CG2 . ILE B 1 68  ? -0.253  6.244   10.696  1.00 12.66 ? 48  ILE B CG2 1 
ATOM   1131 C CD1 . ILE B 1 68  ? 2.648   6.734   10.211  1.00 12.89 ? 48  ILE B CD1 1 
ATOM   1132 N N   . SER B 1 69  ? 0.885   2.713   8.412   1.00 10.76 ? 49  SER B N   1 
ATOM   1133 C CA  . SER B 1 69  ? 1.949   2.182   7.537   1.00 10.43 ? 49  SER B CA  1 
ATOM   1134 C C   . SER B 1 69  ? 2.243   3.203   6.478   1.00 11.01 ? 49  SER B C   1 
ATOM   1135 O O   . SER B 1 69  ? 1.367   4.009   6.083   1.00 10.30 ? 49  SER B O   1 
ATOM   1136 C CB  . SER B 1 69  ? 1.591   0.844   6.866   1.00 12.11 ? 49  SER B CB  1 
ATOM   1137 O OG  . SER B 1 69  ? 0.371   0.976   6.156   1.00 12.27 ? 49  SER B OG  1 
ATOM   1138 N N   . VAL B 1 70  ? 3.506   3.246   6.028   1.00 9.50  ? 50  VAL B N   1 
ATOM   1139 C CA  . VAL B 1 70  ? 3.994   4.185   5.045   1.00 8.88  ? 50  VAL B CA  1 
ATOM   1140 C C   . VAL B 1 70  ? 4.608   3.382   3.922   1.00 8.32  ? 50  VAL B C   1 
ATOM   1141 O O   . VAL B 1 70  ? 5.520   2.551   4.191   1.00 9.62  ? 50  VAL B O   1 
ATOM   1142 C CB  . VAL B 1 70  ? 5.021   5.146   5.679   1.00 9.39  ? 50  VAL B CB  1 
ATOM   1143 C CG1 . VAL B 1 70  ? 5.693   5.999   4.561   1.00 13.73 ? 50  VAL B CG1 1 
ATOM   1144 C CG2 . VAL B 1 70  ? 4.298   6.047   6.710   1.00 14.58 ? 50  VAL B CG2 1 
ATOM   1145 N N   . GLN B 1 71  ? 4.129   3.524   2.702   1.00 8.17  ? 51  GLN B N   1 
ATOM   1146 C CA  . GLN B 1 71  ? 4.732   2.725   1.572   1.00 9.00  ? 51  GLN B CA  1 
ATOM   1147 C C   . GLN B 1 71  ? 5.059   3.641   0.408   1.00 9.02  ? 51  GLN B C   1 
ATOM   1148 O O   . GLN B 1 71  ? 4.256   4.517   0.066   1.00 6.54  ? 51  GLN B O   1 
ATOM   1149 C CB  . GLN B 1 71  ? 3.695   1.702   1.111   1.00 13.69 ? 51  GLN B CB  1 
ATOM   1150 C CG  . GLN B 1 71  ? 4.349   0.470   0.377   1.00 15.68 ? 51  GLN B CG  1 
ATOM   1151 C CD  . GLN B 1 71  ? 4.346   0.639   -1.038  1.00 21.85 ? 51  GLN B CD  1 
ATOM   1152 O OE1 . GLN B 1 71  ? 3.513   1.390   -1.602  1.00 20.99 ? 51  GLN B OE1 1 
ATOM   1153 N NE2 . GLN B 1 71  ? 5.276   -0.043  -1.702  1.00 21.46 ? 51  GLN B NE2 1 
ATOM   1154 N N   . VAL B 1 72  ? 6.217   3.436   -0.218  1.00 9.78  ? 52  VAL B N   1 
ATOM   1155 C CA  . VAL B 1 72  ? 6.577   4.273   -1.364  1.00 10.75 ? 52  VAL B CA  1 
ATOM   1156 C C   . VAL B 1 72  ? 6.047   3.675   -2.630  1.00 9.73  ? 52  VAL B C   1 
ATOM   1157 O O   . VAL B 1 72  ? 6.514   2.617   -3.096  1.00 10.89 ? 52  VAL B O   1 
ATOM   1158 C CB  . VAL B 1 72  ? 8.083   4.429   -1.390  1.00 8.99  ? 52  VAL B CB  1 
ATOM   1159 C CG1 . VAL B 1 72  ? 8.571   5.297   -2.592  1.00 10.88 ? 52  VAL B CG1 1 
ATOM   1160 C CG2 . VAL B 1 72  ? 8.650   5.017   -0.073  1.00 11.19 ? 52  VAL B CG2 1 
ATOM   1161 N N   . LEU B 1 73  ? 5.062   4.263   -3.241  1.00 9.88  ? 53  LEU B N   1 
ATOM   1162 C CA  . LEU B 1 73  ? 4.522   3.783   -4.495  1.00 11.13 ? 53  LEU B CA  1 
ATOM   1163 C C   . LEU B 1 73  ? 5.390   4.176   -5.666  1.00 11.66 ? 53  LEU B C   1 
ATOM   1164 O O   . LEU B 1 73  ? 5.463   3.395   -6.644  1.00 14.94 ? 53  LEU B O   1 
ATOM   1165 C CB  . LEU B 1 73  ? 3.088   4.298   -4.732  1.00 12.06 ? 53  LEU B CB  1 
ATOM   1166 C CG  . LEU B 1 73  ? 2.113   3.974   -3.646  1.00 11.39 ? 53  LEU B CG  1 
ATOM   1167 C CD1 . LEU B 1 73  ? 0.768   4.580   -3.941  1.00 14.16 ? 53  LEU B CD1 1 
ATOM   1168 C CD2 . LEU B 1 73  ? 1.781   2.462   -3.759  1.00 19.83 ? 53  LEU B CD2 1 
ATOM   1169 N N   . GLU B 1 74  ? 5.998   5.357   -5.637  1.00 10.48 ? 54  GLU B N   1 
ATOM   1170 C CA  . GLU B 1 74  ? 6.915   5.849   -6.665  1.00 12.56 ? 54  GLU B CA  1 
ATOM   1171 C C   . GLU B 1 74  ? 7.905   6.740   -6.023  1.00 12.08 ? 54  GLU B C   1 
ATOM   1172 O O   . GLU B 1 74  ? 7.586   7.427   -5.050  1.00 11.67 ? 54  GLU B O   1 
ATOM   1173 C CB  . GLU B 1 74  ? 6.166   6.720   -7.663  1.00 15.86 ? 54  GLU B CB  1 
ATOM   1174 C CG  . GLU B 1 74  ? 5.132   5.874   -8.509  1.00 27.65 ? 54  GLU B CG  1 
ATOM   1175 C CD  . GLU B 1 74  ? 4.822   6.299   -10.000 1.00 39.67 ? 54  GLU B CD  1 
ATOM   1176 O OE1 . GLU B 1 74  ? 4.209   7.371   -10.249 1.00 44.70 ? 54  GLU B OE1 1 
ATOM   1177 O OE2 . GLU B 1 74  ? 5.117   5.475   -10.925 1.00 45.43 ? 54  GLU B OE2 1 
ATOM   1178 N N   . GLY B 1 75  ? 9.138   6.731   -6.473  1.00 11.75 ? 55  GLY B N   1 
ATOM   1179 C CA  . GLY B 1 75  ? 10.188  7.594   -5.955  1.00 9.86  ? 55  GLY B CA  1 
ATOM   1180 C C   . GLY B 1 75  ? 11.059  6.988   -4.904  1.00 10.43 ? 55  GLY B C   1 
ATOM   1181 O O   . GLY B 1 75  ? 11.355  5.733   -4.988  1.00 12.49 ? 55  GLY B O   1 
ATOM   1182 N N   . LYS B 1 76  ? 11.540  7.748   -3.907  1.00 10.86 ? 56  LYS B N   1 
ATOM   1183 C CA  . LYS B 1 76  ? 12.470  7.282   -2.956  1.00 12.45 ? 56  LYS B CA  1 
ATOM   1184 C C   . LYS B 1 76  ? 12.542  8.342   -1.852  1.00 13.34 ? 56  LYS B C   1 
ATOM   1185 O O   . LYS B 1 76  ? 12.707  9.574   -2.147  1.00 12.86 ? 56  LYS B O   1 
ATOM   1186 C CB  . LYS B 1 76  ? 13.840  7.174   -3.664  1.00 15.02 ? 56  LYS B CB  1 
ATOM   1187 C CG  . LYS B 1 76  ? 14.901  6.692   -2.688  1.00 19.30 ? 56  LYS B CG  1 
ATOM   1188 C CD  . LYS B 1 76  ? 16.261  6.422   -3.295  1.00 26.00 ? 56  LYS B CD  1 
ATOM   1189 C CE  . LYS B 1 76  ? 17.124  6.040   -2.097  1.00 34.20 ? 56  LYS B CE  1 
ATOM   1190 N NZ  . LYS B 1 76  ? 17.931  4.779   -2.309  1.00 41.41 ? 56  LYS B NZ  1 
ATOM   1191 N N   . ILE B 1 77  ? 12.408  7.877   -0.616  1.00 11.89 ? 57  ILE B N   1 
ATOM   1192 C CA  . ILE B 1 77  ? 12.517  8.777   0.570   1.00 11.44 ? 57  ILE B CA  1 
ATOM   1193 C C   . ILE B 1 77  ? 13.520  8.249   1.539   1.00 12.60 ? 57  ILE B C   1 
ATOM   1194 O O   . ILE B 1 77  ? 13.925  7.081   1.454   1.00 13.04 ? 57  ILE B O   1 
ATOM   1195 C CB  . ILE B 1 77  ? 11.102  9.011   1.233   1.00 11.55 ? 57  ILE B CB  1 
ATOM   1196 C CG1 . ILE B 1 77  ? 10.617  7.692   1.917   1.00 11.80 ? 57  ILE B CG1 1 
ATOM   1197 C CG2 . ILE B 1 77  ? 10.079  9.469   0.199   1.00 12.90 ? 57  ILE B CG2 1 
ATOM   1198 C CD1 . ILE B 1 77  ? 9.320   7.896   2.839   1.00 14.68 ? 57  ILE B CD1 1 
ATOM   1199 N N   . VAL B 1 78  ? 13.858  9.069   2.520   1.00 13.76 ? 58  VAL B N   1 
ATOM   1200 C CA  . VAL B 1 78  ? 14.457  8.617   3.730   1.00 13.80 ? 58  VAL B CA  1 
ATOM   1201 C C   . VAL B 1 78  ? 13.461  8.807   4.850   1.00 12.66 ? 58  VAL B C   1 
ATOM   1202 O O   . VAL B 1 78  ? 12.796  9.853   4.933   1.00 13.70 ? 58  VAL B O   1 
ATOM   1203 C CB  . VAL B 1 78  ? 15.730  9.446   3.995   1.00 16.47 ? 58  VAL B CB  1 
ATOM   1204 C CG1 . VAL B 1 78  ? 16.408  8.951   5.257   1.00 19.77 ? 58  VAL B CG1 1 
ATOM   1205 C CG2 . VAL B 1 78  ? 16.736  9.055   2.950   1.00 21.59 ? 58  VAL B CG2 1 
ATOM   1206 N N   . PHE B 1 79  ? 13.394  7.874   5.758   1.00 13.01 ? 59  PHE B N   1 
ATOM   1207 C CA  . PHE B 1 79  ? 12.423  7.896   6.846   1.00 12.39 ? 59  PHE B CA  1 
ATOM   1208 C C   . PHE B 1 79  ? 13.185  7.852   8.115   1.00 13.90 ? 59  PHE B C   1 
ATOM   1209 O O   . PHE B 1 79  ? 13.969  6.936   8.323   1.00 14.14 ? 59  PHE B O   1 
ATOM   1210 C CB  . PHE B 1 79  ? 11.516  6.618   6.696   1.00 13.72 ? 59  PHE B CB  1 
ATOM   1211 C CG  . PHE B 1 79  ? 10.286  6.668   7.490   1.00 12.52 ? 59  PHE B CG  1 
ATOM   1212 C CD1 . PHE B 1 79  ? 9.133   7.233   6.992   1.00 14.92 ? 59  PHE B CD1 1 
ATOM   1213 C CD2 . PHE B 1 79  ? 10.285  6.188   8.783   1.00 13.27 ? 59  PHE B CD2 1 
ATOM   1214 C CE1 . PHE B 1 79  ? 7.933   7.254   7.794   1.00 16.55 ? 59  PHE B CE1 1 
ATOM   1215 C CE2 . PHE B 1 79  ? 9.057   6.178   9.599   1.00 17.06 ? 59  PHE B CE2 1 
ATOM   1216 C CZ  . PHE B 1 79  ? 7.896   6.776   9.068   1.00 15.85 ? 59  PHE B CZ  1 
ATOM   1217 N N   . GLU B 1 80  ? 12.900  8.743   9.056   1.00 13.85 ? 60  GLU B N   1 
ATOM   1218 C CA  . GLU B 1 80  ? 13.522  8.743   10.366  1.00 12.70 ? 60  GLU B CA  1 
ATOM   1219 C C   . GLU B 1 80  ? 12.548  8.438   11.472  1.00 14.79 ? 60  GLU B C   1 
ATOM   1220 O O   . GLU B 1 80  ? 11.448  9.009   11.527  1.00 12.29 ? 60  GLU B O   1 
ATOM   1221 C CB  . GLU B 1 80  ? 14.170  10.102  10.697  1.00 14.63 ? 60  GLU B CB  1 
ATOM   1222 C CG  . GLU B 1 80  ? 15.220  10.562  9.714   1.00 18.30 ? 60  GLU B CG  1 
ATOM   1223 C CD  . GLU B 1 80  ? 15.867  11.891  10.156  1.00 18.71 ? 60  GLU B CD  1 
ATOM   1224 O OE1 . GLU B 1 80  ? 15.547  12.403  11.259  1.00 22.74 ? 60  GLU B OE1 1 
ATOM   1225 O OE2 . GLU B 1 80  ? 16.731  12.323  9.358   1.00 25.17 ? 60  GLU B OE2 1 
ATOM   1226 N N   . VAL B 1 81  ? 12.952  7.622   12.423  1.00 12.42 ? 61  VAL B N   1 
ATOM   1227 C CA  . VAL B 1 81  ? 12.172  7.372   13.632  1.00 12.96 ? 61  VAL B CA  1 
ATOM   1228 C C   . VAL B 1 81  ? 13.127  7.045   14.765  1.00 13.68 ? 61  VAL B C   1 
ATOM   1229 O O   . VAL B 1 81  ? 14.178  6.432   14.447  1.00 13.54 ? 61  VAL B O   1 
ATOM   1230 C CB  . VAL B 1 81  ? 11.129  6.294   13.331  1.00 16.45 ? 61  VAL B CB  1 
ATOM   1231 C CG1 . VAL B 1 81  ? 11.796  4.999   12.908  1.00 16.77 ? 61  VAL B CG1 1 
ATOM   1232 C CG2 . VAL B 1 81  ? 10.296  6.085   14.516  1.00 18.75 ? 61  VAL B CG2 1 
ATOM   1233 N N   . GLY B 1 82  ? 12.875  7.487   15.975  1.00 12.75 ? 62  GLY B N   1 
ATOM   1234 C CA  . GLY B 1 82  ? 13.878  7.226   17.060  1.00 12.72 ? 62  GLY B CA  1 
ATOM   1235 C C   . GLY B 1 82  ? 15.218  7.811   16.605  1.00 12.16 ? 62  GLY B C   1 
ATOM   1236 O O   . GLY B 1 82  ? 15.285  8.978   16.202  1.00 12.14 ? 62  GLY B O   1 
ATOM   1237 N N   . ASP B 1 83  ? 16.278  6.986   16.752  1.00 13.66 ? 63  ASP B N   1 
ATOM   1238 C CA  . ASP B 1 83  ? 17.583  7.435   16.271  1.00 14.98 ? 63  ASP B CA  1 
ATOM   1239 C C   . ASP B 1 83  ? 17.950  6.744   15.026  1.00 16.39 ? 63  ASP B C   1 
ATOM   1240 O O   . ASP B 1 83  ? 19.119  6.745   14.716  1.00 16.26 ? 63  ASP B O   1 
ATOM   1241 C CB  . ASP B 1 83  ? 18.661  7.324   17.367  1.00 15.41 ? 63  ASP B CB  1 
ATOM   1242 C CG  . ASP B 1 83  ? 18.896  5.917   17.835  1.00 18.98 ? 63  ASP B CG  1 
ATOM   1243 O OD1 . ASP B 1 83  ? 18.216  4.960   17.309  1.00 19.88 ? 63  ASP B OD1 1 
ATOM   1244 O OD2 . ASP B 1 83  ? 19.691  5.706   18.784  1.00 18.41 ? 63  ASP B OD2 1 
ATOM   1245 N N   . GLU B 1 84  ? 16.998  6.268   14.241  1.00 15.60 ? 64  GLU B N   1 
ATOM   1246 C CA  . GLU B 1 84  ? 17.259  5.565   13.000  1.00 17.09 ? 64  GLU B CA  1 
ATOM   1247 C C   . GLU B 1 84  ? 16.935  6.365   11.778  1.00 15.62 ? 64  GLU B C   1 
ATOM   1248 O O   . GLU B 1 84  ? 16.056  7.233   11.856  1.00 15.76 ? 64  GLU B O   1 
ATOM   1249 C CB  . GLU B 1 84  ? 16.434  4.289   12.912  1.00 18.87 ? 64  GLU B CB  1 
ATOM   1250 C CG  . GLU B 1 84  ? 16.749  3.370   14.056  1.00 27.99 ? 64  GLU B CG  1 
ATOM   1251 C CD  . GLU B 1 84  ? 15.587  2.418   14.394  1.00 37.90 ? 64  GLU B CD  1 
ATOM   1252 O OE1 . GLU B 1 84  ? 15.483  1.426   13.675  1.00 35.80 ? 64  GLU B OE1 1 
ATOM   1253 O OE2 . GLU B 1 84  ? 14.780  2.711   15.351  1.00 43.04 ? 64  GLU B OE2 1 
ATOM   1254 N N   . LYS B 1 85  ? 17.582  6.075   10.656  1.00 17.18 ? 65  LYS B N   1 
ATOM   1255 C CA  . LYS B 1 85  ? 17.350  6.786   9.414   1.00 19.36 ? 65  LYS B CA  1 
ATOM   1256 C C   . LYS B 1 85  ? 17.412  5.698   8.342   1.00 21.76 ? 65  LYS B C   1 
ATOM   1257 O O   . LYS B 1 85  ? 18.398  4.912   8.214   1.00 23.25 ? 65  LYS B O   1 
ATOM   1258 C CB  . LYS B 1 85  ? 18.428  7.820   9.194   1.00 21.66 ? 65  LYS B CB  1 
ATOM   1259 C CG  . LYS B 1 85  ? 18.289  8.739   8.032   1.00 27.32 ? 65  LYS B CG  1 
ATOM   1260 C CD  . LYS B 1 85  ? 19.555  9.659   7.840   1.00 34.59 ? 65  LYS B CD  1 
ATOM   1261 C CE  . LYS B 1 85  ? 20.879  8.867   8.086   1.00 42.16 ? 65  LYS B CE  1 
ATOM   1262 N NZ  . LYS B 1 85  ? 22.210  9.563   7.714   1.00 47.58 ? 65  LYS B NZ  1 
ATOM   1263 N N   . ILE B 1 86  ? 16.343  5.520   7.602   1.00 18.17 ? 66  ILE B N   1 
ATOM   1264 C CA  . ILE B 1 86  ? 16.247  4.329   6.785   1.00 20.93 ? 66  ILE B CA  1 
ATOM   1265 C C   . ILE B 1 86  ? 15.843  4.740   5.346   1.00 16.79 ? 66  ILE B C   1 
ATOM   1266 O O   . ILE B 1 86  ? 14.848  5.516   5.141   1.00 16.29 ? 66  ILE B O   1 
ATOM   1267 C CB  . ILE B 1 86  ? 15.066  3.502   7.345   1.00 22.71 ? 66  ILE B CB  1 
ATOM   1268 C CG1 . ILE B 1 86  ? 15.275  3.179   8.850   1.00 26.69 ? 66  ILE B CG1 1 
ATOM   1269 C CG2 . ILE B 1 86  ? 14.804  2.264   6.491   1.00 28.17 ? 66  ILE B CG2 1 
ATOM   1270 C CD1 . ILE B 1 86  ? 13.927  2.889   9.607   1.00 26.19 ? 66  ILE B CD1 1 
ATOM   1271 N N   . GLU B 1 87  ? 16.603  4.355   4.320   1.00 17.46 ? 67  GLU B N   1 
ATOM   1272 C CA  . GLU B 1 87  ? 16.228  4.657   2.952   1.00 18.76 ? 67  GLU B CA  1 
ATOM   1273 C C   . GLU B 1 87  ? 15.051  3.746   2.530   1.00 17.27 ? 67  GLU B C   1 
ATOM   1274 O O   . GLU B 1 87  ? 15.067  2.546   2.754   1.00 19.25 ? 67  GLU B O   1 
ATOM   1275 C CB  . GLU B 1 87  ? 17.366  4.386   1.934   1.00 20.83 ? 67  GLU B CB  1 
ATOM   1276 C CG  . GLU B 1 87  ? 18.504  5.252   2.016   1.00 29.20 ? 67  GLU B CG  1 
ATOM   1277 C CD  . GLU B 1 87  ? 19.143  5.439   0.609   1.00 40.42 ? 67  GLU B CD  1 
ATOM   1278 O OE1 . GLU B 1 87  ? 19.193  4.442   -0.175  1.00 41.46 ? 67  GLU B OE1 1 
ATOM   1279 O OE2 . GLU B 1 87  ? 19.546  6.589   0.288   1.00 41.78 ? 67  GLU B OE2 1 
ATOM   1280 N N   . MET B 1 88  ? 14.091  4.331   1.837   1.00 12.71 ? 68  MET B N   1 
ATOM   1281 C CA  . MET B 1 88  ? 12.911  3.628   1.373   1.00 13.23 ? 68  MET B CA  1 
ATOM   1282 C C   . MET B 1 88  ? 12.751  3.879   -0.099  1.00 13.40 ? 68  MET B C   1 
ATOM   1283 O O   . MET B 1 88  ? 12.165  4.833   -0.537  1.00 13.54 ? 68  MET B O   1 
ATOM   1284 C CB  . MET B 1 88  ? 11.694  4.103   2.194   1.00 13.08 ? 68  MET B CB  1 
ATOM   1285 C CG  . MET B 1 88  ? 11.707  3.650   3.635   1.00 10.88 ? 68  MET B CG  1 
ATOM   1286 S SD  . MET B 1 88  ? 10.212  4.156   4.496   1.00 12.63 ? 68  MET B SD  1 
ATOM   1287 C CE  . MET B 1 88  ? 9.154   2.933   3.802   1.00 12.81 ? 68  MET B CE  1 
ATOM   1288 N N   . PRO B 1 89  ? 13.341  3.000   -0.961  1.00 14.71 ? 69  PRO B N   1 
ATOM   1289 C CA  . PRO B 1 89  ? 13.071  3.063   -2.347  1.00 14.84 ? 69  PRO B CA  1 
ATOM   1290 C C   . PRO B 1 89  ? 11.676  2.609   -2.729  1.00 13.60 ? 69  PRO B C   1 
ATOM   1291 O O   . PRO B 1 89  ? 10.908  2.122   -1.889  1.00 13.05 ? 69  PRO B O   1 
ATOM   1292 C CB  . PRO B 1 89  ? 14.088  2.022   -2.937  1.00 15.82 ? 69  PRO B CB  1 
ATOM   1293 C CG  . PRO B 1 89  ? 14.374  1.114   -1.862  1.00 21.54 ? 69  PRO B CG  1 
ATOM   1294 C CD  . PRO B 1 89  ? 14.106  1.813   -0.540  1.00 15.82 ? 69  PRO B CD  1 
ATOM   1295 N N   . LYS B 1 90  ? 11.289  2.762   -3.992  1.00 14.07 ? 70  LYS B N   1 
ATOM   1296 C CA  . LYS B 1 90  ? 9.963   2.347   -4.458  1.00 12.73 ? 70  LYS B CA  1 
ATOM   1297 C C   . LYS B 1 90  ? 9.666   0.924   -4.026  1.00 12.26 ? 70  LYS B C   1 
ATOM   1298 O O   . LYS B 1 90  ? 10.546  -0.010  -4.203  1.00 15.28 ? 70  LYS B O   1 
ATOM   1299 C CB  . LYS B 1 90  ? 9.923   2.436   -6.008  1.00 15.24 ? 70  LYS B CB  1 
ATOM   1300 C CG  . LYS B 1 90  ? 8.603   2.094   -6.545  1.00 18.13 ? 70  LYS B CG  1 
ATOM   1301 C CD  . LYS B 1 90  ? 8.699   2.135   -8.087  1.00 23.30 ? 70  LYS B CD  1 
ATOM   1302 C CE  . LYS B 1 90  ? 7.405   1.576   -8.664  1.00 29.36 ? 70  LYS B CE  1 
ATOM   1303 N NZ  . LYS B 1 90  ? 7.280   1.873   -10.148 1.00 33.82 ? 70  LYS B NZ  1 
ATOM   1304 N N   . GLY B 1 91  ? 8.520   0.688   -3.456  1.00 11.05 ? 71  GLY B N   1 
ATOM   1305 C CA  . GLY B 1 91  ? 8.110   -0.654  -3.010  1.00 10.97 ? 71  GLY B CA  1 
ATOM   1306 C C   . GLY B 1 91  ? 8.318   -0.827  -1.517  1.00 12.30 ? 71  GLY B C   1 
ATOM   1307 O O   . GLY B 1 91  ? 7.746   -1.776  -0.931  1.00 13.25 ? 71  GLY B O   1 
ATOM   1308 N N   . ALA B 1 92  ? 9.158   0.013   -0.870  1.00 9.98  ? 72  ALA B N   1 
ATOM   1309 C CA  . ALA B 1 92  ? 9.421   -0.204  0.564   1.00 9.60  ? 72  ALA B CA  1 
ATOM   1310 C C   . ALA B 1 92  ? 8.251   0.188   1.454   1.00 9.79  ? 72  ALA B C   1 
ATOM   1311 O O   . ALA B 1 92  ? 7.569   1.167   1.194   1.00 9.15  ? 72  ALA B O   1 
ATOM   1312 C CB  . ALA B 1 92  ? 10.654  0.614   1.017   1.00 11.81 ? 72  ALA B CB  1 
ATOM   1313 N N   . LEU B 1 93  ? 8.081   -0.543  2.547   1.00 9.51  ? 73  LEU B N   1 
ATOM   1314 C CA  . LEU B 1 93  ? 6.996   -0.310  3.520   1.00 10.78 ? 73  LEU B CA  1 
ATOM   1315 C C   . LEU B 1 93  ? 7.541   -0.343  4.922   1.00 10.37 ? 73  LEU B C   1 
ATOM   1316 O O   . LEU B 1 93  ? 8.400   -1.163  5.223   1.00 11.54 ? 73  LEU B O   1 
ATOM   1317 C CB  . LEU B 1 93  ? 5.917   -1.445  3.373   1.00 10.79 ? 73  LEU B CB  1 
ATOM   1318 C CG  . LEU B 1 93  ? 4.850   -1.415  4.485   1.00 13.22 ? 73  LEU B CG  1 
ATOM   1319 C CD1 . LEU B 1 93  ? 3.901   -0.309  4.330   1.00 20.26 ? 73  LEU B CD1 1 
ATOM   1320 C CD2 . LEU B 1 93  ? 4.041   -2.802  4.324   1.00 24.76 ? 73  LEU B CD2 1 
ATOM   1321 N N   . ILE B 1 94  ? 7.113   0.608   5.737   1.00 10.38 ? 74  ILE B N   1 
ATOM   1322 C CA  . ILE B 1 94  ? 7.331   0.534   7.178   1.00 11.99 ? 74  ILE B CA  1 
ATOM   1323 C C   . ILE B 1 94  ? 6.040   0.687   7.929   1.00 11.25 ? 74  ILE B C   1 
ATOM   1324 O O   . ILE B 1 94  ? 5.128   1.382   7.407   1.00 12.56 ? 74  ILE B O   1 
ATOM   1325 C CB  . ILE B 1 94  ? 8.337   1.655   7.623   1.00 11.08 ? 74  ILE B CB  1 
ATOM   1326 C CG1 . ILE B 1 94  ? 8.759   1.458   9.035   1.00 16.38 ? 74  ILE B CG1 1 
ATOM   1327 C CG2 . ILE B 1 94  ? 7.876   3.007   7.442   1.00 13.79 ? 74  ILE B CG2 1 
ATOM   1328 C CD1 . ILE B 1 94  ? 10.061  2.261   9.339   1.00 20.23 ? 74  ILE B CD1 1 
ATOM   1329 N N   . SER B 1 95  ? 5.876   0.083   9.087   1.00 11.77 ? 75  SER B N   1 
ATOM   1330 C CA  . SER B 1 95  ? 4.658   0.239   9.907   1.00 12.82 ? 75  SER B CA  1 
ATOM   1331 C C   . SER B 1 95  ? 5.125   0.794   11.263  1.00 12.30 ? 75  SER B C   1 
ATOM   1332 O O   . SER B 1 95  ? 6.153   0.335   11.792  1.00 15.15 ? 75  SER B O   1 
ATOM   1333 C CB  . SER B 1 95  ? 3.937   -1.108  10.065  1.00 13.36 ? 75  SER B CB  1 
ATOM   1334 O OG  . SER B 1 95  ? 3.499   -1.590  8.753   1.00 18.05 ? 75  SER B OG  1 
ATOM   1335 N N   . LEU B 1 96  ? 4.362   1.706   11.808  1.00 11.25 ? 76  LEU B N   1 
ATOM   1336 C CA  . LEU B 1 96  ? 4.672   2.301   13.102  1.00 10.70 ? 76  LEU B CA  1 
ATOM   1337 C C   . LEU B 1 96  ? 3.525   2.131   14.064  1.00 13.20 ? 76  LEU B C   1 
ATOM   1338 O O   . LEU B 1 96  ? 2.369   2.207   13.650  1.00 12.57 ? 76  LEU B O   1 
ATOM   1339 C CB  . LEU B 1 96  ? 4.938   3.826   12.964  1.00 13.24 ? 76  LEU B CB  1 
ATOM   1340 C CG  . LEU B 1 96  ? 6.095   4.333   12.187  1.00 17.88 ? 76  LEU B CG  1 
ATOM   1341 C CD1 . LEU B 1 96  ? 6.240   5.858   12.444  1.00 18.17 ? 76  LEU B CD1 1 
ATOM   1342 C CD2 . LEU B 1 96  ? 7.303   3.558   12.461  1.00 24.83 ? 76  LEU B CD2 1 
ATOM   1343 N N   . GLU B 1 97  ? 3.825   1.982   15.352  1.00 12.80 ? 77  GLU B N   1 
ATOM   1344 C CA  . GLU B 1 97  ? 2.747   2.042   16.329  1.00 13.49 ? 77  GLU B CA  1 
ATOM   1345 C C   . GLU B 1 97  ? 2.184   3.458   16.446  1.00 11.09 ? 77  GLU B C   1 
ATOM   1346 O O   . GLU B 1 97  ? 2.693   4.423   15.912  1.00 11.34 ? 77  GLU B O   1 
ATOM   1347 C CB  . GLU B 1 97  ? 3.330   1.663   17.678  1.00 15.06 ? 77  GLU B CB  1 
ATOM   1348 C CG  . GLU B 1 97  ? 3.937   0.262   17.670  1.00 20.65 ? 77  GLU B CG  1 
ATOM   1349 C CD  . GLU B 1 97  ? 2.926   -0.850  17.343  1.00 33.70 ? 77  GLU B CD  1 
ATOM   1350 O OE1 . GLU B 1 97  ? 1.703   -0.714  17.617  1.00 37.87 ? 77  GLU B OE1 1 
ATOM   1351 O OE2 . GLU B 1 97  ? 3.363   -1.899  16.765  1.00 40.59 ? 77  GLU B OE2 1 
ATOM   1352 N N   . ALA B 1 98  ? 1.042   3.582   17.162  1.00 11.76 ? 78  ALA B N   1 
ATOM   1353 C CA  . ALA B 1 98  ? 0.377   4.844   17.263  1.00 11.26 ? 78  ALA B CA  1 
ATOM   1354 C C   . ALA B 1 98  ? 1.212   5.960   17.842  1.00 12.68 ? 78  ALA B C   1 
ATOM   1355 O O   . ALA B 1 98  ? 1.919   5.724   18.851  1.00 11.98 ? 78  ALA B O   1 
ATOM   1356 C CB  . ALA B 1 98  ? -1.001  4.724   18.142  1.00 13.78 ? 78  ALA B CB  1 
ATOM   1357 N N   . GLN B 1 99  ? 1.098   7.152   17.282  1.00 11.80 ? 79  GLN B N   1 
ATOM   1358 C CA  . GLN B 1 99  ? 1.635   8.346   17.890  1.00 11.98 ? 79  GLN B CA  1 
ATOM   1359 C C   . GLN B 1 99  ? 3.189   8.391   18.005  1.00 13.51 ? 79  GLN B C   1 
ATOM   1360 O O   . GLN B 1 99  ? 3.717   9.141   18.734  1.00 17.17 ? 79  GLN B O   1 
ATOM   1361 C CB  . GLN B 1 99  ? 0.934   8.627   19.208  1.00 12.07 ? 79  GLN B CB  1 
ATOM   1362 C CG  . GLN B 1 99  ? -0.583  8.943   18.953  1.00 14.06 ? 79  GLN B CG  1 
ATOM   1363 C CD  . GLN B 1 99  ? -1.341  9.238   20.244  1.00 15.17 ? 79  GLN B CD  1 
ATOM   1364 O OE1 . GLN B 1 99  ? -0.743  9.610   21.231  1.00 17.17 ? 79  GLN B OE1 1 
ATOM   1365 N NE2 . GLN B 1 99  ? -2.669  9.231   20.142  1.00 20.58 ? 79  GLN B NE2 1 
ATOM   1366 N N   . VAL B 1 100 ? 3.847   7.690   17.140  1.00 14.04 ? 80  VAL B N   1 
ATOM   1367 C CA  . VAL B 1 100 ? 5.315   7.667   17.173  1.00 13.66 ? 80  VAL B CA  1 
ATOM   1368 C C   . VAL B 1 100 ? 5.756   8.781   16.177  1.00 10.87 ? 80  VAL B C   1 
ATOM   1369 O O   . VAL B 1 100 ? 5.404   8.791   14.966  1.00 11.79 ? 80  VAL B O   1 
ATOM   1370 C CB  . VAL B 1 100 ? 5.746   6.332   16.716  1.00 15.51 ? 80  VAL B CB  1 
ATOM   1371 C CG1 . VAL B 1 100 ? 7.243   6.325   16.461  1.00 17.88 ? 80  VAL B CG1 1 
ATOM   1372 C CG2 . VAL B 1 100 ? 5.437   5.329   17.821  1.00 16.11 ? 80  VAL B CG2 1 
ATOM   1373 N N   . LEU B 1 101 ? 6.536   9.736   16.709  1.00 12.08 ? 81  LEU B N   1 
ATOM   1374 C CA  . LEU B 1 101 ? 7.031   10.892  15.923  1.00 10.16 ? 81  LEU B CA  1 
ATOM   1375 C C   . LEU B 1 101 ? 8.080   10.434  14.869  1.00 9.14  ? 81  LEU B C   1 
ATOM   1376 O O   . LEU B 1 101 ? 8.924   9.543   15.142  1.00 12.56 ? 81  LEU B O   1 
ATOM   1377 C CB  . LEU B 1 101 ? 7.663   11.898  16.871  1.00 11.99 ? 81  LEU B CB  1 
ATOM   1378 C CG  . LEU B 1 101 ? 7.995   13.245  16.284  1.00 15.12 ? 81  LEU B CG  1 
ATOM   1379 C CD1 . LEU B 1 101 ? 6.746   14.014  16.021  1.00 15.15 ? 81  LEU B CD1 1 
ATOM   1380 C CD2 . LEU B 1 101 ? 8.798   14.118  17.312  1.00 15.16 ? 81  LEU B CD2 1 
ATOM   1381 N N   . HIS B 1 102 ? 7.965   10.979  13.677  1.00 10.11 ? 82  HIS B N   1 
ATOM   1382 C CA  . HIS B 1 102 ? 8.883   10.566  12.585  1.00 9.99  ? 82  HIS B CA  1 
ATOM   1383 C C   . HIS B 1 102 ? 9.102   11.651  11.619  1.00 9.81  ? 82  HIS B C   1 
ATOM   1384 O O   . HIS B 1 102 ? 8.429   12.763  11.729  1.00 11.39 ? 82  HIS B O   1 
ATOM   1385 C CB  . HIS B 1 102 ? 8.330   9.291   11.880  1.00 10.40 ? 82  HIS B CB  1 
ATOM   1386 C CG  . HIS B 1 102 ? 6.927   9.441   11.374  1.00 9.51  ? 82  HIS B CG  1 
ATOM   1387 N ND1 . HIS B 1 102 ? 5.803   9.281   12.171  1.00 10.76 ? 82  HIS B ND1 1 
ATOM   1388 C CD2 . HIS B 1 102 ? 6.488   9.739   10.141  1.00 11.58 ? 82  HIS B CD2 1 
ATOM   1389 C CE1 . HIS B 1 102 ? 4.714   9.521   11.425  1.00 12.35 ? 82  HIS B CE1 1 
ATOM   1390 N NE2 . HIS B 1 102 ? 5.104   9.826   10.198  1.00 13.86 ? 82  HIS B NE2 1 
ATOM   1391 N N   . ARG B 1 103 ? 9.942   11.484  10.617  1.00 9.99  ? 83  ARG B N   1 
ATOM   1392 C CA  . ARG B 1 103 ? 10.264  12.514  9.651   1.00 10.51 ? 83  ARG B CA  1 
ATOM   1393 C C   . ARG B 1 103 ? 10.386  11.811  8.277   1.00 10.32 ? 83  ARG B C   1 
ATOM   1394 O O   . ARG B 1 103 ? 10.943  10.680  8.248   1.00 10.40 ? 83  ARG B O   1 
ATOM   1395 C CB  . ARG B 1 103 ? 11.674  13.124  9.972   1.00 10.99 ? 83  ARG B CB  1 
ATOM   1396 C CG  . ARG B 1 103 ? 12.185  14.091  8.947   1.00 12.57 ? 83  ARG B CG  1 
ATOM   1397 C CD  . ARG B 1 103 ? 13.482  14.772  9.478   1.00 14.36 ? 83  ARG B CD  1 
ATOM   1398 N NE  . ARG B 1 103 ? 14.114  15.438  8.343   1.00 17.27 ? 83  ARG B NE  1 
ATOM   1399 C CZ  . ARG B 1 103 ? 14.843  16.514  8.385   1.00 23.05 ? 83  ARG B CZ  1 
ATOM   1400 N NH1 . ARG B 1 103 ? 15.240  16.980  7.205   1.00 22.88 ? 83  ARG B NH1 1 
ATOM   1401 N NH2 . ARG B 1 103 ? 15.202  17.028  9.567   1.00 30.06 ? 83  ARG B NH2 1 
ATOM   1402 N N   . LEU B 1 104 ? 9.916   12.423  7.221   1.00 10.62 ? 84  LEU B N   1 
ATOM   1403 C CA  . LEU B 1 104 ? 10.091  11.925  5.821   1.00 11.87 ? 84  LEU B CA  1 
ATOM   1404 C C   . LEU B 1 104 ? 10.839  12.988  5.013   1.00 12.00 ? 84  LEU B C   1 
ATOM   1405 O O   . LEU B 1 104 ? 10.495  14.171  5.098   1.00 12.40 ? 84  LEU B O   1 
ATOM   1406 C CB  . LEU B 1 104 ? 8.668   11.696  5.124   1.00 13.42 ? 84  LEU B CB  1 
ATOM   1407 C CG  . LEU B 1 104 ? 7.599   10.930  5.877   1.00 17.38 ? 84  LEU B CG  1 
ATOM   1408 C CD1 . LEU B 1 104 ? 6.766   10.320  4.754   1.00 19.76 ? 84  LEU B CD1 1 
ATOM   1409 C CD2 . LEU B 1 104 ? 8.079   9.891   6.707   1.00 28.58 ? 84  LEU B CD2 1 
ATOM   1410 N N   . ASP B 1 105 ? 11.841  12.580  4.228   1.00 11.39 ? 85  ASP B N   1 
ATOM   1411 C CA  . ASP B 1 105 ? 12.551  13.479  3.326   1.00 12.87 ? 85  ASP B CA  1 
ATOM   1412 C C   . ASP B 1 105 ? 12.505  12.880  1.949   1.00 10.94 ? 85  ASP B C   1 
ATOM   1413 O O   . ASP B 1 105 ? 12.886  11.688  1.809   1.00 12.29 ? 85  ASP B O   1 
ATOM   1414 C CB  . ASP B 1 105 ? 14.055  13.622  3.682   1.00 16.03 ? 85  ASP B CB  1 
ATOM   1415 C CG  . ASP B 1 105 ? 14.281  14.469  4.920   1.00 22.60 ? 85  ASP B CG  1 
ATOM   1416 O OD1 . ASP B 1 105 ? 13.888  14.005  6.004   1.00 24.59 ? 85  ASP B OD1 1 
ATOM   1417 O OD2 . ASP B 1 105 ? 14.834  15.586  4.818   1.00 23.99 ? 85  ASP B OD2 1 
ATOM   1418 N N   . ALA B 1 106 ? 12.059  13.540  0.942   1.00 12.77 ? 86  ALA B N   1 
ATOM   1419 C CA  . ALA B 1 106 ? 12.082  12.969  -0.420  1.00 12.17 ? 86  ALA B CA  1 
ATOM   1420 C C   . ALA B 1 106 ? 13.421  13.193  -1.131  1.00 13.14 ? 86  ALA B C   1 
ATOM   1421 O O   . ALA B 1 106 ? 13.928  14.306  -1.261  1.00 14.60 ? 86  ALA B O   1 
ATOM   1422 C CB  . ALA B 1 106 ? 10.962  13.596  -1.213  1.00 13.82 ? 86  ALA B CB  1 
ATOM   1423 N N   . LEU B 1 107 ? 13.917  12.080  -1.645  1.00 13.49 ? 87  LEU B N   1 
ATOM   1424 C CA  . LEU B 1 107 ? 15.181  12.128  -2.437  1.00 14.24 ? 87  LEU B CA  1 
ATOM   1425 C C   . LEU B 1 107 ? 14.887  12.288  -3.884  1.00 16.51 ? 87  LEU B C   1 
ATOM   1426 O O   . LEU B 1 107 ? 15.834  12.666  -4.677  1.00 18.51 ? 87  LEU B O   1 
ATOM   1427 C CB  . LEU B 1 107 ? 16.022  10.886  -2.206  1.00 15.95 ? 87  LEU B CB  1 
ATOM   1428 C CG  . LEU B 1 107 ? 16.396  10.613  -0.795  1.00 17.38 ? 87  LEU B CG  1 
ATOM   1429 C CD1 . LEU B 1 107 ? 17.284  9.317   -0.753  1.00 18.33 ? 87  LEU B CD1 1 
ATOM   1430 C CD2 . LEU B 1 107 ? 17.141  11.794  -0.174  1.00 19.33 ? 87  LEU B CD2 1 
ATOM   1431 N N   . GLU B 1 108 ? 13.657  12.024  -4.325  1.00 15.35 ? 88  GLU B N   1 
ATOM   1432 C CA  . GLU B 1 108 ? 13.159  12.156  -5.701  1.00 16.39 ? 88  GLU B CA  1 
ATOM   1433 C C   . GLU B 1 108 ? 11.698  12.575  -5.541  1.00 15.07 ? 88  GLU B C   1 
ATOM   1434 O O   . GLU B 1 108 ? 11.105  12.418  -4.424  1.00 12.77 ? 88  GLU B O   1 
ATOM   1435 C CB  . GLU B 1 108 ? 13.142  10.769  -6.419  1.00 18.91 ? 88  GLU B CB  1 
ATOM   1436 C CG  . GLU B 1 108 ? 14.531  10.168  -6.516  1.00 26.95 ? 88  GLU B CG  1 
ATOM   1437 C CD  . GLU B 1 108 ? 14.492  8.725   -7.026  1.00 34.59 ? 88  GLU B CD  1 
ATOM   1438 O OE1 . GLU B 1 108 ? 15.556  8.056   -6.974  1.00 47.13 ? 88  GLU B OE1 1 
ATOM   1439 O OE2 . GLU B 1 108 ? 13.403  8.278   -7.489  1.00 38.53 ? 88  GLU B OE2 1 
ATOM   1440 N N   . ASN B 1 109 ? 11.052  13.056  -6.576  1.00 12.92 ? 89  ASN B N   1 
ATOM   1441 C CA  . ASN B 1 109 ? 9.588   13.219  -6.575  1.00 12.21 ? 89  ASN B CA  1 
ATOM   1442 C C   . ASN B 1 109 ? 8.997   11.863  -6.208  1.00 12.41 ? 89  ASN B C   1 
ATOM   1443 O O   . ASN B 1 109 ? 9.326   10.813  -6.807  1.00 13.86 ? 89  ASN B O   1 
ATOM   1444 C CB  . ASN B 1 109 ? 9.040   13.589  -7.912  1.00 12.19 ? 89  ASN B CB  1 
ATOM   1445 C CG  . ASN B 1 109 ? 9.419   15.048  -8.341  1.00 13.07 ? 89  ASN B CG  1 
ATOM   1446 O OD1 . ASN B 1 109 ? 9.859   15.875  -7.557  1.00 13.61 ? 89  ASN B OD1 1 
ATOM   1447 N ND2 . ASN B 1 109 ? 9.249   15.313  -9.643  1.00 14.35 ? 89  ASN B ND2 1 
ATOM   1448 N N   . SER B 1 110 ? 8.138   11.846  -5.160  1.00 9.65  ? 90  SER B N   1 
ATOM   1449 C CA  . SER B 1 110 ? 7.658   10.557  -4.625  1.00 10.34 ? 90  SER B CA  1 
ATOM   1450 C C   . SER B 1 110 ? 6.223   10.579  -4.331  1.00 10.35 ? 90  SER B C   1 
ATOM   1451 O O   . SER B 1 110 ? 5.652   11.642  -3.953  1.00 11.63 ? 90  SER B O   1 
ATOM   1452 C CB  . SER B 1 110 ? 8.437   10.208  -3.362  1.00 10.96 ? 90  SER B CB  1 
ATOM   1453 O OG  . SER B 1 110 ? 9.874   10.137  -3.554  1.00 12.36 ? 90  SER B OG  1 
ATOM   1454 N N   . VAL B 1 111 ? 5.582   9.431   -4.444  1.00 9.77  ? 91  VAL B N   1 
ATOM   1455 C CA  . VAL B 1 111 ? 4.174   9.219   -4.093  1.00 9.96  ? 91  VAL B CA  1 
ATOM   1456 C C   . VAL B 1 111 ? 4.105   8.202   -3.019  1.00 10.58 ? 91  VAL B C   1 
ATOM   1457 O O   . VAL B 1 111 ? 4.652   7.087   -3.209  1.00 9.95  ? 91  VAL B O   1 
ATOM   1458 C CB  . VAL B 1 111 ? 3.285   8.813   -5.271  1.00 12.25 ? 91  VAL B CB  1 
ATOM   1459 C CG1 . VAL B 1 111 ? 1.820   8.696   -4.869  1.00 12.61 ? 91  VAL B CG1 1 
ATOM   1460 C CG2 . VAL B 1 111 ? 3.434   9.849   -6.445  1.00 12.92 ? 91  VAL B CG2 1 
ATOM   1461 N N   . ILE B 1 112 ? 3.557   8.544   -1.853  1.00 9.66  ? 92  ILE B N   1 
ATOM   1462 C CA  . ILE B 1 112 ? 3.553   7.694   -0.672  1.00 9.41  ? 92  ILE B CA  1 
ATOM   1463 C C   . ILE B 1 112 ? 2.133   7.356   -0.325  1.00 10.69 ? 92  ILE B C   1 
ATOM   1464 O O   . ILE B 1 112 ? 1.250   8.262   -0.389  1.00 10.80 ? 92  ILE B O   1 
ATOM   1465 C CB  . ILE B 1 112 ? 4.261   8.449   0.518   1.00 11.64 ? 92  ILE B CB  1 
ATOM   1466 C CG1 . ILE B 1 112 ? 5.698   8.974   0.165   1.00 19.17 ? 92  ILE B CG1 1 
ATOM   1467 C CG2 . ILE B 1 112 ? 4.105   7.695   1.860   1.00 16.54 ? 92  ILE B CG2 1 
ATOM   1468 C CD1 . ILE B 1 112 ? 6.595   8.148   -0.406  1.00 20.60 ? 92  ILE B CD1 1 
ATOM   1469 N N   . ARG B 1 113 ? 1.861   6.138   0.059   1.00 8.40  ? 93  ARG B N   1 
ATOM   1470 C CA  . ARG B 1 113 ? 0.615   5.784   0.693   1.00 8.33  ? 93  ARG B CA  1 
ATOM   1471 C C   . ARG B 1 113 ? 0.798   5.717   2.198   1.00 8.36  ? 93  ARG B C   1 
ATOM   1472 O O   . ARG B 1 113 ? 1.640   4.982   2.699   1.00 9.60  ? 93  ARG B O   1 
ATOM   1473 C CB  . ARG B 1 113 ? 0.103   4.420   0.200   1.00 9.94  ? 93  ARG B CB  1 
ATOM   1474 C CG  . ARG B 1 113 ? -1.112  3.952   0.991   1.00 10.27 ? 93  ARG B CG  1 
ATOM   1475 C CD  . ARG B 1 113 ? -1.596  2.595   0.376   1.00 12.09 ? 93  ARG B CD  1 
ATOM   1476 N NE  . ARG B 1 113 ? -2.620  2.017   1.251   1.00 11.13 ? 93  ARG B NE  1 
ATOM   1477 C CZ  . ARG B 1 113 ? -2.863  0.705   1.255   1.00 12.22 ? 93  ARG B CZ  1 
ATOM   1478 N NH1 . ARG B 1 113 ? -2.240  -0.125  0.385   1.00 12.64 ? 93  ARG B NH1 1 
ATOM   1479 N NH2 . ARG B 1 113 ? -3.793  0.210   2.141   1.00 11.84 ? 93  ARG B NH2 1 
ATOM   1480 N N   . LEU B 1 114 ? 0.008   6.514   2.928   1.00 8.30  ? 94  LEU B N   1 
ATOM   1481 C CA  . LEU B 1 114 ? -0.034  6.476   4.368   1.00 10.21 ? 94  LEU B CA  1 
ATOM   1482 C C   . LEU B 1 114 ? -1.431  5.872   4.729   1.00 10.23 ? 94  LEU B C   1 
ATOM   1483 O O   . LEU B 1 114 ? -2.506  6.521   4.434   1.00 12.06 ? 94  LEU B O   1 
ATOM   1484 C CB  . LEU B 1 114 ? 0.181   7.905   4.946   1.00 11.91 ? 94  LEU B CB  1 
ATOM   1485 C CG  . LEU B 1 114 ? 0.394   7.847   6.522   1.00 16.23 ? 94  LEU B CG  1 
ATOM   1486 C CD1 . LEU B 1 114 ? 1.291   9.064   6.860   1.00 22.57 ? 94  LEU B CD1 1 
ATOM   1487 C CD2 . LEU B 1 114 ? -0.952  7.761   7.268   1.00 21.64 ? 94  LEU B CD2 1 
ATOM   1488 N N   . SER B 1 115 ? -1.386  4.724   5.376   1.00 11.08 ? 95  SER B N   1 
ATOM   1489 C CA  . SER B 1 115 ? -2.630  4.044   5.794   1.00 12.01 ? 95  SER B CA  1 
ATOM   1490 C C   . SER B 1 115 ? -2.744  4.267   7.281   1.00 12.82 ? 95  SER B C   1 
ATOM   1491 O O   . SER B 1 115 ? -1.852  3.813   8.055   1.00 13.55 ? 95  SER B O   1 
ATOM   1492 C CB  . SER B 1 115 ? -2.499  2.561   5.415   1.00 14.46 ? 95  SER B CB  1 
ATOM   1493 O OG  . SER B 1 115 ? -3.754  1.878   5.696   1.00 20.31 ? 95  SER B OG  1 
ATOM   1494 N N   . LEU B 1 116 ? -3.803  4.959   7.688   1.00 12.48 ? 96  LEU B N   1 
ATOM   1495 C CA  . LEU B 1 116 ? -3.949  5.345   9.121   1.00 14.06 ? 96  LEU B CA  1 
ATOM   1496 C C   . LEU B 1 116 ? -5.086  4.606   9.796   1.00 15.82 ? 96  LEU B C   1 
ATOM   1497 O O   . LEU B 1 116 ? -6.248  4.733   9.339   1.00 14.95 ? 96  LEU B O   1 
ATOM   1498 C CB  . LEU B 1 116 ? -4.239  6.807   9.200   1.00 15.13 ? 96  LEU B CB  1 
ATOM   1499 C CG  . LEU B 1 116 ? -4.732  7.390   10.551  1.00 18.56 ? 96  LEU B CG  1 
ATOM   1500 C CD1 . LEU B 1 116 ? -3.719  7.021   11.703  1.00 20.82 ? 96  LEU B CD1 1 
ATOM   1501 C CD2 . LEU B 1 116 ? -5.003  8.821   10.453  1.00 20.49 ? 96  LEU B CD2 1 
ATOM   1502 N N   . SER B 1 117 ? -4.809  3.869   10.842  1.00 15.93 ? 97  SER B N   1 
ATOM   1503 C CA  . SER B 1 117 ? -5.851  3.240   11.651  1.00 18.52 ? 97  SER B CA  1 
ATOM   1504 C C   . SER B 1 117 ? -6.616  4.250   12.502  1.00 20.32 ? 97  SER B C   1 
ATOM   1505 O O   . SER B 1 117 ? -6.071  5.168   13.121  1.00 20.83 ? 97  SER B O   1 
ATOM   1506 C CB  . SER B 1 117 ? -5.191  2.194   12.555  1.00 20.39 ? 97  SER B CB  1 
ATOM   1507 O OG  . SER B 1 117 ? -6.226  1.444   13.197  1.00 26.57 ? 97  SER B OG  1 
ATOM   1508 N N   . LYS B 1 118 ? -7.965  4.120   12.472  1.00 19.02 ? 98  LYS B N   1 
ATOM   1509 C CA  . LYS B 1 118 ? -8.856  4.967   13.268  1.00 21.83 ? 98  LYS B CA  1 
ATOM   1510 C C   . LYS B 1 118 ? -9.245  4.275   14.582  1.00 21.52 ? 98  LYS B C   1 
ATOM   1511 O O   . LYS B 1 118 ? -9.034  3.045   14.666  1.00 25.75 ? 98  LYS B O   1 
ATOM   1512 C CB  . LYS B 1 118 ? -10.144 5.156   12.441  1.00 20.61 ? 98  LYS B CB  1 
ATOM   1513 C CG  . LYS B 1 118 ? -9.911  6.112   11.215  1.00 24.37 ? 98  LYS B CG  1 
ATOM   1514 C CD  . LYS B 1 118 ? -9.847  7.614   11.652  1.00 36.32 ? 98  LYS B CD  1 
ATOM   1515 C CE  . LYS B 1 118 ? -8.385  8.111   12.078  1.00 40.49 ? 98  LYS B CE  1 
ATOM   1516 N NZ  . LYS B 1 118 ? -8.138  9.579   12.404  1.00 39.86 ? 98  LYS B NZ  1 
HETATM 1517 O O   . HOH C 2 .   ? -12.851 -16.989 6.621   1.00 48.25 ? 101 HOH A O   1 
HETATM 1518 O O   . HOH C 2 .   ? 6.924   -14.479 -2.342  1.00 22.73 ? 102 HOH A O   1 
HETATM 1519 O O   . HOH C 2 .   ? 14.309  -11.607 -1.465  1.00 38.52 ? 103 HOH A O   1 
HETATM 1520 O O   . HOH C 2 .   ? 7.667   -2.114  9.679   1.00 22.51 ? 104 HOH A O   1 
HETATM 1521 O O   . HOH C 2 .   ? -8.015  -10.982 10.728  1.00 41.63 ? 105 HOH A O   1 
HETATM 1522 O O   . HOH C 2 .   ? -11.192 -10.868 -11.466 1.00 23.38 ? 106 HOH A O   1 
HETATM 1523 O O   . HOH C 2 .   ? 12.488  -1.234  -1.794  1.00 34.51 ? 107 HOH A O   1 
HETATM 1524 O O   . HOH C 2 .   ? 5.098   -3.620  7.923   1.00 29.99 ? 108 HOH A O   1 
HETATM 1525 O O   . HOH C 2 .   ? -9.288  -3.135  11.152  1.00 39.00 ? 109 HOH A O   1 
HETATM 1526 O O   . HOH C 2 .   ? -10.675 1.411   -12.492 1.00 27.65 ? 110 HOH A O   1 
HETATM 1527 O O   . HOH C 2 .   ? 4.345   -14.395 -16.885 1.00 29.33 ? 111 HOH A O   1 
HETATM 1528 O O   . HOH C 2 .   ? 4.244   -6.015  -15.179 1.00 30.08 ? 112 HOH A O   1 
HETATM 1529 O O   . HOH C 2 .   ? 0.900   -2.592  8.495   1.00 20.12 ? 113 HOH A O   1 
HETATM 1530 O O   . HOH C 2 .   ? -5.844  -2.108  4.937   1.00 24.72 ? 114 HOH A O   1 
HETATM 1531 O O   . HOH C 2 .   ? -15.689 -15.748 -8.739  1.00 18.57 ? 115 HOH A O   1 
HETATM 1532 O O   . HOH C 2 .   ? -2.035  3.583   -13.182 1.00 22.03 ? 116 HOH A O   1 
HETATM 1533 O O   . HOH C 2 .   ? -11.831 -13.288 11.830  1.00 34.98 ? 117 HOH A O   1 
HETATM 1534 O O   . HOH C 2 .   ? -13.292 -19.472 -0.293  1.00 34.73 ? 118 HOH A O   1 
HETATM 1535 O O   . HOH C 2 .   ? -11.860 -8.960  3.591   1.00 14.66 ? 119 HOH A O   1 
HETATM 1536 O O   . HOH C 2 .   ? 1.034   0.516   -0.834  1.00 23.22 ? 120 HOH A O   1 
HETATM 1537 O O   . HOH C 2 .   ? -7.956  -17.838 -4.101  1.00 31.55 ? 121 HOH A O   1 
HETATM 1538 O O   . HOH C 2 .   ? -19.162 -21.528 -7.889  1.00 23.66 ? 122 HOH A O   1 
HETATM 1539 O O   . HOH C 2 .   ? -18.675 -10.676 -3.108  1.00 17.15 ? 123 HOH A O   1 
HETATM 1540 O O   . HOH C 2 .   ? -6.392  -9.611  16.921  1.00 18.49 ? 124 HOH A O   1 
HETATM 1541 O O   . HOH C 2 .   ? -12.173 -11.123 2.031   1.00 15.21 ? 125 HOH A O   1 
HETATM 1542 O O   . HOH C 2 .   ? -18.306 -16.088 5.157   1.00 48.24 ? 126 HOH A O   1 
HETATM 1543 O O   . HOH C 2 .   ? -6.442  -12.208 13.889  1.00 27.79 ? 127 HOH A O   1 
HETATM 1544 O O   . HOH C 2 .   ? 10.025  -14.455 -12.717 1.00 24.25 ? 128 HOH A O   1 
HETATM 1545 O O   . HOH C 2 .   ? 3.852   1.014   -6.667  1.00 21.82 ? 129 HOH A O   1 
HETATM 1546 O O   . HOH C 2 .   ? -8.332  -19.830 -7.686  1.00 27.26 ? 130 HOH A O   1 
HETATM 1547 O O   . HOH C 2 .   ? -23.646 -3.606  -9.979  1.00 47.19 ? 131 HOH A O   1 
HETATM 1548 O O   . HOH C 2 .   ? 2.206   -15.988 -17.552 1.00 24.69 ? 132 HOH A O   1 
HETATM 1549 O O   . HOH C 2 .   ? 12.264  -8.293  -7.668  1.00 23.71 ? 133 HOH A O   1 
HETATM 1550 O O   . HOH C 2 .   ? -12.686 -9.979  11.356  1.00 30.29 ? 134 HOH A O   1 
HETATM 1551 O O   . HOH C 2 .   ? 15.370  -8.637  -5.986  1.00 37.29 ? 135 HOH A O   1 
HETATM 1552 O O   . HOH C 2 .   ? -18.163 -10.058 -9.703  1.00 13.26 ? 136 HOH A O   1 
HETATM 1553 O O   . HOH C 2 .   ? -10.940 -6.800  10.523  1.00 24.74 ? 137 HOH A O   1 
HETATM 1554 O O   . HOH C 2 .   ? -14.922 -5.896  8.559   1.00 22.04 ? 138 HOH A O   1 
HETATM 1555 O O   . HOH C 2 .   ? -18.211 -8.256  7.054   1.00 38.74 ? 139 HOH A O   1 
HETATM 1556 O O   . HOH C 2 .   ? -3.424  -0.995  6.137   1.00 27.36 ? 140 HOH A O   1 
HETATM 1557 O O   . HOH C 2 .   ? -27.026 -5.498  -8.439  1.00 40.88 ? 141 HOH A O   1 
HETATM 1558 O O   . HOH C 2 .   ? 0.670   2.382   3.560   1.00 12.69 ? 142 HOH A O   1 
HETATM 1559 O O   . HOH C 2 .   ? 11.253  -8.643  0.081   1.00 27.02 ? 143 HOH A O   1 
HETATM 1560 O O   . HOH C 2 .   ? 4.440   -16.255 4.159   1.00 27.09 ? 144 HOH A O   1 
HETATM 1561 O O   . HOH C 2 .   ? -13.198 -0.879  -14.234 1.00 30.62 ? 145 HOH A O   1 
HETATM 1562 O O   . HOH C 2 .   ? -3.527  4.731   -9.851  1.00 15.05 ? 146 HOH A O   1 
HETATM 1563 O O   . HOH C 2 .   ? -19.092 -12.584 0.148   1.00 26.50 ? 147 HOH A O   1 
HETATM 1564 O O   . HOH C 2 .   ? -22.048 -5.819  -6.293  1.00 33.89 ? 148 HOH A O   1 
HETATM 1565 O O   . HOH C 2 .   ? 5.000   -12.723 -2.972  1.00 13.44 ? 149 HOH A O   1 
HETATM 1566 O O   . HOH C 2 .   ? -6.168  -12.542 -17.272 1.00 34.13 ? 150 HOH A O   1 
HETATM 1567 O O   . HOH C 2 .   ? 10.924  -2.703  -2.972  1.00 17.85 ? 151 HOH A O   1 
HETATM 1568 O O   . HOH C 2 .   ? 3.216   -8.864  -18.039 1.00 22.86 ? 152 HOH A O   1 
HETATM 1569 O O   . HOH C 2 .   ? 4.240   -18.510 -14.743 1.00 34.91 ? 153 HOH A O   1 
HETATM 1570 O O   . HOH C 2 .   ? -0.028  -1.674  14.782  1.00 35.79 ? 154 HOH A O   1 
HETATM 1571 O O   . HOH C 2 .   ? -16.838 -4.712  1.676   1.00 23.81 ? 155 HOH A O   1 
HETATM 1572 O O   . HOH C 2 .   ? 2.975   -18.943 -2.287  1.00 20.56 ? 156 HOH A O   1 
HETATM 1573 O O   . HOH C 2 .   ? 6.005   -0.915  -10.205 1.00 34.81 ? 157 HOH A O   1 
HETATM 1574 O O   . HOH C 2 .   ? -18.830 -3.990  -13.074 1.00 30.40 ? 158 HOH A O   1 
HETATM 1575 O O   . HOH C 2 .   ? 11.292  -11.244 -1.017  1.00 28.74 ? 159 HOH A O   1 
HETATM 1576 O O   . HOH C 2 .   ? 1.099   1.700   -6.798  1.00 27.56 ? 160 HOH A O   1 
HETATM 1577 O O   . HOH C 2 .   ? 3.215   -1.501  -14.066 1.00 24.46 ? 161 HOH A O   1 
HETATM 1578 O O   . HOH C 2 .   ? 11.325  -7.585  2.381   1.00 28.99 ? 162 HOH A O   1 
HETATM 1579 O O   . HOH C 2 .   ? 7.564   -3.285  7.367   1.00 35.84 ? 163 HOH A O   1 
HETATM 1580 O O   . HOH C 2 .   ? 10.212  1.227   13.059  1.00 44.22 ? 164 HOH A O   1 
HETATM 1581 O O   . HOH C 2 .   ? 7.378   -8.584  -15.685 1.00 30.10 ? 165 HOH A O   1 
HETATM 1582 O O   . HOH C 2 .   ? -17.040 -20.024 -3.545  1.00 36.64 ? 166 HOH A O   1 
HETATM 1583 O O   . HOH C 2 .   ? -11.152 -2.481  4.770   1.00 25.25 ? 167 HOH A O   1 
HETATM 1584 O O   . HOH C 2 .   ? 11.674  -16.133 -11.108 1.00 34.92 ? 168 HOH A O   1 
HETATM 1585 O O   . HOH C 2 .   ? -9.530  -17.830 0.707   1.00 29.93 ? 169 HOH A O   1 
HETATM 1586 O O   . HOH C 2 .   ? -17.669 -1.460  -11.264 1.00 41.12 ? 170 HOH A O   1 
HETATM 1587 O O   . HOH C 2 .   ? -2.630  -4.142  -19.690 1.00 39.08 ? 171 HOH A O   1 
HETATM 1588 O O   . HOH C 2 .   ? 1.959   -17.453 3.100   1.00 37.61 ? 172 HOH A O   1 
HETATM 1589 O O   . HOH C 2 .   ? 5.794   0.233   -13.361 1.00 37.83 ? 173 HOH A O   1 
HETATM 1590 O O   . HOH C 2 .   ? -7.079  -3.551  6.367   1.00 33.83 ? 174 HOH A O   1 
HETATM 1591 O O   . HOH C 2 .   ? -7.771  -18.624 -1.565  1.00 40.88 ? 175 HOH A O   1 
HETATM 1592 O O   . HOH C 2 .   ? 2.378   -19.875 -12.994 1.00 35.64 ? 176 HOH A O   1 
HETATM 1593 O O   . HOH C 2 .   ? -17.144 -9.095  -18.512 1.00 39.73 ? 177 HOH A O   1 
HETATM 1594 O O   . HOH C 2 .   ? -17.385 -6.262  9.030   1.00 42.97 ? 178 HOH A O   1 
HETATM 1595 O O   . HOH C 2 .   ? -8.514  -1.652  5.239   1.00 34.54 ? 179 HOH A O   1 
HETATM 1596 O O   . HOH C 2 .   ? -20.224 -8.607  -1.957  1.00 31.12 ? 180 HOH A O   1 
HETATM 1597 O O   . HOH C 2 .   ? -0.497  -0.746  10.237  1.00 34.22 ? 181 HOH A O   1 
HETATM 1598 O O   . HOH C 2 .   ? -0.318  -18.427 1.951   1.00 39.51 ? 182 HOH A O   1 
HETATM 1599 O O   . HOH C 2 .   ? 1.497   -3.575  -16.626 1.00 32.33 ? 183 HOH A O   1 
HETATM 1600 O O   . HOH C 2 .   ? 9.229   -15.647 -15.177 1.00 41.77 ? 184 HOH A O   1 
HETATM 1601 O O   . HOH C 2 .   ? -14.952 -14.368 -16.302 1.00 39.84 ? 185 HOH A O   1 
HETATM 1602 O O   . HOH C 2 .   ? -17.253 -5.080  -1.297  1.00 46.35 ? 186 HOH A O   1 
HETATM 1603 O O   . HOH D 2 .   ? -10.071 2.487   0.505   1.00 38.52 ? 101 HOH B O   1 
HETATM 1604 O O   . HOH D 2 .   ? -9.892  3.149   4.033   1.00 31.51 ? 102 HOH B O   1 
HETATM 1605 O O   . HOH D 2 .   ? 8.574   3.668   -11.056 1.00 42.56 ? 103 HOH B O   1 
HETATM 1606 O O   . HOH D 2 .   ? -12.402 0.914   -1.564  1.00 26.85 ? 104 HOH B O   1 
HETATM 1607 O O   . HOH D 2 .   ? -3.490  15.497  -3.593  1.00 22.59 ? 105 HOH B O   1 
HETATM 1608 O O   . HOH D 2 .   ? 13.981  11.781  7.081   1.00 24.92 ? 106 HOH B O   1 
HETATM 1609 O O   . HOH D 2 .   ? 17.734  8.746   -6.002  1.00 59.80 ? 107 HOH B O   1 
HETATM 1610 O O   . HOH D 2 .   ? 7.359   5.775   -9.891  1.00 36.97 ? 108 HOH B O   1 
HETATM 1611 O O   . HOH D 2 .   ? -8.602  0.748   12.809  1.00 34.93 ? 109 HOH B O   1 
HETATM 1612 O O   . HOH D 2 .   ? -13.142 6.716   9.612   1.00 39.49 ? 110 HOH B O   1 
HETATM 1613 O O   . HOH D 2 .   ? 13.517  18.263  13.786  1.00 31.08 ? 111 HOH B O   1 
HETATM 1614 O O   . HOH D 2 .   ? -6.510  7.443   14.275  1.00 33.68 ? 112 HOH B O   1 
HETATM 1615 O O   . HOH D 2 .   ? 1.193   14.615  -12.740 1.00 30.11 ? 113 HOH B O   1 
HETATM 1616 O O   . HOH D 2 .   ? 13.126  15.013  13.125  1.00 17.94 ? 114 HOH B O   1 
HETATM 1617 O O   . HOH D 2 .   ? 18.064  13.805  -3.955  1.00 40.30 ? 115 HOH B O   1 
HETATM 1618 O O   . HOH D 2 .   ? 12.640  -0.476  -5.687  1.00 27.95 ? 116 HOH B O   1 
HETATM 1619 O O   . HOH D 2 .   ? 13.224  20.028  18.066  1.00 22.23 ? 117 HOH B O   1 
HETATM 1620 O O   . HOH D 2 .   ? 4.084   8.945   21.331  1.00 23.42 ? 118 HOH B O   1 
HETATM 1621 O O   . HOH D 2 .   ? 15.534  3.963   17.540  1.00 30.56 ? 119 HOH B O   1 
HETATM 1622 O O   . HOH D 2 .   ? 16.055  0.089   3.012   1.00 40.58 ? 120 HOH B O   1 
HETATM 1623 O O   . HOH D 2 .   ? 1.163   11.463  21.455  1.00 31.30 ? 121 HOH B O   1 
HETATM 1624 O O   . HOH D 2 .   ? 10.271  10.028  -9.183  1.00 24.98 ? 122 HOH B O   1 
HETATM 1625 O O   . HOH D 2 .   ? -8.190  2.450   17.140  1.00 31.47 ? 123 HOH B O   1 
HETATM 1626 O O   . HOH D 2 .   ? 20.103  3.646   20.452  1.00 40.13 ? 124 HOH B O   1 
HETATM 1627 O O   . HOH D 2 .   ? 5.116   17.260  9.055   1.00 35.16 ? 125 HOH B O   1 
HETATM 1628 O O   . HOH D 2 .   ? -0.231  1.131   18.018  1.00 19.57 ? 126 HOH B O   1 
HETATM 1629 O O   . HOH D 2 .   ? 10.202  18.530  -7.972  1.00 28.41 ? 127 HOH B O   1 
HETATM 1630 O O   . HOH D 2 .   ? -1.597  -0.116  7.664   1.00 26.95 ? 128 HOH B O   1 
HETATM 1631 O O   . HOH D 2 .   ? -8.246  0.740   3.775   1.00 22.19 ? 129 HOH B O   1 
HETATM 1632 O O   . HOH D 2 .   ? 3.044   3.786   20.410  1.00 15.07 ? 130 HOH B O   1 
HETATM 1633 O O   . HOH D 2 .   ? 10.496  8.518   17.126  1.00 16.52 ? 131 HOH B O   1 
HETATM 1634 O O   . HOH D 2 .   ? -7.011  11.860  11.389  1.00 47.06 ? 132 HOH B O   1 
HETATM 1635 O O   . HOH D 2 .   ? 1.708   6.094   13.966  1.00 11.16 ? 133 HOH B O   1 
HETATM 1636 O O   . HOH D 2 .   ? 8.579   20.276  18.557  1.00 40.44 ? 134 HOH B O   1 
HETATM 1637 O O   . HOH D 2 .   ? -4.742  4.804   -12.598 1.00 37.27 ? 135 HOH B O   1 
HETATM 1638 O O   . HOH D 2 .   ? 11.882  19.697  -6.222  1.00 29.99 ? 136 HOH B O   1 
HETATM 1639 O O   . HOH D 2 .   ? -7.928  15.366  2.015   1.00 27.83 ? 137 HOH B O   1 
HETATM 1640 O O   . HOH D 2 .   ? 15.943  9.516   13.549  1.00 15.26 ? 138 HOH B O   1 
HETATM 1641 O O   . HOH D 2 .   ? 2.801   8.567   13.975  1.00 14.87 ? 139 HOH B O   1 
HETATM 1642 O O   . HOH D 2 .   ? -6.971  9.901   -7.490  1.00 26.88 ? 140 HOH B O   1 
HETATM 1643 O O   . HOH D 2 .   ? -13.970 7.814   1.262   1.00 40.75 ? 141 HOH B O   1 
HETATM 1644 O O   . HOH D 2 .   ? 7.746   21.922  -5.983  1.00 33.68 ? 142 HOH B O   1 
HETATM 1645 O O   . HOH D 2 .   ? 6.602   1.857   16.013  1.00 19.08 ? 143 HOH B O   1 
HETATM 1646 O O   . HOH D 2 .   ? 9.786   5.350   -8.895  1.00 22.68 ? 144 HOH B O   1 
HETATM 1647 O O   . HOH D 2 .   ? -3.011  -2.878  0.530   1.00 12.38 ? 145 HOH B O   1 
HETATM 1648 O O   . HOH D 2 .   ? -4.077  2.600   16.145  1.00 20.40 ? 146 HOH B O   1 
HETATM 1649 O O   . HOH D 2 .   ? 12.392  13.347  -9.095  1.00 20.78 ? 147 HOH B O   1 
HETATM 1650 O O   . HOH D 2 .   ? 8.104   19.876  8.228   1.00 22.64 ? 148 HOH B O   1 
HETATM 1651 O O   . HOH D 2 .   ? -12.862 -1.858  7.046   1.00 38.16 ? 149 HOH B O   1 
HETATM 1652 O O   . HOH D 2 .   ? 18.510  2.341   5.159   1.00 33.01 ? 150 HOH B O   1 
HETATM 1653 O O   . HOH D 2 .   ? 7.339   9.749   19.493  1.00 25.85 ? 151 HOH B O   1 
HETATM 1654 O O   . HOH D 2 .   ? 15.974  15.228  0.586   1.00 29.93 ? 152 HOH B O   1 
HETATM 1655 O O   . HOH D 2 .   ? -2.038  19.223  0.789   1.00 22.11 ? 153 HOH B O   1 
HETATM 1656 O O   . HOH D 2 .   ? -1.652  13.695  -2.637  1.00 15.19 ? 154 HOH B O   1 
HETATM 1657 O O   . HOH D 2 .   ? 1.258   -0.225  12.423  1.00 22.91 ? 155 HOH B O   1 
HETATM 1658 O O   . HOH D 2 .   ? -9.020  8.194   -6.872  1.00 27.73 ? 156 HOH B O   1 
HETATM 1659 O O   . HOH D 2 .   ? -1.035  11.547  -12.193 1.00 18.86 ? 157 HOH B O   1 
HETATM 1660 O O   . HOH D 2 .   ? 5.589   0.219   -4.630  1.00 21.76 ? 158 HOH B O   1 
HETATM 1661 O O   . HOH D 2 .   ? 20.037  4.506   11.178  1.00 31.90 ? 159 HOH B O   1 
HETATM 1662 O O   . HOH D 2 .   ? 13.452  3.796   -5.800  1.00 27.66 ? 160 HOH B O   1 
HETATM 1663 O O   . HOH D 2 .   ? -1.434  13.812  11.947  1.00 43.64 ? 161 HOH B O   1 
HETATM 1664 O O   . HOH D 2 .   ? -6.320  16.624  -5.818  1.00 52.84 ? 162 HOH B O   1 
HETATM 1665 O O   . HOH D 2 .   ? 17.703  15.168  9.532   1.00 34.04 ? 163 HOH B O   1 
HETATM 1666 O O   . HOH D 2 .   ? -1.475  13.240  16.066  1.00 33.82 ? 164 HOH B O   1 
HETATM 1667 O O   . HOH D 2 .   ? -6.519  12.573  -7.361  1.00 27.87 ? 165 HOH B O   1 
HETATM 1668 O O   . HOH D 2 .   ? 1.702   15.713  12.714  1.00 27.54 ? 166 HOH B O   1 
HETATM 1669 O O   . HOH D 2 .   ? -5.867  4.473   -16.378 1.00 47.90 ? 167 HOH B O   1 
HETATM 1670 O O   . HOH D 2 .   ? -12.043 11.229  0.317   1.00 43.99 ? 168 HOH B O   1 
HETATM 1671 O O   . HOH D 2 .   ? 18.030  11.384  12.916  1.00 31.74 ? 169 HOH B O   1 
HETATM 1672 O O   . HOH D 2 .   ? 1.756   9.041   -12.071 1.00 36.76 ? 170 HOH B O   1 
HETATM 1673 O O   . HOH D 2 .   ? 11.304  20.993  -2.517  1.00 36.45 ? 171 HOH B O   1 
HETATM 1674 O O   . HOH D 2 .   ? -5.534  16.604  4.160   1.00 39.50 ? 172 HOH B O   1 
HETATM 1675 O O   . HOH D 2 .   ? 4.560   -1.642  13.815  1.00 30.57 ? 173 HOH B O   1 
HETATM 1676 O O   . HOH D 2 .   ? -2.402  1.098   10.095  1.00 38.39 ? 174 HOH B O   1 
HETATM 1677 O O   . HOH D 2 .   ? 3.830   21.575  -13.556 1.00 32.42 ? 175 HOH B O   1 
HETATM 1678 O O   . HOH D 2 .   ? 2.670   17.306  10.002  1.00 40.48 ? 176 HOH B O   1 
HETATM 1679 O O   . HOH D 2 .   ? -9.094  2.283   -14.400 1.00 36.60 ? 177 HOH B O   1 
HETATM 1680 O O   . HOH D 2 .   ? 20.495  7.960   5.174   1.00 48.40 ? 178 HOH B O   1 
HETATM 1681 O O   . HOH D 2 .   ? 7.388   22.737  -3.309  1.00 36.66 ? 179 HOH B O   1 
HETATM 1682 O O   . HOH D 2 .   ? 10.592  5.999   18.567  1.00 33.34 ? 180 HOH B O   1 
HETATM 1683 O O   . HOH D 2 .   ? 16.040  7.775   20.445  1.00 43.34 ? 181 HOH B O   1 
HETATM 1684 O O   . HOH D 2 .   ? 13.050  15.790  -10.183 1.00 31.48 ? 182 HOH B O   1 
HETATM 1685 O O   . HOH D 2 .   ? 10.835  12.029  -11.051 1.00 20.03 ? 183 HOH B O   1 
HETATM 1686 O O   . HOH D 2 .   ? 1.572   12.235  -12.855 1.00 30.79 ? 184 HOH B O   1 
HETATM 1687 O O   . HOH D 2 .   ? 1.938   1.420   21.100  1.00 30.45 ? 185 HOH B O   1 
HETATM 1688 O O   . HOH D 2 .   ? 1.472   16.568  15.691  1.00 38.52 ? 186 HOH B O   1 
HETATM 1689 O O   . HOH D 2 .   ? 20.215  10.650  11.471  1.00 36.19 ? 187 HOH B O   1 
HETATM 1690 O O   . HOH D 2 .   ? 7.608   17.457  18.547  1.00 34.02 ? 188 HOH B O   1 
HETATM 1691 O O   . HOH D 2 .   ? 18.555  14.128  2.337   1.00 41.22 ? 189 HOH B O   1 
HETATM 1692 O O   . HOH D 2 .   ? 7.213   1.999   18.749  1.00 24.54 ? 190 HOH B O   1 
# 
loop_
_pdbx_poly_seq_scheme.asym_id 
_pdbx_poly_seq_scheme.entity_id 
_pdbx_poly_seq_scheme.seq_id 
_pdbx_poly_seq_scheme.mon_id 
_pdbx_poly_seq_scheme.ndb_seq_num 
_pdbx_poly_seq_scheme.pdb_seq_num 
_pdbx_poly_seq_scheme.auth_seq_num 
_pdbx_poly_seq_scheme.pdb_mon_id 
_pdbx_poly_seq_scheme.auth_mon_id 
_pdbx_poly_seq_scheme.pdb_strand_id 
_pdbx_poly_seq_scheme.pdb_ins_code 
_pdbx_poly_seq_scheme.hetero 
A 1 1   MET 1   -19 ?  ?   ?   A . n 
A 1 2   GLY 2   -18 ?  ?   ?   A . n 
A 1 3   SER 3   -17 ?  ?   ?   A . n 
A 1 4   SER 4   -16 ?  ?   ?   A . n 
A 1 5   HIS 5   -15 ?  ?   ?   A . n 
A 1 6   HIS 6   -14 ?  ?   ?   A . n 
A 1 7   HIS 7   -13 ?  ?   ?   A . n 
A 1 8   HIS 8   -12 ?  ?   ?   A . n 
A 1 9   HIS 9   -11 ?  ?   ?   A . n 
A 1 10  HIS 10  -10 ?  ?   ?   A . n 
A 1 11  SER 11  -9  ?  ?   ?   A . n 
A 1 12  SER 12  -8  ?  ?   ?   A . n 
A 1 13  GLY 13  -7  ?  ?   ?   A . n 
A 1 14  LEU 14  -6  ?  ?   ?   A . n 
A 1 15  VAL 15  -5  ?  ?   ?   A . n 
A 1 16  PRO 16  -4  ?  ?   ?   A . n 
A 1 17  ARG 17  -3  ?  ?   ?   A . n 
A 1 18  GLY 18  -2  ?  ?   ?   A . n 
A 1 19  SER 19  -1  ?  ?   ?   A . n 
A 1 20  HIS 20  0   ?  ?   ?   A . n 
A 1 21  MET 21  1   ?  ?   ?   A . n 
A 1 22  GLU 22  2   2  GLU GLU A . n 
A 1 23  VAL 23  3   3  VAL VAL A . n 
A 1 24  VAL 24  4   4  VAL VAL A . n 
A 1 25  HIS 25  5   5  HIS HIS A . n 
A 1 26  PHE 26  6   6  PHE PHE A . n 
A 1 27  LEU 27  7   7  LEU LEU A . n 
A 1 28  GLU 28  8   8  GLU GLU A . n 
A 1 29  GLY 29  9   9  GLY GLY A . n 
A 1 30  VAL 30  10  10 VAL VAL A . n 
A 1 31  CYS 31  11  11 CYS CYS A . n 
A 1 32  PHE 32  12  12 PHE PHE A . n 
A 1 33  GLU 33  13  13 GLU GLU A . n 
A 1 34  LYS 34  14  14 LYS LYS A . n 
A 1 35  LEU 35  15  15 LEU LEU A . n 
A 1 36  HIS 36  16  16 HIS HIS A . n 
A 1 37  ILE 37  17  17 ILE ILE A . n 
A 1 38  GLU 38  18  18 GLU GLU A . n 
A 1 39  VAL 39  19  19 VAL VAL A . n 
A 1 40  LEU 40  20  20 LEU LEU A . n 
A 1 41  ASN 41  21  21 ASN ASN A . n 
A 1 42  GLU 42  22  22 GLU GLU A . n 
A 1 43  ASN 43  23  23 ASN ASN A . n 
A 1 44  SER 44  24  24 SER SER A . n 
A 1 45  SER 45  25  25 SER SER A . n 
A 1 46  HIS 46  26  26 HIS HIS A . n 
A 1 47  LYS 47  27  27 LYS LYS A . n 
A 1 48  GLU 48  28  28 GLU GLU A . n 
A 1 49  ILE 49  29  29 ILE ILE A . n 
A 1 50  ARG 50  30  30 ARG ARG A . n 
A 1 51  ILE 51  31  31 ILE ILE A . n 
A 1 52  CYS 52  32  32 CYS CYS A . n 
A 1 53  MET 53  33  33 MET MET A . n 
A 1 54  PRO 54  34  34 PRO PRO A . n 
A 1 55  LYS 55  35  35 LYS LYS A . n 
A 1 56  GLY 56  36  36 GLY GLY A . n 
A 1 57  ALA 57  37  37 ALA ALA A . n 
A 1 58  VAL 58  38  38 VAL VAL A . n 
A 1 59  MET 59  39  39 MET MET A . n 
A 1 60  ASP 60  40  40 ASP ASP A . n 
A 1 61  LYS 61  41  41 LYS LYS A . n 
A 1 62  HIS 62  42  42 HIS HIS A . n 
A 1 63  LYS 63  43  43 LYS LYS A . n 
A 1 64  ALA 64  44  44 ALA ALA A . n 
A 1 65  PRO 65  45  45 PRO PRO A . n 
A 1 66  GLY 66  46  46 GLY GLY A . n 
A 1 67  ALA 67  47  47 ALA ALA A . n 
A 1 68  ILE 68  48  48 ILE ILE A . n 
A 1 69  SER 69  49  49 SER SER A . n 
A 1 70  VAL 70  50  50 VAL VAL A . n 
A 1 71  GLN 71  51  51 GLN GLN A . n 
A 1 72  VAL 72  52  52 VAL VAL A . n 
A 1 73  LEU 73  53  53 LEU LEU A . n 
A 1 74  GLU 74  54  54 GLU GLU A . n 
A 1 75  GLY 75  55  55 GLY GLY A . n 
A 1 76  LYS 76  56  56 LYS LYS A . n 
A 1 77  ILE 77  57  57 ILE ILE A . n 
A 1 78  VAL 78  58  58 VAL VAL A . n 
A 1 79  PHE 79  59  59 PHE PHE A . n 
A 1 80  GLU 80  60  60 GLU GLU A . n 
A 1 81  VAL 81  61  61 VAL VAL A . n 
A 1 82  GLY 82  62  62 GLY GLY A . n 
A 1 83  ASP 83  63  63 ASP ASP A . n 
A 1 84  GLU 84  64  64 GLU GLU A . n 
A 1 85  LYS 85  65  65 LYS LYS A . n 
A 1 86  ILE 86  66  66 ILE ILE A . n 
A 1 87  GLU 87  67  67 GLU GLU A . n 
A 1 88  MET 88  68  68 MET MET A . n 
A 1 89  PRO 89  69  69 PRO PRO A . n 
A 1 90  LYS 90  70  70 LYS LYS A . n 
A 1 91  GLY 91  71  71 GLY GLY A . n 
A 1 92  ALA 92  72  72 ALA ALA A . n 
A 1 93  LEU 93  73  73 LEU LEU A . n 
A 1 94  ILE 94  74  74 ILE ILE A . n 
A 1 95  SER 95  75  75 SER SER A . n 
A 1 96  LEU 96  76  76 LEU LEU A . n 
A 1 97  GLU 97  77  77 GLU GLU A . n 
A 1 98  ALA 98  78  78 ALA ALA A . n 
A 1 99  GLN 99  79  79 GLN GLN A . n 
A 1 100 VAL 100 80  80 VAL VAL A . n 
A 1 101 LEU 101 81  81 LEU LEU A . n 
A 1 102 HIS 102 82  82 HIS HIS A . n 
A 1 103 ARG 103 83  83 ARG ARG A . n 
A 1 104 LEU 104 84  84 LEU LEU A . n 
A 1 105 ASP 105 85  85 ASP ASP A . n 
A 1 106 ALA 106 86  86 ALA ALA A . n 
A 1 107 LEU 107 87  87 LEU LEU A . n 
A 1 108 GLU 108 88  88 GLU GLU A . n 
A 1 109 ASN 109 89  89 ASN ASN A . n 
A 1 110 SER 110 90  90 SER SER A . n 
A 1 111 VAL 111 91  91 VAL VAL A . n 
A 1 112 ILE 112 92  92 ILE ILE A . n 
A 1 113 ARG 113 93  93 ARG ARG A . n 
A 1 114 LEU 114 94  94 LEU LEU A . n 
A 1 115 SER 115 95  95 SER SER A . n 
A 1 116 LEU 116 96  96 LEU LEU A . n 
A 1 117 SER 117 97  97 SER SER A . n 
A 1 118 LYS 118 98  98 LYS LYS A . n 
A 1 119 LYS 119 99  99 LYS LYS A . n 
B 1 1   MET 1   -19 ?  ?   ?   B . n 
B 1 2   GLY 2   -18 ?  ?   ?   B . n 
B 1 3   SER 3   -17 ?  ?   ?   B . n 
B 1 4   SER 4   -16 ?  ?   ?   B . n 
B 1 5   HIS 5   -15 ?  ?   ?   B . n 
B 1 6   HIS 6   -14 ?  ?   ?   B . n 
B 1 7   HIS 7   -13 ?  ?   ?   B . n 
B 1 8   HIS 8   -12 ?  ?   ?   B . n 
B 1 9   HIS 9   -11 ?  ?   ?   B . n 
B 1 10  HIS 10  -10 ?  ?   ?   B . n 
B 1 11  SER 11  -9  ?  ?   ?   B . n 
B 1 12  SER 12  -8  ?  ?   ?   B . n 
B 1 13  GLY 13  -7  ?  ?   ?   B . n 
B 1 14  LEU 14  -6  ?  ?   ?   B . n 
B 1 15  VAL 15  -5  ?  ?   ?   B . n 
B 1 16  PRO 16  -4  ?  ?   ?   B . n 
B 1 17  ARG 17  -3  ?  ?   ?   B . n 
B 1 18  GLY 18  -2  ?  ?   ?   B . n 
B 1 19  SER 19  -1  ?  ?   ?   B . n 
B 1 20  HIS 20  0   ?  ?   ?   B . n 
B 1 21  MET 21  1   ?  ?   ?   B . n 
B 1 22  GLU 22  2   2  GLU GLU B . n 
B 1 23  VAL 23  3   3  VAL VAL B . n 
B 1 24  VAL 24  4   4  VAL VAL B . n 
B 1 25  HIS 25  5   5  HIS HIS B . n 
B 1 26  PHE 26  6   6  PHE PHE B . n 
B 1 27  LEU 27  7   7  LEU LEU B . n 
B 1 28  GLU 28  8   8  GLU GLU B . n 
B 1 29  GLY 29  9   9  GLY GLY B . n 
B 1 30  VAL 30  10  10 VAL VAL B . n 
B 1 31  CYS 31  11  11 CYS CYS B . n 
B 1 32  PHE 32  12  12 PHE PHE B . n 
B 1 33  GLU 33  13  13 GLU GLU B . n 
B 1 34  LYS 34  14  14 LYS LYS B . n 
B 1 35  LEU 35  15  15 LEU LEU B . n 
B 1 36  HIS 36  16  16 HIS HIS B . n 
B 1 37  ILE 37  17  17 ILE ILE B . n 
B 1 38  GLU 38  18  18 GLU GLU B . n 
B 1 39  VAL 39  19  19 VAL VAL B . n 
B 1 40  LEU 40  20  20 LEU LEU B . n 
B 1 41  ASN 41  21  21 ASN ASN B . n 
B 1 42  GLU 42  22  22 GLU GLU B . n 
B 1 43  ASN 43  23  23 ASN ASN B . n 
B 1 44  SER 44  24  24 SER SER B . n 
B 1 45  SER 45  25  25 SER SER B . n 
B 1 46  HIS 46  26  26 HIS HIS B . n 
B 1 47  LYS 47  27  27 LYS LYS B . n 
B 1 48  GLU 48  28  28 GLU GLU B . n 
B 1 49  ILE 49  29  29 ILE ILE B . n 
B 1 50  ARG 50  30  30 ARG ARG B . n 
B 1 51  ILE 51  31  31 ILE ILE B . n 
B 1 52  CYS 52  32  32 CYS CYS B . n 
B 1 53  MET 53  33  33 MET MET B . n 
B 1 54  PRO 54  34  34 PRO PRO B . n 
B 1 55  LYS 55  35  35 LYS LYS B . n 
B 1 56  GLY 56  36  36 GLY GLY B . n 
B 1 57  ALA 57  37  37 ALA ALA B . n 
B 1 58  VAL 58  38  38 VAL VAL B . n 
B 1 59  MET 59  39  39 MET MET B . n 
B 1 60  ASP 60  40  40 ASP ASP B . n 
B 1 61  LYS 61  41  41 LYS LYS B . n 
B 1 62  HIS 62  42  42 HIS HIS B . n 
B 1 63  LYS 63  43  43 LYS LYS B . n 
B 1 64  ALA 64  44  44 ALA ALA B . n 
B 1 65  PRO 65  45  45 PRO PRO B . n 
B 1 66  GLY 66  46  46 GLY GLY B . n 
B 1 67  ALA 67  47  47 ALA ALA B . n 
B 1 68  ILE 68  48  48 ILE ILE B . n 
B 1 69  SER 69  49  49 SER SER B . n 
B 1 70  VAL 70  50  50 VAL VAL B . n 
B 1 71  GLN 71  51  51 GLN GLN B . n 
B 1 72  VAL 72  52  52 VAL VAL B . n 
B 1 73  LEU 73  53  53 LEU LEU B . n 
B 1 74  GLU 74  54  54 GLU GLU B . n 
B 1 75  GLY 75  55  55 GLY GLY B . n 
B 1 76  LYS 76  56  56 LYS LYS B . n 
B 1 77  ILE 77  57  57 ILE ILE B . n 
B 1 78  VAL 78  58  58 VAL VAL B . n 
B 1 79  PHE 79  59  59 PHE PHE B . n 
B 1 80  GLU 80  60  60 GLU GLU B . n 
B 1 81  VAL 81  61  61 VAL VAL B . n 
B 1 82  GLY 82  62  62 GLY GLY B . n 
B 1 83  ASP 83  63  63 ASP ASP B . n 
B 1 84  GLU 84  64  64 GLU GLU B . n 
B 1 85  LYS 85  65  65 LYS LYS B . n 
B 1 86  ILE 86  66  66 ILE ILE B . n 
B 1 87  GLU 87  67  67 GLU GLU B . n 
B 1 88  MET 88  68  68 MET MET B . n 
B 1 89  PRO 89  69  69 PRO PRO B . n 
B 1 90  LYS 90  70  70 LYS LYS B . n 
B 1 91  GLY 91  71  71 GLY GLY B . n 
B 1 92  ALA 92  72  72 ALA ALA B . n 
B 1 93  LEU 93  73  73 LEU LEU B . n 
B 1 94  ILE 94  74  74 ILE ILE B . n 
B 1 95  SER 95  75  75 SER SER B . n 
B 1 96  LEU 96  76  76 LEU LEU B . n 
B 1 97  GLU 97  77  77 GLU GLU B . n 
B 1 98  ALA 98  78  78 ALA ALA B . n 
B 1 99  GLN 99  79  79 GLN GLN B . n 
B 1 100 VAL 100 80  80 VAL VAL B . n 
B 1 101 LEU 101 81  81 LEU LEU B . n 
B 1 102 HIS 102 82  82 HIS HIS B . n 
B 1 103 ARG 103 83  83 ARG ARG B . n 
B 1 104 LEU 104 84  84 LEU LEU B . n 
B 1 105 ASP 105 85  85 ASP ASP B . n 
B 1 106 ALA 106 86  86 ALA ALA B . n 
B 1 107 LEU 107 87  87 LEU LEU B . n 
B 1 108 GLU 108 88  88 GLU GLU B . n 
B 1 109 ASN 109 89  89 ASN ASN B . n 
B 1 110 SER 110 90  90 SER SER B . n 
B 1 111 VAL 111 91  91 VAL VAL B . n 
B 1 112 ILE 112 92  92 ILE ILE B . n 
B 1 113 ARG 113 93  93 ARG ARG B . n 
B 1 114 LEU 114 94  94 LEU LEU B . n 
B 1 115 SER 115 95  95 SER SER B . n 
B 1 116 LEU 116 96  96 LEU LEU B . n 
B 1 117 SER 117 97  97 SER SER B . n 
B 1 118 LYS 118 98  98 LYS LYS B . n 
B 1 119 LYS 119 99  ?  ?   ?   B . n 
# 
loop_
_pdbx_nonpoly_scheme.asym_id 
_pdbx_nonpoly_scheme.entity_id 
_pdbx_nonpoly_scheme.mon_id 
_pdbx_nonpoly_scheme.ndb_seq_num 
_pdbx_nonpoly_scheme.pdb_seq_num 
_pdbx_nonpoly_scheme.auth_seq_num 
_pdbx_nonpoly_scheme.pdb_mon_id 
_pdbx_nonpoly_scheme.auth_mon_id 
_pdbx_nonpoly_scheme.pdb_strand_id 
_pdbx_nonpoly_scheme.pdb_ins_code 
C 2 HOH 1  101 166 HOH HOH A . 
C 2 HOH 2  102 35  HOH HOH A . 
C 2 HOH 3  103 169 HOH HOH A . 
C 2 HOH 4  104 21  HOH HOH A . 
C 2 HOH 5  105 139 HOH HOH A . 
C 2 HOH 6  106 76  HOH HOH A . 
C 2 HOH 7  107 108 HOH HOH A . 
C 2 HOH 8  108 56  HOH HOH A . 
C 2 HOH 9  109 171 HOH HOH A . 
C 2 HOH 10 110 66  HOH HOH A . 
C 2 HOH 11 111 90  HOH HOH A . 
C 2 HOH 12 112 69  HOH HOH A . 
C 2 HOH 13 113 51  HOH HOH A . 
C 2 HOH 14 114 61  HOH HOH A . 
C 2 HOH 15 115 20  HOH HOH A . 
C 2 HOH 16 116 38  HOH HOH A . 
C 2 HOH 17 117 106 HOH HOH A . 
C 2 HOH 18 118 94  HOH HOH A . 
C 2 HOH 19 119 16  HOH HOH A . 
C 2 HOH 20 120 175 HOH HOH A . 
C 2 HOH 21 121 97  HOH HOH A . 
C 2 HOH 22 122 47  HOH HOH A . 
C 2 HOH 23 123 8   HOH HOH A . 
C 2 HOH 24 124 22  HOH HOH A . 
C 2 HOH 25 125 13  HOH HOH A . 
C 2 HOH 26 126 147 HOH HOH A . 
C 2 HOH 27 127 130 HOH HOH A . 
C 2 HOH 28 128 43  HOH HOH A . 
C 2 HOH 29 129 55  HOH HOH A . 
C 2 HOH 30 130 25  HOH HOH A . 
C 2 HOH 31 131 152 HOH HOH A . 
C 2 HOH 32 132 49  HOH HOH A . 
C 2 HOH 33 133 28  HOH HOH A . 
C 2 HOH 34 134 112 HOH HOH A . 
C 2 HOH 35 135 119 HOH HOH A . 
C 2 HOH 36 136 6   HOH HOH A . 
C 2 HOH 37 137 30  HOH HOH A . 
C 2 HOH 38 138 46  HOH HOH A . 
C 2 HOH 39 139 142 HOH HOH A . 
C 2 HOH 40 140 91  HOH HOH A . 
C 2 HOH 41 141 163 HOH HOH A . 
C 2 HOH 42 142 1   HOH HOH A . 
C 2 HOH 43 143 60  HOH HOH A . 
C 2 HOH 44 144 32  HOH HOH A . 
C 2 HOH 45 145 79  HOH HOH A . 
C 2 HOH 46 146 18  HOH HOH A . 
C 2 HOH 47 147 100 HOH HOH A . 
C 2 HOH 48 148 71  HOH HOH A . 
C 2 HOH 49 149 9   HOH HOH A . 
C 2 HOH 50 150 144 HOH HOH A . 
C 2 HOH 51 151 4   HOH HOH A . 
C 2 HOH 52 152 64  HOH HOH A . 
C 2 HOH 53 153 78  HOH HOH A . 
C 2 HOH 54 154 150 HOH HOH A . 
C 2 HOH 55 155 42  HOH HOH A . 
C 2 HOH 56 156 23  HOH HOH A . 
C 2 HOH 57 157 110 HOH HOH A . 
C 2 HOH 58 158 77  HOH HOH A . 
C 2 HOH 59 159 68  HOH HOH A . 
C 2 HOH 60 160 107 HOH HOH A . 
C 2 HOH 61 161 37  HOH HOH A . 
C 2 HOH 62 162 63  HOH HOH A . 
C 2 HOH 63 163 127 HOH HOH A . 
C 2 HOH 64 164 173 HOH HOH A . 
C 2 HOH 65 165 98  HOH HOH A . 
C 2 HOH 66 166 101 HOH HOH A . 
C 2 HOH 67 167 59  HOH HOH A . 
C 2 HOH 68 168 83  HOH HOH A . 
C 2 HOH 69 169 132 HOH HOH A . 
C 2 HOH 70 170 168 HOH HOH A . 
C 2 HOH 71 171 157 HOH HOH A . 
C 2 HOH 72 172 176 HOH HOH A . 
C 2 HOH 73 173 73  HOH HOH A . 
C 2 HOH 74 174 115 HOH HOH A . 
C 2 HOH 75 175 134 HOH HOH A . 
C 2 HOH 76 176 180 HOH HOH A . 
C 2 HOH 77 177 183 HOH HOH A . 
C 2 HOH 78 178 143 HOH HOH A . 
C 2 HOH 79 179 122 HOH HOH A . 
C 2 HOH 80 180 102 HOH HOH A . 
C 2 HOH 81 181 111 HOH HOH A . 
C 2 HOH 82 182 160 HOH HOH A . 
C 2 HOH 83 183 155 HOH HOH A . 
C 2 HOH 84 184 162 HOH HOH A . 
C 2 HOH 85 185 182 HOH HOH A . 
C 2 HOH 86 186 154 HOH HOH A . 
D 2 HOH 1  101 65  HOH HOH B . 
D 2 HOH 2  102 92  HOH HOH B . 
D 2 HOH 3  103 123 HOH HOH B . 
D 2 HOH 4  104 45  HOH HOH B . 
D 2 HOH 5  105 36  HOH HOH B . 
D 2 HOH 6  106 74  HOH HOH B . 
D 2 HOH 7  107 145 HOH HOH B . 
D 2 HOH 8  108 84  HOH HOH B . 
D 2 HOH 9  109 164 HOH HOH B . 
D 2 HOH 10 110 177 HOH HOH B . 
D 2 HOH 11 111 104 HOH HOH B . 
D 2 HOH 12 112 129 HOH HOH B . 
D 2 HOH 13 113 105 HOH HOH B . 
D 2 HOH 14 114 7   HOH HOH B . 
D 2 HOH 15 115 116 HOH HOH B . 
D 2 HOH 16 116 93  HOH HOH B . 
D 2 HOH 17 117 26  HOH HOH B . 
D 2 HOH 18 118 33  HOH HOH B . 
D 2 HOH 19 119 125 HOH HOH B . 
D 2 HOH 20 120 140 HOH HOH B . 
D 2 HOH 21 121 57  HOH HOH B . 
D 2 HOH 22 122 31  HOH HOH B . 
D 2 HOH 23 123 87  HOH HOH B . 
D 2 HOH 24 124 151 HOH HOH B . 
D 2 HOH 25 125 133 HOH HOH B . 
D 2 HOH 26 126 39  HOH HOH B . 
D 2 HOH 27 127 95  HOH HOH B . 
D 2 HOH 28 128 54  HOH HOH B . 
D 2 HOH 29 129 53  HOH HOH B . 
D 2 HOH 30 130 12  HOH HOH B . 
D 2 HOH 31 131 19  HOH HOH B . 
D 2 HOH 32 132 120 HOH HOH B . 
D 2 HOH 33 133 2   HOH HOH B . 
D 2 HOH 34 134 149 HOH HOH B . 
D 2 HOH 35 135 124 HOH HOH B . 
D 2 HOH 36 136 58  HOH HOH B . 
D 2 HOH 37 137 27  HOH HOH B . 
D 2 HOH 38 138 14  HOH HOH B . 
D 2 HOH 39 139 10  HOH HOH B . 
D 2 HOH 40 140 34  HOH HOH B . 
D 2 HOH 41 141 126 HOH HOH B . 
D 2 HOH 42 142 82  HOH HOH B . 
D 2 HOH 43 143 11  HOH HOH B . 
D 2 HOH 44 144 48  HOH HOH B . 
D 2 HOH 45 145 3   HOH HOH B . 
D 2 HOH 46 146 17  HOH HOH B . 
D 2 HOH 47 147 29  HOH HOH B . 
D 2 HOH 48 148 15  HOH HOH B . 
D 2 HOH 49 149 172 HOH HOH B . 
D 2 HOH 50 150 50  HOH HOH B . 
D 2 HOH 51 151 80  HOH HOH B . 
D 2 HOH 52 152 109 HOH HOH B . 
D 2 HOH 53 153 40  HOH HOH B . 
D 2 HOH 54 154 5   HOH HOH B . 
D 2 HOH 55 155 41  HOH HOH B . 
D 2 HOH 56 156 67  HOH HOH B . 
D 2 HOH 57 157 24  HOH HOH B . 
D 2 HOH 58 158 75  HOH HOH B . 
D 2 HOH 59 159 118 HOH HOH B . 
D 2 HOH 60 160 62  HOH HOH B . 
D 2 HOH 61 161 174 HOH HOH B . 
D 2 HOH 62 162 153 HOH HOH B . 
D 2 HOH 63 163 141 HOH HOH B . 
D 2 HOH 64 164 72  HOH HOH B . 
D 2 HOH 65 165 44  HOH HOH B . 
D 2 HOH 66 166 85  HOH HOH B . 
D 2 HOH 67 167 128 HOH HOH B . 
D 2 HOH 68 168 137 HOH HOH B . 
D 2 HOH 69 169 114 HOH HOH B . 
D 2 HOH 70 170 170 HOH HOH B . 
D 2 HOH 71 171 159 HOH HOH B . 
D 2 HOH 72 172 148 HOH HOH B . 
D 2 HOH 73 173 113 HOH HOH B . 
D 2 HOH 74 174 146 HOH HOH B . 
D 2 HOH 75 175 52  HOH HOH B . 
D 2 HOH 76 176 70  HOH HOH B . 
D 2 HOH 77 177 167 HOH HOH B . 
D 2 HOH 78 178 138 HOH HOH B . 
D 2 HOH 79 179 178 HOH HOH B . 
D 2 HOH 80 180 158 HOH HOH B . 
D 2 HOH 81 181 161 HOH HOH B . 
D 2 HOH 82 182 99  HOH HOH B . 
D 2 HOH 83 183 86  HOH HOH B . 
D 2 HOH 84 184 96  HOH HOH B . 
D 2 HOH 85 185 88  HOH HOH B . 
D 2 HOH 86 186 121 HOH HOH B . 
D 2 HOH 87 187 179 HOH HOH B . 
D 2 HOH 88 188 181 HOH HOH B . 
D 2 HOH 89 189 136 HOH HOH B . 
D 2 HOH 90 190 89  HOH HOH B . 
# 
_pdbx_struct_assembly.id                   1 
_pdbx_struct_assembly.details              author_defined_assembly 
_pdbx_struct_assembly.method_details       ? 
_pdbx_struct_assembly.oligomeric_details   dimeric 
_pdbx_struct_assembly.oligomeric_count     2 
# 
_pdbx_struct_assembly_gen.assembly_id       1 
_pdbx_struct_assembly_gen.oper_expression   1 
_pdbx_struct_assembly_gen.asym_id_list      A,B,C,D 
# 
loop_
_pdbx_struct_assembly_prop.biol_id 
_pdbx_struct_assembly_prop.type 
_pdbx_struct_assembly_prop.value 
_pdbx_struct_assembly_prop.details 
1 'ABSA (A^2)' 2210 ? 
1 MORE         -3   ? 
1 'SSA (A^2)'  9140 ? 
# 
_pdbx_struct_oper_list.id                   1 
_pdbx_struct_oper_list.type                 'identity operation' 
_pdbx_struct_oper_list.name                 1_555 
_pdbx_struct_oper_list.symmetry_operation   x,y,z 
_pdbx_struct_oper_list.matrix[1][1]         1.0000000000 
_pdbx_struct_oper_list.matrix[1][2]         0.0000000000 
_pdbx_struct_oper_list.matrix[1][3]         0.0000000000 
_pdbx_struct_oper_list.vector[1]            0.0000000000 
_pdbx_struct_oper_list.matrix[2][1]         0.0000000000 
_pdbx_struct_oper_list.matrix[2][2]         1.0000000000 
_pdbx_struct_oper_list.matrix[2][3]         0.0000000000 
_pdbx_struct_oper_list.vector[2]            0.0000000000 
_pdbx_struct_oper_list.matrix[3][1]         0.0000000000 
_pdbx_struct_oper_list.matrix[3][2]         0.0000000000 
_pdbx_struct_oper_list.matrix[3][3]         1.0000000000 
_pdbx_struct_oper_list.vector[3]            0.0000000000 
# 
loop_
_pdbx_audit_revision_history.ordinal 
_pdbx_audit_revision_history.data_content_type 
_pdbx_audit_revision_history.major_revision 
_pdbx_audit_revision_history.minor_revision 
_pdbx_audit_revision_history.revision_date 
1 'Structure model' 1 0 2017-02-08 
2 'Structure model' 1 1 2020-02-19 
3 'Structure model' 1 2 2023-11-08 
# 
_pdbx_audit_revision_details.ordinal             1 
_pdbx_audit_revision_details.revision_ordinal    1 
_pdbx_audit_revision_details.data_content_type   'Structure model' 
_pdbx_audit_revision_details.provider            repository 
_pdbx_audit_revision_details.type                'Initial release' 
_pdbx_audit_revision_details.description         ? 
_pdbx_audit_revision_details.details             ? 
# 
loop_
_pdbx_audit_revision_group.ordinal 
_pdbx_audit_revision_group.revision_ordinal 
_pdbx_audit_revision_group.data_content_type 
_pdbx_audit_revision_group.group 
1 2 'Structure model' 'Data collection'        
2 3 'Structure model' 'Data collection'        
3 3 'Structure model' 'Database references'    
4 3 'Structure model' 'Refinement description' 
# 
loop_
_pdbx_audit_revision_category.ordinal 
_pdbx_audit_revision_category.revision_ordinal 
_pdbx_audit_revision_category.data_content_type 
_pdbx_audit_revision_category.category 
1 2 'Structure model' diffrn_source                 
2 3 'Structure model' chem_comp_atom                
3 3 'Structure model' chem_comp_bond                
4 3 'Structure model' database_2                    
5 3 'Structure model' pdbx_initial_refinement_model 
# 
loop_
_pdbx_audit_revision_item.ordinal 
_pdbx_audit_revision_item.revision_ordinal 
_pdbx_audit_revision_item.data_content_type 
_pdbx_audit_revision_item.item 
1 2 'Structure model' '_diffrn_source.pdbx_synchrotron_site' 
2 3 'Structure model' '_database_2.pdbx_DOI'                 
3 3 'Structure model' '_database_2.pdbx_database_accession'  
# 
loop_
_software.citation_id 
_software.classification 
_software.compiler_name 
_software.compiler_version 
_software.contact_author 
_software.contact_author_email 
_software.date 
_software.description 
_software.dependencies 
_software.hardware 
_software.language 
_software.location 
_software.mods 
_software.name 
_software.os 
_software.os_version 
_software.type 
_software.version 
_software.pdbx_ordinal 
? refinement        ? ? ? ? ? ? ? ? ? ? ? REFMAC  ? ? ? 5.5.0109 1 
? 'data processing' ? ? ? ? ? ? ? ? ? ? ? MOSFLM  ? ? ? .        2 
? 'data scaling'    ? ? ? ? ? ? ? ? ? ? ? SCALA   ? ? ? .        3 
? phasing           ? ? ? ? ? ? ? ? ? ? ? MOLREP  ? ? ? .        4 
? 'model building'  ? ? ? ? ? ? ? ? ? ? ? SHELXDE ? ? ? .        5 
? 'data reduction'  ? ? ? ? ? ? ? ? ? ? ? MOSFLM  ? ? ? .        6 
# 
loop_
_pdbx_validate_rmsd_angle.id 
_pdbx_validate_rmsd_angle.PDB_model_num 
_pdbx_validate_rmsd_angle.auth_atom_id_1 
_pdbx_validate_rmsd_angle.auth_asym_id_1 
_pdbx_validate_rmsd_angle.auth_comp_id_1 
_pdbx_validate_rmsd_angle.auth_seq_id_1 
_pdbx_validate_rmsd_angle.PDB_ins_code_1 
_pdbx_validate_rmsd_angle.label_alt_id_1 
_pdbx_validate_rmsd_angle.auth_atom_id_2 
_pdbx_validate_rmsd_angle.auth_asym_id_2 
_pdbx_validate_rmsd_angle.auth_comp_id_2 
_pdbx_validate_rmsd_angle.auth_seq_id_2 
_pdbx_validate_rmsd_angle.PDB_ins_code_2 
_pdbx_validate_rmsd_angle.label_alt_id_2 
_pdbx_validate_rmsd_angle.auth_atom_id_3 
_pdbx_validate_rmsd_angle.auth_asym_id_3 
_pdbx_validate_rmsd_angle.auth_comp_id_3 
_pdbx_validate_rmsd_angle.auth_seq_id_3 
_pdbx_validate_rmsd_angle.PDB_ins_code_3 
_pdbx_validate_rmsd_angle.label_alt_id_3 
_pdbx_validate_rmsd_angle.angle_value 
_pdbx_validate_rmsd_angle.angle_target_value 
_pdbx_validate_rmsd_angle.angle_deviation 
_pdbx_validate_rmsd_angle.angle_standard_deviation 
_pdbx_validate_rmsd_angle.linker_flag 
1 1 NE  A ARG 30 ? ? CZ A ARG 30 ? ? NH1 A ARG 30 ? ? 116.87 120.30 -3.43 0.50 N 
2 1 NE  A ARG 93 ? ? CZ A ARG 93 ? ? NH1 A ARG 93 ? ? 114.79 120.30 -5.51 0.50 N 
3 1 CG1 B VAL 58 ? ? CB B VAL 58 ? ? CG2 B VAL 58 ? ? 101.24 110.90 -9.66 1.60 N 
4 1 NE  B ARG 83 ? ? CZ B ARG 83 ? ? NH1 B ARG 83 ? ? 115.35 120.30 -4.95 0.50 N 
# 
_pdbx_validate_torsion.id              1 
_pdbx_validate_torsion.PDB_model_num   1 
_pdbx_validate_torsion.auth_comp_id    ASN 
_pdbx_validate_torsion.auth_asym_id    B 
_pdbx_validate_torsion.auth_seq_id     23 
_pdbx_validate_torsion.PDB_ins_code    ? 
_pdbx_validate_torsion.label_alt_id    ? 
_pdbx_validate_torsion.phi             -126.61 
_pdbx_validate_torsion.psi             -169.25 
# 
loop_
_pdbx_unobs_or_zero_occ_residues.id 
_pdbx_unobs_or_zero_occ_residues.PDB_model_num 
_pdbx_unobs_or_zero_occ_residues.polymer_flag 
_pdbx_unobs_or_zero_occ_residues.occupancy_flag 
_pdbx_unobs_or_zero_occ_residues.auth_asym_id 
_pdbx_unobs_or_zero_occ_residues.auth_comp_id 
_pdbx_unobs_or_zero_occ_residues.auth_seq_id 
_pdbx_unobs_or_zero_occ_residues.PDB_ins_code 
_pdbx_unobs_or_zero_occ_residues.label_asym_id 
_pdbx_unobs_or_zero_occ_residues.label_comp_id 
_pdbx_unobs_or_zero_occ_residues.label_seq_id 
1  1 Y 1 A MET -19 ? A MET 1   
2  1 Y 1 A GLY -18 ? A GLY 2   
3  1 Y 1 A SER -17 ? A SER 3   
4  1 Y 1 A SER -16 ? A SER 4   
5  1 Y 1 A HIS -15 ? A HIS 5   
6  1 Y 1 A HIS -14 ? A HIS 6   
7  1 Y 1 A HIS -13 ? A HIS 7   
8  1 Y 1 A HIS -12 ? A HIS 8   
9  1 Y 1 A HIS -11 ? A HIS 9   
10 1 Y 1 A HIS -10 ? A HIS 10  
11 1 Y 1 A SER -9  ? A SER 11  
12 1 Y 1 A SER -8  ? A SER 12  
13 1 Y 1 A GLY -7  ? A GLY 13  
14 1 Y 1 A LEU -6  ? A LEU 14  
15 1 Y 1 A VAL -5  ? A VAL 15  
16 1 Y 1 A PRO -4  ? A PRO 16  
17 1 Y 1 A ARG -3  ? A ARG 17  
18 1 Y 1 A GLY -2  ? A GLY 18  
19 1 Y 1 A SER -1  ? A SER 19  
20 1 Y 1 A HIS 0   ? A HIS 20  
21 1 Y 1 A MET 1   ? A MET 21  
22 1 Y 1 B MET -19 ? B MET 1   
23 1 Y 1 B GLY -18 ? B GLY 2   
24 1 Y 1 B SER -17 ? B SER 3   
25 1 Y 1 B SER -16 ? B SER 4   
26 1 Y 1 B HIS -15 ? B HIS 5   
27 1 Y 1 B HIS -14 ? B HIS 6   
28 1 Y 1 B HIS -13 ? B HIS 7   
29 1 Y 1 B HIS -12 ? B HIS 8   
30 1 Y 1 B HIS -11 ? B HIS 9   
31 1 Y 1 B HIS -10 ? B HIS 10  
32 1 Y 1 B SER -9  ? B SER 11  
33 1 Y 1 B SER -8  ? B SER 12  
34 1 Y 1 B GLY -7  ? B GLY 13  
35 1 Y 1 B LEU -6  ? B LEU 14  
36 1 Y 1 B VAL -5  ? B VAL 15  
37 1 Y 1 B PRO -4  ? B PRO 16  
38 1 Y 1 B ARG -3  ? B ARG 17  
39 1 Y 1 B GLY -2  ? B GLY 18  
40 1 Y 1 B SER -1  ? B SER 19  
41 1 Y 1 B HIS 0   ? B HIS 20  
42 1 Y 1 B MET 1   ? B MET 21  
43 1 Y 1 B LYS 99  ? B LYS 119 
# 
loop_
_chem_comp_atom.comp_id 
_chem_comp_atom.atom_id 
_chem_comp_atom.type_symbol 
_chem_comp_atom.pdbx_aromatic_flag 
_chem_comp_atom.pdbx_stereo_config 
_chem_comp_atom.pdbx_ordinal 
ALA N    N N N 1   
ALA CA   C N S 2   
ALA C    C N N 3   
ALA O    O N N 4   
ALA CB   C N N 5   
ALA OXT  O N N 6   
ALA H    H N N 7   
ALA H2   H N N 8   
ALA HA   H N N 9   
ALA HB1  H N N 10  
ALA HB2  H N N 11  
ALA HB3  H N N 12  
ALA HXT  H N N 13  
ARG N    N N N 14  
ARG CA   C N S 15  
ARG C    C N N 16  
ARG O    O N N 17  
ARG CB   C N N 18  
ARG CG   C N N 19  
ARG CD   C N N 20  
ARG NE   N N N 21  
ARG CZ   C N N 22  
ARG NH1  N N N 23  
ARG NH2  N N N 24  
ARG OXT  O N N 25  
ARG H    H N N 26  
ARG H2   H N N 27  
ARG HA   H N N 28  
ARG HB2  H N N 29  
ARG HB3  H N N 30  
ARG HG2  H N N 31  
ARG HG3  H N N 32  
ARG HD2  H N N 33  
ARG HD3  H N N 34  
ARG HE   H N N 35  
ARG HH11 H N N 36  
ARG HH12 H N N 37  
ARG HH21 H N N 38  
ARG HH22 H N N 39  
ARG HXT  H N N 40  
ASN N    N N N 41  
ASN CA   C N S 42  
ASN C    C N N 43  
ASN O    O N N 44  
ASN CB   C N N 45  
ASN CG   C N N 46  
ASN OD1  O N N 47  
ASN ND2  N N N 48  
ASN OXT  O N N 49  
ASN H    H N N 50  
ASN H2   H N N 51  
ASN HA   H N N 52  
ASN HB2  H N N 53  
ASN HB3  H N N 54  
ASN HD21 H N N 55  
ASN HD22 H N N 56  
ASN HXT  H N N 57  
ASP N    N N N 58  
ASP CA   C N S 59  
ASP C    C N N 60  
ASP O    O N N 61  
ASP CB   C N N 62  
ASP CG   C N N 63  
ASP OD1  O N N 64  
ASP OD2  O N N 65  
ASP OXT  O N N 66  
ASP H    H N N 67  
ASP H2   H N N 68  
ASP HA   H N N 69  
ASP HB2  H N N 70  
ASP HB3  H N N 71  
ASP HD2  H N N 72  
ASP HXT  H N N 73  
CYS N    N N N 74  
CYS CA   C N R 75  
CYS C    C N N 76  
CYS O    O N N 77  
CYS CB   C N N 78  
CYS SG   S N N 79  
CYS OXT  O N N 80  
CYS H    H N N 81  
CYS H2   H N N 82  
CYS HA   H N N 83  
CYS HB2  H N N 84  
CYS HB3  H N N 85  
CYS HG   H N N 86  
CYS HXT  H N N 87  
GLN N    N N N 88  
GLN CA   C N S 89  
GLN C    C N N 90  
GLN O    O N N 91  
GLN CB   C N N 92  
GLN CG   C N N 93  
GLN CD   C N N 94  
GLN OE1  O N N 95  
GLN NE2  N N N 96  
GLN OXT  O N N 97  
GLN H    H N N 98  
GLN H2   H N N 99  
GLN HA   H N N 100 
GLN HB2  H N N 101 
GLN HB3  H N N 102 
GLN HG2  H N N 103 
GLN HG3  H N N 104 
GLN HE21 H N N 105 
GLN HE22 H N N 106 
GLN HXT  H N N 107 
GLU N    N N N 108 
GLU CA   C N S 109 
GLU C    C N N 110 
GLU O    O N N 111 
GLU CB   C N N 112 
GLU CG   C N N 113 
GLU CD   C N N 114 
GLU OE1  O N N 115 
GLU OE2  O N N 116 
GLU OXT  O N N 117 
GLU H    H N N 118 
GLU H2   H N N 119 
GLU HA   H N N 120 
GLU HB2  H N N 121 
GLU HB3  H N N 122 
GLU HG2  H N N 123 
GLU HG3  H N N 124 
GLU HE2  H N N 125 
GLU HXT  H N N 126 
GLY N    N N N 127 
GLY CA   C N N 128 
GLY C    C N N 129 
GLY O    O N N 130 
GLY OXT  O N N 131 
GLY H    H N N 132 
GLY H2   H N N 133 
GLY HA2  H N N 134 
GLY HA3  H N N 135 
GLY HXT  H N N 136 
HIS N    N N N 137 
HIS CA   C N S 138 
HIS C    C N N 139 
HIS O    O N N 140 
HIS CB   C N N 141 
HIS CG   C Y N 142 
HIS ND1  N Y N 143 
HIS CD2  C Y N 144 
HIS CE1  C Y N 145 
HIS NE2  N Y N 146 
HIS OXT  O N N 147 
HIS H    H N N 148 
HIS H2   H N N 149 
HIS HA   H N N 150 
HIS HB2  H N N 151 
HIS HB3  H N N 152 
HIS HD1  H N N 153 
HIS HD2  H N N 154 
HIS HE1  H N N 155 
HIS HE2  H N N 156 
HIS HXT  H N N 157 
HOH O    O N N 158 
HOH H1   H N N 159 
HOH H2   H N N 160 
ILE N    N N N 161 
ILE CA   C N S 162 
ILE C    C N N 163 
ILE O    O N N 164 
ILE CB   C N S 165 
ILE CG1  C N N 166 
ILE CG2  C N N 167 
ILE CD1  C N N 168 
ILE OXT  O N N 169 
ILE H    H N N 170 
ILE H2   H N N 171 
ILE HA   H N N 172 
ILE HB   H N N 173 
ILE HG12 H N N 174 
ILE HG13 H N N 175 
ILE HG21 H N N 176 
ILE HG22 H N N 177 
ILE HG23 H N N 178 
ILE HD11 H N N 179 
ILE HD12 H N N 180 
ILE HD13 H N N 181 
ILE HXT  H N N 182 
LEU N    N N N 183 
LEU CA   C N S 184 
LEU C    C N N 185 
LEU O    O N N 186 
LEU CB   C N N 187 
LEU CG   C N N 188 
LEU CD1  C N N 189 
LEU CD2  C N N 190 
LEU OXT  O N N 191 
LEU H    H N N 192 
LEU H2   H N N 193 
LEU HA   H N N 194 
LEU HB2  H N N 195 
LEU HB3  H N N 196 
LEU HG   H N N 197 
LEU HD11 H N N 198 
LEU HD12 H N N 199 
LEU HD13 H N N 200 
LEU HD21 H N N 201 
LEU HD22 H N N 202 
LEU HD23 H N N 203 
LEU HXT  H N N 204 
LYS N    N N N 205 
LYS CA   C N S 206 
LYS C    C N N 207 
LYS O    O N N 208 
LYS CB   C N N 209 
LYS CG   C N N 210 
LYS CD   C N N 211 
LYS CE   C N N 212 
LYS NZ   N N N 213 
LYS OXT  O N N 214 
LYS H    H N N 215 
LYS H2   H N N 216 
LYS HA   H N N 217 
LYS HB2  H N N 218 
LYS HB3  H N N 219 
LYS HG2  H N N 220 
LYS HG3  H N N 221 
LYS HD2  H N N 222 
LYS HD3  H N N 223 
LYS HE2  H N N 224 
LYS HE3  H N N 225 
LYS HZ1  H N N 226 
LYS HZ2  H N N 227 
LYS HZ3  H N N 228 
LYS HXT  H N N 229 
MET N    N N N 230 
MET CA   C N S 231 
MET C    C N N 232 
MET O    O N N 233 
MET CB   C N N 234 
MET CG   C N N 235 
MET SD   S N N 236 
MET CE   C N N 237 
MET OXT  O N N 238 
MET H    H N N 239 
MET H2   H N N 240 
MET HA   H N N 241 
MET HB2  H N N 242 
MET HB3  H N N 243 
MET HG2  H N N 244 
MET HG3  H N N 245 
MET HE1  H N N 246 
MET HE2  H N N 247 
MET HE3  H N N 248 
MET HXT  H N N 249 
PHE N    N N N 250 
PHE CA   C N S 251 
PHE C    C N N 252 
PHE O    O N N 253 
PHE CB   C N N 254 
PHE CG   C Y N 255 
PHE CD1  C Y N 256 
PHE CD2  C Y N 257 
PHE CE1  C Y N 258 
PHE CE2  C Y N 259 
PHE CZ   C Y N 260 
PHE OXT  O N N 261 
PHE H    H N N 262 
PHE H2   H N N 263 
PHE HA   H N N 264 
PHE HB2  H N N 265 
PHE HB3  H N N 266 
PHE HD1  H N N 267 
PHE HD2  H N N 268 
PHE HE1  H N N 269 
PHE HE2  H N N 270 
PHE HZ   H N N 271 
PHE HXT  H N N 272 
PRO N    N N N 273 
PRO CA   C N S 274 
PRO C    C N N 275 
PRO O    O N N 276 
PRO CB   C N N 277 
PRO CG   C N N 278 
PRO CD   C N N 279 
PRO OXT  O N N 280 
PRO H    H N N 281 
PRO HA   H N N 282 
PRO HB2  H N N 283 
PRO HB3  H N N 284 
PRO HG2  H N N 285 
PRO HG3  H N N 286 
PRO HD2  H N N 287 
PRO HD3  H N N 288 
PRO HXT  H N N 289 
SER N    N N N 290 
SER CA   C N S 291 
SER C    C N N 292 
SER O    O N N 293 
SER CB   C N N 294 
SER OG   O N N 295 
SER OXT  O N N 296 
SER H    H N N 297 
SER H2   H N N 298 
SER HA   H N N 299 
SER HB2  H N N 300 
SER HB3  H N N 301 
SER HG   H N N 302 
SER HXT  H N N 303 
VAL N    N N N 304 
VAL CA   C N S 305 
VAL C    C N N 306 
VAL O    O N N 307 
VAL CB   C N N 308 
VAL CG1  C N N 309 
VAL CG2  C N N 310 
VAL OXT  O N N 311 
VAL H    H N N 312 
VAL H2   H N N 313 
VAL HA   H N N 314 
VAL HB   H N N 315 
VAL HG11 H N N 316 
VAL HG12 H N N 317 
VAL HG13 H N N 318 
VAL HG21 H N N 319 
VAL HG22 H N N 320 
VAL HG23 H N N 321 
VAL HXT  H N N 322 
# 
loop_
_chem_comp_bond.comp_id 
_chem_comp_bond.atom_id_1 
_chem_comp_bond.atom_id_2 
_chem_comp_bond.value_order 
_chem_comp_bond.pdbx_aromatic_flag 
_chem_comp_bond.pdbx_stereo_config 
_chem_comp_bond.pdbx_ordinal 
ALA N   CA   sing N N 1   
ALA N   H    sing N N 2   
ALA N   H2   sing N N 3   
ALA CA  C    sing N N 4   
ALA CA  CB   sing N N 5   
ALA CA  HA   sing N N 6   
ALA C   O    doub N N 7   
ALA C   OXT  sing N N 8   
ALA CB  HB1  sing N N 9   
ALA CB  HB2  sing N N 10  
ALA CB  HB3  sing N N 11  
ALA OXT HXT  sing N N 12  
ARG N   CA   sing N N 13  
ARG N   H    sing N N 14  
ARG N   H2   sing N N 15  
ARG CA  C    sing N N 16  
ARG CA  CB   sing N N 17  
ARG CA  HA   sing N N 18  
ARG C   O    doub N N 19  
ARG C   OXT  sing N N 20  
ARG CB  CG   sing N N 21  
ARG CB  HB2  sing N N 22  
ARG CB  HB3  sing N N 23  
ARG CG  CD   sing N N 24  
ARG CG  HG2  sing N N 25  
ARG CG  HG3  sing N N 26  
ARG CD  NE   sing N N 27  
ARG CD  HD2  sing N N 28  
ARG CD  HD3  sing N N 29  
ARG NE  CZ   sing N N 30  
ARG NE  HE   sing N N 31  
ARG CZ  NH1  sing N N 32  
ARG CZ  NH2  doub N N 33  
ARG NH1 HH11 sing N N 34  
ARG NH1 HH12 sing N N 35  
ARG NH2 HH21 sing N N 36  
ARG NH2 HH22 sing N N 37  
ARG OXT HXT  sing N N 38  
ASN N   CA   sing N N 39  
ASN N   H    sing N N 40  
ASN N   H2   sing N N 41  
ASN CA  C    sing N N 42  
ASN CA  CB   sing N N 43  
ASN CA  HA   sing N N 44  
ASN C   O    doub N N 45  
ASN C   OXT  sing N N 46  
ASN CB  CG   sing N N 47  
ASN CB  HB2  sing N N 48  
ASN CB  HB3  sing N N 49  
ASN CG  OD1  doub N N 50  
ASN CG  ND2  sing N N 51  
ASN ND2 HD21 sing N N 52  
ASN ND2 HD22 sing N N 53  
ASN OXT HXT  sing N N 54  
ASP N   CA   sing N N 55  
ASP N   H    sing N N 56  
ASP N   H2   sing N N 57  
ASP CA  C    sing N N 58  
ASP CA  CB   sing N N 59  
ASP CA  HA   sing N N 60  
ASP C   O    doub N N 61  
ASP C   OXT  sing N N 62  
ASP CB  CG   sing N N 63  
ASP CB  HB2  sing N N 64  
ASP CB  HB3  sing N N 65  
ASP CG  OD1  doub N N 66  
ASP CG  OD2  sing N N 67  
ASP OD2 HD2  sing N N 68  
ASP OXT HXT  sing N N 69  
CYS N   CA   sing N N 70  
CYS N   H    sing N N 71  
CYS N   H2   sing N N 72  
CYS CA  C    sing N N 73  
CYS CA  CB   sing N N 74  
CYS CA  HA   sing N N 75  
CYS C   O    doub N N 76  
CYS C   OXT  sing N N 77  
CYS CB  SG   sing N N 78  
CYS CB  HB2  sing N N 79  
CYS CB  HB3  sing N N 80  
CYS SG  HG   sing N N 81  
CYS OXT HXT  sing N N 82  
GLN N   CA   sing N N 83  
GLN N   H    sing N N 84  
GLN N   H2   sing N N 85  
GLN CA  C    sing N N 86  
GLN CA  CB   sing N N 87  
GLN CA  HA   sing N N 88  
GLN C   O    doub N N 89  
GLN C   OXT  sing N N 90  
GLN CB  CG   sing N N 91  
GLN CB  HB2  sing N N 92  
GLN CB  HB3  sing N N 93  
GLN CG  CD   sing N N 94  
GLN CG  HG2  sing N N 95  
GLN CG  HG3  sing N N 96  
GLN CD  OE1  doub N N 97  
GLN CD  NE2  sing N N 98  
GLN NE2 HE21 sing N N 99  
GLN NE2 HE22 sing N N 100 
GLN OXT HXT  sing N N 101 
GLU N   CA   sing N N 102 
GLU N   H    sing N N 103 
GLU N   H2   sing N N 104 
GLU CA  C    sing N N 105 
GLU CA  CB   sing N N 106 
GLU CA  HA   sing N N 107 
GLU C   O    doub N N 108 
GLU C   OXT  sing N N 109 
GLU CB  CG   sing N N 110 
GLU CB  HB2  sing N N 111 
GLU CB  HB3  sing N N 112 
GLU CG  CD   sing N N 113 
GLU CG  HG2  sing N N 114 
GLU CG  HG3  sing N N 115 
GLU CD  OE1  doub N N 116 
GLU CD  OE2  sing N N 117 
GLU OE2 HE2  sing N N 118 
GLU OXT HXT  sing N N 119 
GLY N   CA   sing N N 120 
GLY N   H    sing N N 121 
GLY N   H2   sing N N 122 
GLY CA  C    sing N N 123 
GLY CA  HA2  sing N N 124 
GLY CA  HA3  sing N N 125 
GLY C   O    doub N N 126 
GLY C   OXT  sing N N 127 
GLY OXT HXT  sing N N 128 
HIS N   CA   sing N N 129 
HIS N   H    sing N N 130 
HIS N   H2   sing N N 131 
HIS CA  C    sing N N 132 
HIS CA  CB   sing N N 133 
HIS CA  HA   sing N N 134 
HIS C   O    doub N N 135 
HIS C   OXT  sing N N 136 
HIS CB  CG   sing N N 137 
HIS CB  HB2  sing N N 138 
HIS CB  HB3  sing N N 139 
HIS CG  ND1  sing Y N 140 
HIS CG  CD2  doub Y N 141 
HIS ND1 CE1  doub Y N 142 
HIS ND1 HD1  sing N N 143 
HIS CD2 NE2  sing Y N 144 
HIS CD2 HD2  sing N N 145 
HIS CE1 NE2  sing Y N 146 
HIS CE1 HE1  sing N N 147 
HIS NE2 HE2  sing N N 148 
HIS OXT HXT  sing N N 149 
HOH O   H1   sing N N 150 
HOH O   H2   sing N N 151 
ILE N   CA   sing N N 152 
ILE N   H    sing N N 153 
ILE N   H2   sing N N 154 
ILE CA  C    sing N N 155 
ILE CA  CB   sing N N 156 
ILE CA  HA   sing N N 157 
ILE C   O    doub N N 158 
ILE C   OXT  sing N N 159 
ILE CB  CG1  sing N N 160 
ILE CB  CG2  sing N N 161 
ILE CB  HB   sing N N 162 
ILE CG1 CD1  sing N N 163 
ILE CG1 HG12 sing N N 164 
ILE CG1 HG13 sing N N 165 
ILE CG2 HG21 sing N N 166 
ILE CG2 HG22 sing N N 167 
ILE CG2 HG23 sing N N 168 
ILE CD1 HD11 sing N N 169 
ILE CD1 HD12 sing N N 170 
ILE CD1 HD13 sing N N 171 
ILE OXT HXT  sing N N 172 
LEU N   CA   sing N N 173 
LEU N   H    sing N N 174 
LEU N   H2   sing N N 175 
LEU CA  C    sing N N 176 
LEU CA  CB   sing N N 177 
LEU CA  HA   sing N N 178 
LEU C   O    doub N N 179 
LEU C   OXT  sing N N 180 
LEU CB  CG   sing N N 181 
LEU CB  HB2  sing N N 182 
LEU CB  HB3  sing N N 183 
LEU CG  CD1  sing N N 184 
LEU CG  CD2  sing N N 185 
LEU CG  HG   sing N N 186 
LEU CD1 HD11 sing N N 187 
LEU CD1 HD12 sing N N 188 
LEU CD1 HD13 sing N N 189 
LEU CD2 HD21 sing N N 190 
LEU CD2 HD22 sing N N 191 
LEU CD2 HD23 sing N N 192 
LEU OXT HXT  sing N N 193 
LYS N   CA   sing N N 194 
LYS N   H    sing N N 195 
LYS N   H2   sing N N 196 
LYS CA  C    sing N N 197 
LYS CA  CB   sing N N 198 
LYS CA  HA   sing N N 199 
LYS C   O    doub N N 200 
LYS C   OXT  sing N N 201 
LYS CB  CG   sing N N 202 
LYS CB  HB2  sing N N 203 
LYS CB  HB3  sing N N 204 
LYS CG  CD   sing N N 205 
LYS CG  HG2  sing N N 206 
LYS CG  HG3  sing N N 207 
LYS CD  CE   sing N N 208 
LYS CD  HD2  sing N N 209 
LYS CD  HD3  sing N N 210 
LYS CE  NZ   sing N N 211 
LYS CE  HE2  sing N N 212 
LYS CE  HE3  sing N N 213 
LYS NZ  HZ1  sing N N 214 
LYS NZ  HZ2  sing N N 215 
LYS NZ  HZ3  sing N N 216 
LYS OXT HXT  sing N N 217 
MET N   CA   sing N N 218 
MET N   H    sing N N 219 
MET N   H2   sing N N 220 
MET CA  C    sing N N 221 
MET CA  CB   sing N N 222 
MET CA  HA   sing N N 223 
MET C   O    doub N N 224 
MET C   OXT  sing N N 225 
MET CB  CG   sing N N 226 
MET CB  HB2  sing N N 227 
MET CB  HB3  sing N N 228 
MET CG  SD   sing N N 229 
MET CG  HG2  sing N N 230 
MET CG  HG3  sing N N 231 
MET SD  CE   sing N N 232 
MET CE  HE1  sing N N 233 
MET CE  HE2  sing N N 234 
MET CE  HE3  sing N N 235 
MET OXT HXT  sing N N 236 
PHE N   CA   sing N N 237 
PHE N   H    sing N N 238 
PHE N   H2   sing N N 239 
PHE CA  C    sing N N 240 
PHE CA  CB   sing N N 241 
PHE CA  HA   sing N N 242 
PHE C   O    doub N N 243 
PHE C   OXT  sing N N 244 
PHE CB  CG   sing N N 245 
PHE CB  HB2  sing N N 246 
PHE CB  HB3  sing N N 247 
PHE CG  CD1  doub Y N 248 
PHE CG  CD2  sing Y N 249 
PHE CD1 CE1  sing Y N 250 
PHE CD1 HD1  sing N N 251 
PHE CD2 CE2  doub Y N 252 
PHE CD2 HD2  sing N N 253 
PHE CE1 CZ   doub Y N 254 
PHE CE1 HE1  sing N N 255 
PHE CE2 CZ   sing Y N 256 
PHE CE2 HE2  sing N N 257 
PHE CZ  HZ   sing N N 258 
PHE OXT HXT  sing N N 259 
PRO N   CA   sing N N 260 
PRO N   CD   sing N N 261 
PRO N   H    sing N N 262 
PRO CA  C    sing N N 263 
PRO CA  CB   sing N N 264 
PRO CA  HA   sing N N 265 
PRO C   O    doub N N 266 
PRO C   OXT  sing N N 267 
PRO CB  CG   sing N N 268 
PRO CB  HB2  sing N N 269 
PRO CB  HB3  sing N N 270 
PRO CG  CD   sing N N 271 
PRO CG  HG2  sing N N 272 
PRO CG  HG3  sing N N 273 
PRO CD  HD2  sing N N 274 
PRO CD  HD3  sing N N 275 
PRO OXT HXT  sing N N 276 
SER N   CA   sing N N 277 
SER N   H    sing N N 278 
SER N   H2   sing N N 279 
SER CA  C    sing N N 280 
SER CA  CB   sing N N 281 
SER CA  HA   sing N N 282 
SER C   O    doub N N 283 
SER C   OXT  sing N N 284 
SER CB  OG   sing N N 285 
SER CB  HB2  sing N N 286 
SER CB  HB3  sing N N 287 
SER OG  HG   sing N N 288 
SER OXT HXT  sing N N 289 
VAL N   CA   sing N N 290 
VAL N   H    sing N N 291 
VAL N   H2   sing N N 292 
VAL CA  C    sing N N 293 
VAL CA  CB   sing N N 294 
VAL CA  HA   sing N N 295 
VAL C   O    doub N N 296 
VAL C   OXT  sing N N 297 
VAL CB  CG1  sing N N 298 
VAL CB  CG2  sing N N 299 
VAL CB  HB   sing N N 300 
VAL CG1 HG11 sing N N 301 
VAL CG1 HG12 sing N N 302 
VAL CG1 HG13 sing N N 303 
VAL CG2 HG21 sing N N 304 
VAL CG2 HG22 sing N N 305 
VAL CG2 HG23 sing N N 306 
VAL OXT HXT  sing N N 307 
# 
_pdbx_entity_nonpoly.entity_id   2 
_pdbx_entity_nonpoly.name        water 
_pdbx_entity_nonpoly.comp_id     HOH 
# 
_pdbx_initial_refinement_model.id               1 
_pdbx_initial_refinement_model.entity_id_list   ? 
_pdbx_initial_refinement_model.type             'experimental model' 
_pdbx_initial_refinement_model.source_name      PDB 
_pdbx_initial_refinement_model.accession_code   2Q30 
_pdbx_initial_refinement_model.details          ? 
# 
